data_8ZXD
#
_entry.id   8ZXD
#
_cell.length_a   1.00
_cell.length_b   1.00
_cell.length_c   1.00
_cell.angle_alpha   90.00
_cell.angle_beta   90.00
_cell.angle_gamma   90.00
#
_symmetry.space_group_name_H-M   'P 1'
#
loop_
_entity.id
_entity.type
_entity.pdbx_description
1 polymer 'Vang-like protein 1'
2 non-polymer 'CHOLESTEROL HEMISUCCINATE'
3 non-polymer 1,2-DIMYRISTOYL-RAC-GLYCERO-3-PHOSPHOCHOLINE
#
_entity_poly.entity_id   1
_entity_poly.type   'polypeptide(L)'
_entity_poly.pdbx_seq_one_letter_code
;MDTESTYSGYSYYSSHSKKSHRQGERTRERHKSPRNKDGRGSEKSVTIQPPTGEPLLGNDSTRTEEVQDDNWGETTTAIT
GTSEHSISQEDIARISKDMEDSVGLDCKRYLGLTVASFLGLLVFLTPIAFILLPPILWRDELEPCGTICEGLFISMAFKL
LILLIGTWALFFRKRRADMPRVFVFRALLLVLIFLFVVSYWLFYGVRILDSRDRNYQGIVQYAVSLVDALLFIHYLAIVL
LELRQLQPMFTLQVVRSTDGESRFYSLGHLSIQRAALVVLENYYKDFTIYNPNLLTASKFRAAKHMAGLKVYNVDGPSNN
ATGQSRAMIAAAARRRDSSHNELYYEEAEHERRVKKRKARLVVAVEEAFIHIQRLQAEEQQKAPGEVMDPREAAQAIFPS
MARALQKYLRITRQQNYHSMESILQHLAFCITNGMTPKAFLERYLSAGPTLQYDKDRWLSTQWRLVSDEAVTNGLRDGIV
FVLKCLDFSLVVNVKKIPFIILSEEFIDPKSHKFVLRLQSETSV
;
_entity_poly.pdbx_strand_id   A,B,C,D,E,F
#
loop_
_chem_comp.id
_chem_comp.type
_chem_comp.name
_chem_comp.formula
MC3 non-polymer 1,2-DIMYRISTOYL-RAC-GLYCERO-3-PHOSPHOCHOLINE 'C36 H72 N O8 P'
Y01 non-polymer 'CHOLESTEROL HEMISUCCINATE' 'C31 H50 O4'
#
# COMPACT_ATOMS: atom_id res chain seq x y z
N ASP A 106 21.21 18.02 -59.70
CA ASP A 106 21.97 19.26 -59.84
C ASP A 106 21.44 20.10 -61.00
N CYS A 107 21.12 19.44 -62.12
CA CYS A 107 20.60 20.14 -63.28
C CYS A 107 19.25 20.78 -62.98
N LYS A 108 18.39 20.06 -62.25
CA LYS A 108 17.07 20.60 -61.91
C LYS A 108 17.18 21.82 -61.01
N ARG A 109 18.10 21.79 -60.05
CA ARG A 109 18.28 22.93 -59.16
C ARG A 109 18.72 24.16 -59.93
N TYR A 110 19.69 24.00 -60.84
CA TYR A 110 20.15 25.13 -61.65
C TYR A 110 19.04 25.63 -62.58
N LEU A 111 18.28 24.71 -63.17
CA LEU A 111 17.18 25.12 -64.04
C LEU A 111 16.14 25.93 -63.28
N GLY A 112 15.79 25.49 -62.07
CA GLY A 112 14.86 26.25 -61.25
C GLY A 112 15.42 27.58 -60.79
N LEU A 113 16.72 27.64 -60.52
CA LEU A 113 17.33 28.87 -60.02
C LEU A 113 17.46 29.91 -61.13
N THR A 114 17.73 29.47 -62.37
CA THR A 114 17.90 30.42 -63.46
C THR A 114 16.62 31.20 -63.74
N VAL A 115 15.47 30.54 -63.65
CA VAL A 115 14.20 31.22 -63.91
C VAL A 115 13.96 32.33 -62.91
N ALA A 116 14.23 32.05 -61.63
CA ALA A 116 14.04 33.07 -60.59
C ALA A 116 15.16 34.10 -60.56
N SER A 117 16.31 33.81 -61.17
CA SER A 117 17.44 34.74 -61.13
C SER A 117 17.41 35.71 -62.30
N PHE A 118 17.21 35.21 -63.52
CA PHE A 118 17.24 36.07 -64.70
C PHE A 118 16.09 37.09 -64.67
N LEU A 119 14.89 36.65 -64.29
CA LEU A 119 13.76 37.57 -64.21
C LEU A 119 14.01 38.66 -63.17
N GLY A 120 14.53 38.28 -62.01
CA GLY A 120 14.86 39.28 -61.00
C GLY A 120 15.93 40.25 -61.48
N LEU A 121 16.96 39.74 -62.15
CA LEU A 121 18.02 40.60 -62.65
C LEU A 121 17.47 41.58 -63.68
N LEU A 122 16.61 41.12 -64.59
CA LEU A 122 16.10 42.03 -65.61
C LEU A 122 15.14 43.06 -65.02
N VAL A 123 14.29 42.65 -64.07
CA VAL A 123 13.38 43.63 -63.47
C VAL A 123 14.16 44.62 -62.61
N PHE A 124 15.29 44.21 -62.05
CA PHE A 124 16.10 45.14 -61.25
C PHE A 124 16.89 46.09 -62.15
N LEU A 125 17.35 45.62 -63.31
CA LEU A 125 18.12 46.45 -64.23
C LEU A 125 17.24 47.23 -65.19
N THR A 126 15.93 47.02 -65.18
CA THR A 126 15.03 47.79 -66.03
C THR A 126 15.17 49.30 -65.87
N PRO A 127 15.24 49.87 -64.65
CA PRO A 127 15.52 51.31 -64.57
C PRO A 127 16.86 51.70 -65.16
N ILE A 128 17.88 50.85 -65.03
CA ILE A 128 19.18 51.13 -65.61
C ILE A 128 19.07 51.19 -67.13
N ALA A 129 18.36 50.25 -67.73
CA ALA A 129 18.14 50.28 -69.17
C ALA A 129 17.35 51.53 -69.57
N PHE A 130 16.33 51.88 -68.78
CA PHE A 130 15.51 53.04 -69.10
C PHE A 130 16.33 54.33 -69.07
N ILE A 131 17.29 54.43 -68.16
CA ILE A 131 18.11 55.63 -68.07
C ILE A 131 19.35 55.59 -68.97
N LEU A 132 19.72 54.42 -69.49
CA LEU A 132 20.88 54.31 -70.36
C LEU A 132 20.56 54.13 -71.83
N LEU A 133 19.28 53.94 -72.19
CA LEU A 133 18.92 53.80 -73.59
C LEU A 133 18.86 55.13 -74.35
N PRO A 134 18.26 56.19 -73.80
CA PRO A 134 18.22 57.47 -74.52
C PRO A 134 19.62 57.99 -74.88
N PRO A 135 20.61 57.91 -73.99
CA PRO A 135 21.96 58.36 -74.40
C PRO A 135 22.54 57.57 -75.56
N ILE A 136 22.23 56.29 -75.68
CA ILE A 136 22.80 55.48 -76.74
C ILE A 136 21.96 55.50 -78.01
N LEU A 137 20.70 55.93 -77.94
CA LEU A 137 19.86 55.98 -79.12
C LEU A 137 20.14 57.24 -79.94
N TRP A 138 20.12 58.41 -79.29
CA TRP A 138 20.41 59.68 -79.95
C TRP A 138 21.50 60.41 -79.17
N ARG A 139 22.33 61.16 -79.89
CA ARG A 139 23.44 61.88 -79.30
C ARG A 139 23.37 63.39 -79.51
N ASP A 140 23.00 63.83 -80.71
CA ASP A 140 22.95 65.26 -81.02
C ASP A 140 21.59 65.88 -80.73
N GLU A 141 20.62 65.09 -80.27
CA GLU A 141 19.29 65.60 -79.93
C GLU A 141 19.08 65.75 -78.44
N LEU A 142 20.15 65.69 -77.65
CA LEU A 142 20.02 65.80 -76.19
C LEU A 142 19.60 67.20 -75.80
N GLU A 143 18.67 67.27 -74.86
CA GLU A 143 18.22 68.52 -74.26
C GLU A 143 18.98 68.78 -72.96
N PRO A 144 19.12 70.04 -72.55
CA PRO A 144 19.81 70.34 -71.28
C PRO A 144 19.14 69.67 -70.09
N CYS A 145 19.83 68.71 -69.48
CA CYS A 145 19.26 67.99 -68.35
C CYS A 145 19.23 68.87 -67.11
N GLY A 146 20.31 69.58 -66.84
CA GLY A 146 20.39 70.44 -65.66
C GLY A 146 20.93 69.68 -64.46
N THR A 147 20.12 69.59 -63.40
CA THR A 147 20.54 68.95 -62.16
C THR A 147 19.50 67.98 -61.61
N ILE A 148 18.24 68.05 -62.02
CA ILE A 148 17.21 67.17 -61.50
C ILE A 148 17.54 65.71 -61.78
N CYS A 149 18.09 65.44 -62.97
CA CYS A 149 18.47 64.07 -63.32
C CYS A 149 19.56 63.55 -62.39
N GLU A 150 20.55 64.37 -62.08
CA GLU A 150 21.61 63.95 -61.17
C GLU A 150 21.07 63.68 -59.78
N GLY A 151 20.16 64.52 -59.30
CA GLY A 151 19.56 64.29 -58.00
C GLY A 151 18.68 63.05 -57.95
N LEU A 152 18.00 62.75 -59.05
CA LEU A 152 17.14 61.57 -59.09
C LEU A 152 17.94 60.28 -59.26
N PHE A 153 19.11 60.36 -59.91
CA PHE A 153 19.90 59.15 -60.14
C PHE A 153 20.35 58.51 -58.84
N ILE A 154 20.84 59.33 -57.89
CA ILE A 154 21.33 58.79 -56.63
C ILE A 154 20.18 58.25 -55.79
N SER A 155 19.03 58.93 -55.81
CA SER A 155 17.87 58.42 -55.10
C SER A 155 17.40 57.08 -55.68
N MET A 156 17.42 56.96 -57.01
CA MET A 156 17.06 55.69 -57.64
C MET A 156 18.04 54.60 -57.27
N ALA A 157 19.33 54.91 -57.23
CA ALA A 157 20.33 53.93 -56.84
C ALA A 157 20.13 53.47 -55.41
N PHE A 158 19.85 54.41 -54.50
CA PHE A 158 19.60 54.05 -53.11
C PHE A 158 18.35 53.19 -52.97
N LYS A 159 17.29 53.54 -53.72
CA LYS A 159 16.07 52.73 -53.68
C LYS A 159 16.33 51.32 -54.21
N LEU A 160 17.12 51.21 -55.28
CA LEU A 160 17.47 49.91 -55.82
C LEU A 160 18.27 49.09 -54.80
N LEU A 161 19.20 49.74 -54.09
CA LEU A 161 19.96 49.04 -53.06
C LEU A 161 19.05 48.55 -51.93
N ILE A 162 18.10 49.39 -51.51
CA ILE A 162 17.16 49.00 -50.46
C ILE A 162 16.31 47.83 -50.93
N LEU A 163 15.84 47.88 -52.18
CA LEU A 163 15.05 46.77 -52.73
C LEU A 163 15.86 45.49 -52.78
N LEU A 164 17.13 45.58 -53.19
CA LEU A 164 17.99 44.40 -53.21
C LEU A 164 18.17 43.81 -51.82
N ILE A 165 18.41 44.67 -50.82
CA ILE A 165 18.58 44.19 -49.45
C ILE A 165 17.31 43.52 -48.96
N GLY A 166 16.15 44.13 -49.21
CA GLY A 166 14.90 43.54 -48.78
C GLY A 166 14.61 42.21 -49.46
N THR A 167 14.87 42.14 -50.77
CA THR A 167 14.65 40.90 -51.51
C THR A 167 15.56 39.79 -51.00
N TRP A 168 16.82 40.12 -50.71
CA TRP A 168 17.72 39.12 -50.14
C TRP A 168 17.26 38.67 -48.76
N ALA A 169 16.82 39.61 -47.93
CA ALA A 169 16.45 39.29 -46.55
C ALA A 169 15.18 38.45 -46.46
N LEU A 170 14.15 38.82 -47.22
CA LEU A 170 12.85 38.20 -47.02
C LEU A 170 12.64 37.01 -47.95
N PHE A 171 13.02 37.14 -49.22
CA PHE A 171 12.62 36.18 -50.23
C PHE A 171 13.75 35.32 -50.78
N PHE A 172 15.00 35.61 -50.44
CA PHE A 172 16.13 34.77 -50.87
C PHE A 172 16.30 33.67 -49.83
N ARG A 173 15.43 32.66 -49.92
CA ARG A 173 15.42 31.56 -48.98
C ARG A 173 14.88 30.31 -49.67
N LYS A 174 15.23 29.15 -49.12
CA LYS A 174 14.80 27.88 -49.67
C LYS A 174 13.35 27.58 -49.29
N ARG A 175 12.65 26.89 -50.18
CA ARG A 175 11.27 26.49 -49.90
C ARG A 175 11.23 25.46 -48.78
N ARG A 176 10.25 25.61 -47.89
CA ARG A 176 10.12 24.75 -46.72
C ARG A 176 9.10 23.63 -46.90
N ALA A 177 7.96 23.91 -47.52
CA ALA A 177 6.92 22.92 -47.70
C ALA A 177 6.32 23.05 -49.10
N ASP A 178 5.70 21.97 -49.56
CA ASP A 178 5.08 21.90 -50.88
C ASP A 178 3.57 21.94 -50.74
N MET A 179 2.93 22.84 -51.48
CA MET A 179 1.48 22.99 -51.47
C MET A 179 0.85 22.03 -52.47
N PRO A 180 -0.10 21.19 -52.05
CA PRO A 180 -0.77 20.30 -53.01
C PRO A 180 -1.48 21.05 -54.13
N ARG A 181 -2.02 22.23 -53.86
CA ARG A 181 -2.68 23.07 -54.85
C ARG A 181 -1.86 24.33 -55.07
N VAL A 182 -2.38 25.21 -55.94
CA VAL A 182 -1.70 26.46 -56.22
C VAL A 182 -1.86 27.43 -55.05
N PHE A 183 -0.83 28.21 -54.78
CA PHE A 183 -0.87 29.21 -53.72
C PHE A 183 -1.47 30.49 -54.27
N VAL A 184 -2.57 30.94 -53.67
CA VAL A 184 -3.31 32.08 -54.22
C VAL A 184 -2.48 33.35 -54.12
N PHE A 185 -1.92 33.62 -52.95
CA PHE A 185 -1.17 34.86 -52.75
C PHE A 185 0.08 34.92 -53.62
N ARG A 186 0.83 33.81 -53.69
CA ARG A 186 2.03 33.78 -54.51
C ARG A 186 1.72 33.97 -55.99
N ALA A 187 0.68 33.30 -56.47
CA ALA A 187 0.28 33.44 -57.87
C ALA A 187 -0.18 34.87 -58.16
N LEU A 188 -0.94 35.45 -57.23
CA LEU A 188 -1.38 36.83 -57.39
C LEU A 188 -0.20 37.79 -57.45
N LEU A 189 0.78 37.62 -56.56
CA LEU A 189 1.96 38.47 -56.58
C LEU A 189 2.74 38.30 -57.87
N LEU A 190 2.90 37.06 -58.33
CA LEU A 190 3.66 36.82 -59.56
C LEU A 190 2.98 37.44 -60.77
N VAL A 191 1.66 37.28 -60.90
CA VAL A 191 0.98 37.85 -62.05
C VAL A 191 0.96 39.37 -61.97
N LEU A 192 0.84 39.92 -60.75
CA LEU A 192 0.91 41.37 -60.59
C LEU A 192 2.27 41.92 -61.02
N ILE A 193 3.35 41.24 -60.62
CA ILE A 193 4.68 41.66 -61.05
C ILE A 193 4.83 41.53 -62.55
N PHE A 194 4.30 40.44 -63.12
CA PHE A 194 4.43 40.22 -64.56
C PHE A 194 3.75 41.35 -65.34
N LEU A 195 2.51 41.69 -64.96
CA LEU A 195 1.82 42.78 -65.64
C LEU A 195 2.51 44.12 -65.39
N PHE A 196 2.95 44.36 -64.15
CA PHE A 196 3.65 45.58 -63.80
C PHE A 196 4.89 45.78 -64.66
N VAL A 197 5.56 44.69 -65.03
CA VAL A 197 6.75 44.79 -65.86
C VAL A 197 6.39 44.93 -67.33
N VAL A 198 5.49 44.08 -67.83
CA VAL A 198 5.23 44.05 -69.27
C VAL A 198 4.51 45.32 -69.73
N SER A 199 3.62 45.87 -68.90
CA SER A 199 2.91 47.08 -69.31
C SER A 199 3.87 48.26 -69.45
N TYR A 200 4.79 48.41 -68.50
CA TYR A 200 5.80 49.45 -68.60
C TYR A 200 6.72 49.22 -69.80
N TRP A 201 7.09 47.95 -70.05
CA TRP A 201 7.94 47.68 -71.21
C TRP A 201 7.24 48.06 -72.51
N LEU A 202 5.96 47.71 -72.65
CA LEU A 202 5.22 48.07 -73.85
C LEU A 202 5.08 49.59 -73.97
N PHE A 203 4.81 50.27 -72.86
CA PHE A 203 4.69 51.72 -72.89
C PHE A 203 6.00 52.36 -73.33
N TYR A 204 7.13 51.89 -72.79
CA TYR A 204 8.43 52.43 -73.16
C TYR A 204 8.73 52.16 -74.64
N GLY A 205 8.39 50.97 -75.12
CA GLY A 205 8.67 50.62 -76.51
C GLY A 205 7.76 51.29 -77.51
N VAL A 206 6.57 51.71 -77.10
CA VAL A 206 5.59 52.28 -78.02
C VAL A 206 5.59 53.80 -77.97
N ARG A 207 5.42 54.39 -76.78
CA ARG A 207 5.23 55.82 -76.66
C ARG A 207 6.52 56.62 -76.61
N ILE A 208 7.68 55.96 -76.59
CA ILE A 208 8.97 56.63 -76.49
C ILE A 208 9.88 56.31 -77.68
N LEU A 209 10.07 55.02 -77.95
CA LEU A 209 11.01 54.61 -79.00
C LEU A 209 10.48 54.83 -80.41
N ASP A 210 9.20 55.16 -80.56
CA ASP A 210 8.61 55.31 -81.89
C ASP A 210 8.69 56.74 -82.44
N SER A 211 9.23 57.69 -81.68
CA SER A 211 9.29 59.08 -82.12
C SER A 211 10.53 59.73 -81.53
N ARG A 212 10.96 60.81 -82.21
CA ARG A 212 12.10 61.60 -81.75
C ARG A 212 11.62 62.65 -80.73
N ASP A 213 11.23 62.14 -79.57
CA ASP A 213 10.64 62.93 -78.51
C ASP A 213 11.05 62.33 -77.17
N ARG A 214 10.31 62.66 -76.11
CA ARG A 214 10.55 62.13 -74.76
C ARG A 214 11.96 62.49 -74.28
N ASN A 215 12.14 63.80 -74.07
CA ASN A 215 13.40 64.34 -73.57
C ASN A 215 13.85 63.64 -72.30
N TYR A 216 15.16 63.68 -72.03
CA TYR A 216 15.72 62.92 -70.91
C TYR A 216 15.14 63.37 -69.57
N GLN A 217 14.94 64.68 -69.38
CA GLN A 217 14.42 65.17 -68.12
C GLN A 217 13.02 64.62 -67.84
N GLY A 218 12.27 64.25 -68.87
CA GLY A 218 10.97 63.65 -68.69
C GLY A 218 10.97 62.16 -68.48
N ILE A 219 12.12 61.51 -68.59
CA ILE A 219 12.22 60.07 -68.44
C ILE A 219 12.69 59.69 -67.04
N VAL A 220 13.62 60.46 -66.46
CA VAL A 220 14.16 60.12 -65.14
C VAL A 220 13.05 60.12 -64.09
N GLN A 221 12.16 61.12 -64.13
CA GLN A 221 11.03 61.13 -63.21
C GLN A 221 10.14 59.91 -63.44
N TYR A 222 10.05 59.43 -64.68
CA TYR A 222 9.37 58.17 -64.94
C TYR A 222 10.12 57.00 -64.31
N ALA A 223 11.46 57.01 -64.40
CA ALA A 223 12.25 55.89 -63.91
C ALA A 223 12.08 55.72 -62.40
N VAL A 224 12.17 56.82 -61.66
CA VAL A 224 11.96 56.75 -60.21
C VAL A 224 10.53 56.37 -59.88
N SER A 225 9.61 56.50 -60.84
CA SER A 225 8.24 56.04 -60.63
C SER A 225 8.15 54.52 -60.56
N LEU A 226 9.16 53.81 -61.08
CA LEU A 226 9.14 52.35 -61.04
C LEU A 226 9.56 51.83 -59.67
N VAL A 227 10.75 52.22 -59.21
CA VAL A 227 11.24 51.75 -57.92
C VAL A 227 10.33 52.21 -56.79
N ASP A 228 9.68 53.37 -56.95
CA ASP A 228 8.70 53.81 -55.96
C ASP A 228 7.50 52.86 -55.92
N ALA A 229 7.07 52.37 -57.07
CA ALA A 229 5.92 51.47 -57.14
C ALA A 229 6.29 50.03 -56.83
N LEU A 230 7.41 49.55 -57.37
CA LEU A 230 7.82 48.16 -57.15
C LEU A 230 8.04 47.88 -55.68
N LEU A 231 8.70 48.79 -54.97
CA LEU A 231 8.86 48.64 -53.53
C LEU A 231 7.51 48.55 -52.83
N PHE A 232 6.51 49.30 -53.32
CA PHE A 232 5.17 49.19 -52.77
C PHE A 232 4.64 47.78 -52.95
N ILE A 233 4.88 47.17 -54.12
CA ILE A 233 4.52 45.76 -54.31
C ILE A 233 5.21 44.90 -53.27
N HIS A 234 6.49 45.19 -52.99
CA HIS A 234 7.19 44.51 -51.91
C HIS A 234 6.47 44.73 -50.60
N TYR A 235 6.04 45.97 -50.33
CA TYR A 235 5.27 46.25 -49.13
C TYR A 235 3.96 45.46 -49.10
N LEU A 236 3.42 45.15 -50.27
CA LEU A 236 2.23 44.31 -50.32
C LEU A 236 2.56 42.86 -49.99
N ALA A 237 3.77 42.40 -50.35
CA ALA A 237 4.10 40.98 -50.19
C ALA A 237 4.07 40.55 -48.74
N ILE A 238 4.61 41.40 -47.84
CA ILE A 238 4.56 41.08 -46.42
C ILE A 238 3.13 41.14 -45.89
N VAL A 239 2.28 41.97 -46.51
CA VAL A 239 0.91 42.11 -46.05
C VAL A 239 0.13 40.81 -46.27
N LEU A 240 0.24 40.23 -47.47
CA LEU A 240 -0.53 39.03 -47.79
C LEU A 240 0.04 37.79 -47.14
N LEU A 241 1.36 37.74 -46.89
CA LEU A 241 2.02 36.55 -46.41
C LEU A 241 2.17 36.50 -44.90
N GLU A 242 2.71 37.56 -44.29
CA GLU A 242 3.05 37.56 -42.88
C GLU A 242 2.13 38.44 -42.04
N LEU A 243 1.85 39.66 -42.50
CA LEU A 243 1.06 40.59 -41.70
C LEU A 243 -0.41 40.18 -41.59
N ARG A 244 -0.88 39.30 -42.49
CA ARG A 244 -2.28 38.89 -42.45
C ARG A 244 -2.58 37.92 -41.32
N GLN A 245 -1.63 37.07 -40.97
CA GLN A 245 -1.82 36.05 -39.94
C GLN A 245 -1.41 36.52 -38.54
N LEU A 246 -0.99 37.78 -38.40
CA LEU A 246 -0.54 38.26 -37.10
C LEU A 246 -1.67 38.29 -36.08
N GLN A 247 -2.86 38.71 -36.49
CA GLN A 247 -3.98 38.83 -35.57
C GLN A 247 -4.51 37.46 -35.20
N PRO A 248 -4.63 37.14 -33.91
CA PRO A 248 -5.16 35.82 -33.47
C PRO A 248 -6.68 35.74 -33.61
N MET A 249 -7.12 35.40 -34.83
CA MET A 249 -8.55 35.37 -35.13
C MET A 249 -9.19 34.06 -34.67
N PHE A 250 -8.74 32.93 -35.22
CA PHE A 250 -9.36 31.64 -34.98
C PHE A 250 -8.50 30.78 -34.07
N THR A 251 -9.13 29.76 -33.49
CA THR A 251 -8.46 28.79 -32.63
C THR A 251 -8.59 27.41 -33.25
N LEU A 252 -7.48 26.69 -33.33
CA LEU A 252 -7.43 25.35 -33.91
C LEU A 252 -7.10 24.35 -32.82
N GLN A 253 -7.96 23.34 -32.67
CA GLN A 253 -7.76 22.25 -31.73
C GLN A 253 -7.40 21.00 -32.52
N VAL A 254 -6.22 20.44 -32.24
CA VAL A 254 -5.72 19.27 -32.95
C VAL A 254 -5.73 18.09 -31.98
N VAL A 255 -6.42 17.02 -32.36
CA VAL A 255 -6.51 15.81 -31.54
C VAL A 255 -6.07 14.62 -32.38
N ARG A 256 -5.21 13.79 -31.80
CA ARG A 256 -4.73 12.61 -32.50
C ARG A 256 -5.76 11.48 -32.43
N SER A 257 -5.89 10.75 -33.53
CA SER A 257 -6.84 9.65 -33.58
C SER A 257 -6.34 8.42 -32.80
N THR A 258 -5.03 8.24 -32.70
CA THR A 258 -4.49 7.03 -32.10
C THR A 258 -4.45 7.12 -30.58
N ASP A 259 -3.68 8.06 -30.04
CA ASP A 259 -3.53 8.19 -28.59
C ASP A 259 -4.35 9.34 -28.00
N GLY A 260 -5.01 10.13 -28.82
CA GLY A 260 -5.87 11.18 -28.32
C GLY A 260 -5.15 12.40 -27.76
N GLU A 261 -3.90 12.63 -28.13
CA GLU A 261 -3.19 13.83 -27.68
C GLU A 261 -3.89 15.07 -28.23
N SER A 262 -4.13 16.04 -27.36
CA SER A 262 -4.88 17.24 -27.69
C SER A 262 -4.01 18.47 -27.51
N ARG A 263 -4.01 19.35 -28.51
CA ARG A 263 -3.26 20.59 -28.45
C ARG A 263 -4.12 21.72 -29.00
N PHE A 264 -3.84 22.94 -28.56
CA PHE A 264 -4.57 24.13 -28.97
C PHE A 264 -3.60 25.16 -29.51
N TYR A 265 -3.97 25.80 -30.62
CA TYR A 265 -3.17 26.84 -31.23
C TYR A 265 -4.07 27.98 -31.66
N SER A 266 -3.48 29.16 -31.82
CA SER A 266 -4.20 30.35 -32.27
C SER A 266 -3.62 30.79 -33.61
N LEU A 267 -4.48 30.92 -34.62
CA LEU A 267 -4.07 31.30 -35.95
C LEU A 267 -4.91 32.48 -36.43
N GLY A 268 -4.48 33.09 -37.52
CA GLY A 268 -5.16 34.22 -38.12
C GLY A 268 -5.96 33.83 -39.34
N HIS A 269 -6.19 34.80 -40.22
CA HIS A 269 -6.90 34.58 -41.47
C HIS A 269 -5.97 33.84 -42.43
N LEU A 270 -6.09 32.53 -42.48
CA LEU A 270 -5.21 31.69 -43.29
C LEU A 270 -6.05 30.67 -44.05
N SER A 271 -5.47 30.16 -45.13
CA SER A 271 -6.13 29.11 -45.90
C SER A 271 -6.07 27.78 -45.14
N ILE A 272 -6.85 26.81 -45.61
CA ILE A 272 -6.88 25.50 -44.98
C ILE A 272 -5.51 24.82 -45.11
N GLN A 273 -4.88 24.95 -46.28
CA GLN A 273 -3.56 24.36 -46.48
C GLN A 273 -2.53 24.97 -45.55
N ARG A 274 -2.55 26.30 -45.40
CA ARG A 274 -1.59 26.95 -44.51
C ARG A 274 -1.82 26.56 -43.06
N ALA A 275 -3.09 26.48 -42.63
CA ALA A 275 -3.39 26.05 -41.28
C ALA A 275 -2.93 24.61 -41.04
N ALA A 276 -3.15 23.72 -42.02
CA ALA A 276 -2.68 22.35 -41.90
C ALA A 276 -1.16 22.29 -41.82
N LEU A 277 -0.46 23.11 -42.60
CA LEU A 277 0.99 23.14 -42.54
C LEU A 277 1.48 23.63 -41.18
N VAL A 278 0.83 24.65 -40.62
CA VAL A 278 1.18 25.14 -39.30
C VAL A 278 0.96 24.05 -38.26
N VAL A 279 -0.17 23.34 -38.36
CA VAL A 279 -0.45 22.24 -37.44
C VAL A 279 0.63 21.16 -37.55
N LEU A 280 1.03 20.83 -38.79
CA LEU A 280 2.03 19.80 -38.99
C LEU A 280 3.39 20.22 -38.41
N GLU A 281 3.79 21.48 -38.63
CA GLU A 281 5.08 21.91 -38.12
C GLU A 281 5.07 22.03 -36.59
N ASN A 282 3.93 22.34 -35.99
CA ASN A 282 3.84 22.32 -34.54
C ASN A 282 3.72 20.92 -33.96
N TYR A 283 3.27 19.96 -34.78
CA TYR A 283 3.11 18.58 -34.31
C TYR A 283 4.45 17.97 -33.90
N TYR A 284 5.50 18.22 -34.67
CA TYR A 284 6.79 17.61 -34.39
C TYR A 284 7.35 18.08 -33.06
N LYS A 285 7.24 19.38 -32.77
CA LYS A 285 7.82 19.96 -31.56
C LYS A 285 6.85 20.01 -30.39
N ASP A 286 5.59 19.63 -30.58
CA ASP A 286 4.59 19.69 -29.52
C ASP A 286 4.06 18.32 -29.14
N PHE A 287 3.55 17.55 -30.09
CA PHE A 287 2.92 16.28 -29.80
C PHE A 287 3.95 15.22 -29.41
N THR A 288 3.51 14.29 -28.56
CA THR A 288 4.36 13.16 -28.18
C THR A 288 4.50 12.21 -29.37
N ILE A 289 5.65 11.53 -29.43
CA ILE A 289 5.90 10.59 -30.51
C ILE A 289 4.84 9.48 -30.50
N TYR A 290 4.41 9.09 -31.69
CA TYR A 290 3.41 8.04 -31.82
C TYR A 290 4.01 6.69 -31.47
N ASN A 291 3.32 5.94 -30.62
CA ASN A 291 3.79 4.64 -30.18
C ASN A 291 2.76 3.57 -30.55
N PRO A 292 3.01 2.73 -31.56
CA PRO A 292 2.05 1.69 -31.91
C PRO A 292 1.97 0.55 -30.92
N ASN A 293 2.90 0.46 -29.96
CA ASN A 293 2.86 -0.61 -28.98
C ASN A 293 1.62 -0.51 -28.10
N LEU A 294 1.25 0.71 -27.70
CA LEU A 294 0.02 0.89 -26.93
C LEU A 294 -1.20 0.48 -27.73
N LEU A 295 -1.22 0.82 -29.03
CA LEU A 295 -2.34 0.41 -29.88
C LEU A 295 -2.41 -1.11 -30.00
N THR A 296 -1.27 -1.78 -30.14
CA THR A 296 -1.26 -3.23 -30.22
C THR A 296 -1.74 -3.85 -28.91
N ALA A 297 -1.33 -3.29 -27.77
CA ALA A 297 -1.80 -3.79 -26.49
C ALA A 297 -3.31 -3.60 -26.34
N SER A 298 -3.83 -2.45 -26.75
CA SER A 298 -5.26 -2.21 -26.68
C SER A 298 -6.03 -3.17 -27.58
N LYS A 299 -5.50 -3.41 -28.79
CA LYS A 299 -6.15 -4.36 -29.70
C LYS A 299 -6.14 -5.76 -29.13
N PHE A 300 -5.02 -6.17 -28.52
CA PHE A 300 -4.96 -7.49 -27.90
C PHE A 300 -5.96 -7.60 -26.75
N ARG A 301 -6.09 -6.56 -25.95
CA ARG A 301 -7.06 -6.57 -24.85
C ARG A 301 -8.49 -6.65 -25.40
N ALA A 302 -8.77 -5.92 -26.47
CA ALA A 302 -10.13 -5.88 -27.02
C ALA A 302 -10.49 -7.15 -27.77
N ALA A 303 -9.50 -7.85 -28.32
CA ALA A 303 -9.79 -9.04 -29.12
C ALA A 303 -10.37 -10.18 -28.29
N LYS A 304 -10.20 -10.14 -26.97
CA LYS A 304 -10.75 -11.21 -26.12
C LYS A 304 -12.27 -11.24 -26.20
N HIS A 305 -12.91 -10.08 -26.21
CA HIS A 305 -14.37 -10.03 -26.31
C HIS A 305 -14.86 -10.61 -27.63
N MET A 306 -14.17 -10.28 -28.73
CA MET A 306 -14.55 -10.83 -30.03
C MET A 306 -14.31 -12.33 -30.08
N ALA A 307 -13.21 -12.80 -29.48
CA ALA A 307 -12.93 -14.24 -29.47
C ALA A 307 -13.97 -14.99 -28.66
N GLY A 308 -14.43 -14.41 -27.54
CA GLY A 308 -15.43 -15.08 -26.72
C GLY A 308 -16.74 -15.29 -27.46
N LEU A 309 -17.17 -14.28 -28.22
CA LEU A 309 -18.41 -14.38 -28.98
C LEU A 309 -18.15 -15.01 -30.35
N THR A 322 -35.95 -3.28 -31.03
CA THR A 322 -34.61 -3.48 -30.51
C THR A 322 -34.55 -3.21 -29.01
N GLY A 323 -35.73 -3.05 -28.40
CA GLY A 323 -35.78 -2.81 -26.97
C GLY A 323 -35.22 -3.96 -26.14
N GLN A 324 -35.50 -5.20 -26.57
CA GLN A 324 -34.99 -6.36 -25.87
C GLN A 324 -33.46 -6.40 -25.91
N SER A 325 -32.88 -6.08 -27.07
CA SER A 325 -31.43 -6.04 -27.19
C SER A 325 -30.84 -4.96 -26.29
N ARG A 326 -31.48 -3.79 -26.24
CA ARG A 326 -31.01 -2.72 -25.36
C ARG A 326 -31.07 -3.14 -23.89
N ALA A 327 -32.15 -3.79 -23.49
CA ALA A 327 -32.26 -4.28 -22.12
C ALA A 327 -31.18 -5.31 -21.82
N MET A 328 -30.93 -6.22 -22.77
CA MET A 328 -29.91 -7.25 -22.55
C MET A 328 -28.52 -6.65 -22.42
N ILE A 329 -28.19 -5.68 -23.28
CA ILE A 329 -26.86 -5.07 -23.18
C ILE A 329 -26.74 -4.22 -21.93
N ALA A 330 -27.83 -3.57 -21.51
CA ALA A 330 -27.78 -2.83 -20.25
C ALA A 330 -27.56 -3.75 -19.06
N ALA A 331 -28.24 -4.91 -19.06
CA ALA A 331 -28.02 -5.89 -17.99
C ALA A 331 -26.60 -6.43 -18.01
N ALA A 332 -26.05 -6.67 -19.21
CA ALA A 332 -24.68 -7.14 -19.32
C ALA A 332 -23.70 -6.09 -18.78
N ALA A 333 -23.93 -4.81 -19.11
CA ALA A 333 -23.06 -3.76 -18.61
C ALA A 333 -23.17 -3.64 -17.09
N ARG A 334 -24.39 -3.77 -16.55
CA ARG A 334 -24.56 -3.71 -15.11
C ARG A 334 -23.83 -4.87 -14.42
N ARG A 335 -23.91 -6.07 -15.00
CA ARG A 335 -23.19 -7.20 -14.44
C ARG A 335 -21.68 -6.99 -14.53
N ARG A 336 -21.20 -6.42 -15.63
CA ARG A 336 -19.78 -6.17 -15.79
C ARG A 336 -19.29 -5.13 -14.78
N ASP A 337 -20.13 -4.13 -14.46
CA ASP A 337 -19.73 -3.11 -13.49
C ASP A 337 -19.48 -3.70 -12.12
N SER A 338 -20.12 -4.81 -11.79
CA SER A 338 -19.92 -5.49 -10.52
C SER A 338 -18.83 -6.54 -10.57
N SER A 339 -18.19 -6.74 -11.73
CA SER A 339 -17.15 -7.74 -11.87
C SER A 339 -15.83 -7.21 -11.33
N HIS A 340 -14.79 -8.05 -11.41
CA HIS A 340 -13.48 -7.67 -10.91
C HIS A 340 -12.85 -6.61 -11.79
N ASN A 341 -12.16 -5.66 -11.16
CA ASN A 341 -11.46 -4.59 -11.88
C ASN A 341 -10.04 -5.06 -12.18
N GLU A 342 -9.91 -5.82 -13.27
CA GLU A 342 -8.62 -6.39 -13.63
C GLU A 342 -7.64 -5.32 -14.08
N LEU A 343 -8.13 -4.25 -14.73
CA LEU A 343 -7.24 -3.25 -15.29
C LEU A 343 -6.45 -2.51 -14.21
N TYR A 344 -7.11 -2.16 -13.11
CA TYR A 344 -6.47 -1.29 -12.11
C TYR A 344 -5.27 -1.98 -11.46
N TYR A 345 -5.42 -3.23 -11.03
CA TYR A 345 -4.34 -3.91 -10.35
C TYR A 345 -3.15 -4.16 -11.27
N GLU A 346 -3.41 -4.55 -12.52
CA GLU A 346 -2.31 -4.77 -13.45
C GLU A 346 -1.63 -3.46 -13.82
N GLU A 347 -2.38 -2.36 -13.93
CA GLU A 347 -1.76 -1.08 -14.17
C GLU A 347 -0.89 -0.66 -13.00
N ALA A 348 -1.36 -0.89 -11.77
CA ALA A 348 -0.55 -0.57 -10.59
C ALA A 348 0.73 -1.40 -10.56
N GLU A 349 0.63 -2.70 -10.87
CA GLU A 349 1.82 -3.55 -10.91
C GLU A 349 2.79 -3.08 -11.98
N HIS A 350 2.28 -2.71 -13.16
CA HIS A 350 3.14 -2.22 -14.22
C HIS A 350 3.83 -0.92 -13.81
N GLU A 351 3.10 -0.02 -13.14
CA GLU A 351 3.70 1.22 -12.68
C GLU A 351 4.79 0.95 -11.64
N ARG A 352 4.54 0.01 -10.72
CA ARG A 352 5.56 -0.33 -9.73
C ARG A 352 6.80 -0.91 -10.39
N ARG A 353 6.62 -1.79 -11.37
CA ARG A 353 7.76 -2.36 -12.08
C ARG A 353 8.53 -1.27 -12.83
N VAL A 354 7.81 -0.34 -13.46
CA VAL A 354 8.46 0.74 -14.18
C VAL A 354 9.26 1.61 -13.22
N LYS A 355 8.70 1.93 -12.05
CA LYS A 355 9.42 2.73 -11.07
C LYS A 355 10.67 2.01 -10.57
N LYS A 356 10.56 0.71 -10.29
CA LYS A 356 11.72 -0.04 -9.82
C LYS A 356 12.82 -0.08 -10.88
N ARG A 357 12.45 -0.33 -12.14
CA ARG A 357 13.45 -0.35 -13.21
C ARG A 357 14.03 1.03 -13.46
N LYS A 358 13.22 2.08 -13.29
CA LYS A 358 13.74 3.44 -13.40
C LYS A 358 14.77 3.73 -12.33
N ALA A 359 14.51 3.31 -11.09
CA ALA A 359 15.47 3.49 -10.02
C ALA A 359 16.76 2.72 -10.30
N ARG A 360 16.63 1.47 -10.77
CA ARG A 360 17.81 0.68 -11.10
C ARG A 360 18.61 1.34 -12.22
N LEU A 361 17.93 1.86 -13.25
CA LEU A 361 18.62 2.53 -14.33
C LEU A 361 19.31 3.81 -13.85
N VAL A 362 18.67 4.54 -12.94
CA VAL A 362 19.28 5.75 -12.39
C VAL A 362 20.57 5.39 -11.64
N VAL A 363 20.51 4.33 -10.83
CA VAL A 363 21.70 3.90 -10.10
C VAL A 363 22.80 3.47 -11.06
N ALA A 364 22.44 2.71 -12.09
CA ALA A 364 23.42 2.27 -13.07
C ALA A 364 24.06 3.44 -13.81
N VAL A 365 23.25 4.44 -14.17
CA VAL A 365 23.78 5.60 -14.88
C VAL A 365 24.68 6.43 -13.97
N GLU A 366 24.32 6.54 -12.68
CA GLU A 366 25.19 7.24 -11.74
C GLU A 366 26.53 6.53 -11.60
N GLU A 367 26.51 5.19 -11.49
CA GLU A 367 27.76 4.45 -11.42
C GLU A 367 28.58 4.61 -12.69
N ALA A 368 27.91 4.60 -13.85
CA ALA A 368 28.60 4.79 -15.12
C ALA A 368 29.25 6.16 -15.19
N PHE A 369 28.56 7.20 -14.71
CA PHE A 369 29.14 8.54 -14.72
C PHE A 369 30.30 8.64 -13.74
N ILE A 370 30.22 7.95 -12.60
CA ILE A 370 31.35 7.89 -11.68
C ILE A 370 32.54 7.25 -12.36
N HIS A 371 32.31 6.15 -13.10
CA HIS A 371 33.38 5.50 -13.84
C HIS A 371 33.96 6.42 -14.91
N ILE A 372 33.11 7.20 -15.57
CA ILE A 372 33.58 8.16 -16.58
C ILE A 372 34.48 9.21 -15.93
N GLN A 373 34.06 9.74 -14.77
CA GLN A 373 34.90 10.71 -14.08
C GLN A 373 36.23 10.11 -13.65
N ARG A 374 36.20 8.86 -13.17
CA ARG A 374 37.44 8.19 -12.78
C ARG A 374 38.36 8.00 -13.98
N LEU A 375 37.80 7.61 -15.12
CA LEU A 375 38.61 7.42 -16.32
C LEU A 375 39.21 8.75 -16.79
N GLN A 376 38.42 9.83 -16.74
CA GLN A 376 38.95 11.14 -17.11
C GLN A 376 40.07 11.57 -16.17
N ALA A 377 39.89 11.36 -14.86
CA ALA A 377 40.93 11.70 -13.91
C ALA A 377 42.20 10.90 -14.16
N GLU A 378 42.06 9.60 -14.45
CA GLU A 378 43.22 8.77 -14.75
C GLU A 378 43.93 9.24 -16.02
N GLU A 379 43.16 9.58 -17.06
CA GLU A 379 43.75 10.05 -18.30
C GLU A 379 44.37 11.43 -18.16
N GLN A 380 43.97 12.20 -17.14
CA GLN A 380 44.56 13.53 -16.95
C GLN A 380 46.06 13.45 -16.70
N GLN A 381 46.49 12.49 -15.87
CA GLN A 381 47.92 12.40 -15.55
C GLN A 381 48.73 11.91 -16.74
N LYS A 382 48.11 11.14 -17.65
CA LYS A 382 48.86 10.58 -18.78
C LYS A 382 49.39 11.68 -19.68
N ALA A 383 48.57 12.70 -19.97
CA ALA A 383 48.99 13.79 -20.85
C ALA A 383 48.20 15.05 -20.53
N PRO A 384 48.87 16.15 -20.21
CA PRO A 384 48.16 17.40 -19.93
C PRO A 384 47.88 18.18 -21.21
N GLY A 385 46.68 18.77 -21.24
CA GLY A 385 46.26 19.54 -22.40
C GLY A 385 45.81 18.71 -23.58
N GLU A 386 45.69 17.40 -23.44
CA GLU A 386 45.27 16.49 -24.51
C GLU A 386 44.07 15.70 -23.99
N VAL A 387 42.86 16.22 -24.22
CA VAL A 387 41.66 15.53 -23.78
C VAL A 387 41.43 14.29 -24.65
N MET A 388 40.98 13.22 -24.01
CA MET A 388 40.70 11.98 -24.74
C MET A 388 39.42 12.12 -25.56
N ASP A 389 39.35 11.36 -26.64
CA ASP A 389 38.12 11.35 -27.44
C ASP A 389 37.02 10.58 -26.72
N PRO A 390 35.82 11.15 -26.62
CA PRO A 390 34.76 10.50 -25.83
C PRO A 390 34.25 9.20 -26.42
N ARG A 391 34.60 8.88 -27.66
CA ARG A 391 34.05 7.70 -28.32
C ARG A 391 34.47 6.42 -27.59
N GLU A 392 35.76 6.30 -27.27
CA GLU A 392 36.24 5.09 -26.59
C GLU A 392 35.70 5.02 -25.17
N ALA A 393 35.54 6.17 -24.51
CA ALA A 393 34.93 6.18 -23.18
C ALA A 393 33.50 5.67 -23.24
N ALA A 394 32.73 6.10 -24.24
CA ALA A 394 31.37 5.58 -24.42
C ALA A 394 31.40 4.08 -24.70
N GLN A 395 32.36 3.64 -25.53
CA GLN A 395 32.47 2.21 -25.83
C GLN A 395 32.71 1.40 -24.56
N ALA A 396 33.59 1.89 -23.69
CA ALA A 396 33.93 1.13 -22.48
C ALA A 396 32.83 1.23 -21.42
N ILE A 397 32.07 2.32 -21.43
CA ILE A 397 31.10 2.56 -20.36
C ILE A 397 29.72 1.97 -20.68
N PHE A 398 29.35 1.91 -21.96
CA PHE A 398 28.01 1.45 -22.33
C PHE A 398 27.64 0.07 -21.78
N PRO A 399 28.50 -0.96 -21.81
CA PRO A 399 28.07 -2.27 -21.27
C PRO A 399 27.67 -2.24 -19.81
N SER A 400 28.18 -1.30 -19.03
CA SER A 400 27.85 -1.24 -17.61
C SER A 400 26.36 -0.97 -17.40
N MET A 401 25.80 -0.02 -18.15
CA MET A 401 24.39 0.33 -18.05
C MET A 401 23.54 -0.27 -19.16
N ALA A 402 24.13 -1.10 -20.02
CA ALA A 402 23.40 -1.62 -21.17
C ALA A 402 22.22 -2.49 -20.74
N ARG A 403 22.43 -3.37 -19.77
CA ARG A 403 21.36 -4.26 -19.33
C ARG A 403 20.21 -3.46 -18.71
N ALA A 404 20.54 -2.50 -17.85
CA ALA A 404 19.49 -1.68 -17.22
C ALA A 404 18.74 -0.87 -18.27
N LEU A 405 19.45 -0.28 -19.22
CA LEU A 405 18.79 0.51 -20.26
C LEU A 405 17.89 -0.36 -21.13
N GLN A 406 18.36 -1.57 -21.48
CA GLN A 406 17.54 -2.47 -22.28
C GLN A 406 16.29 -2.91 -21.51
N LYS A 407 16.44 -3.19 -20.22
CA LYS A 407 15.28 -3.56 -19.41
C LYS A 407 14.28 -2.41 -19.33
N TYR A 408 14.77 -1.19 -19.14
CA TYR A 408 13.87 -0.03 -19.09
C TYR A 408 13.16 0.19 -20.42
N LEU A 409 13.89 0.03 -21.52
CA LEU A 409 13.26 0.18 -22.84
C LEU A 409 12.20 -0.89 -23.07
N ARG A 410 12.49 -2.13 -22.64
CA ARG A 410 11.51 -3.20 -22.78
C ARG A 410 10.27 -2.94 -21.95
N ILE A 411 10.43 -2.45 -20.72
CA ILE A 411 9.28 -2.19 -19.87
C ILE A 411 8.54 -0.94 -20.29
N THR A 412 9.18 -0.03 -21.02
CA THR A 412 8.55 1.19 -21.49
C THR A 412 8.20 1.13 -22.97
N ARG A 413 8.49 0.01 -23.64
CA ARG A 413 8.20 -0.16 -25.07
C ARG A 413 8.84 0.94 -25.91
N GLN A 414 10.07 1.31 -25.54
CA GLN A 414 10.81 2.36 -26.23
C GLN A 414 12.09 1.85 -26.87
N GLN A 415 12.24 0.53 -27.01
CA GLN A 415 13.46 -0.02 -27.59
C GLN A 415 13.56 0.25 -29.09
N ASN A 416 12.42 0.35 -29.77
CA ASN A 416 12.44 0.56 -31.22
C ASN A 416 13.03 1.91 -31.58
N TYR A 417 12.65 2.95 -30.84
CA TYR A 417 13.11 4.31 -31.17
C TYR A 417 14.57 4.51 -30.81
N HIS A 418 14.98 4.03 -29.64
CA HIS A 418 16.35 4.26 -29.17
C HIS A 418 17.24 3.13 -29.69
N SER A 419 18.21 3.48 -30.53
CA SER A 419 19.15 2.53 -31.09
C SER A 419 20.48 2.60 -30.32
N MET A 420 21.25 1.52 -30.44
CA MET A 420 22.52 1.43 -29.73
C MET A 420 23.49 2.51 -30.18
N GLU A 421 23.56 2.76 -31.49
CA GLU A 421 24.42 3.82 -32.00
C GLU A 421 23.93 5.19 -31.52
N SER A 422 22.61 5.39 -31.49
CA SER A 422 22.06 6.65 -30.99
C SER A 422 22.40 6.85 -29.51
N ILE A 423 22.31 5.77 -28.73
CA ILE A 423 22.66 5.86 -27.31
C ILE A 423 24.12 6.21 -27.14
N LEU A 424 25.00 5.59 -27.93
CA LEU A 424 26.43 5.92 -27.86
C LEU A 424 26.68 7.38 -28.23
N GLN A 425 26.00 7.86 -29.28
CA GLN A 425 26.17 9.24 -29.69
C GLN A 425 25.69 10.21 -28.61
N HIS A 426 24.56 9.91 -27.98
CA HIS A 426 24.06 10.76 -26.90
C HIS A 426 25.01 10.75 -25.71
N LEU A 427 25.56 9.58 -25.37
CA LEU A 427 26.53 9.50 -24.28
C LEU A 427 27.78 10.31 -24.58
N ALA A 428 28.27 10.22 -25.82
CA ALA A 428 29.45 11.02 -26.20
C ALA A 428 29.14 12.51 -26.14
N PHE A 429 27.95 12.90 -26.60
CA PHE A 429 27.56 14.31 -26.55
C PHE A 429 27.49 14.82 -25.11
N CYS A 430 26.92 14.00 -24.22
CA CYS A 430 26.89 14.37 -22.80
C CYS A 430 28.28 14.46 -22.20
N ILE A 431 29.18 13.54 -22.58
CA ILE A 431 30.55 13.61 -22.08
C ILE A 431 31.23 14.89 -22.55
N THR A 432 31.03 15.26 -23.81
CA THR A 432 31.59 16.52 -24.30
C THR A 432 31.02 17.71 -23.54
N ASN A 433 29.72 17.71 -23.28
CA ASN A 433 29.10 18.81 -22.55
C ASN A 433 29.22 18.66 -21.04
N GLY A 434 29.63 17.51 -20.53
CA GLY A 434 29.72 17.31 -19.09
C GLY A 434 28.40 17.41 -18.38
N MET A 435 27.34 16.88 -18.98
CA MET A 435 26.01 16.98 -18.38
C MET A 435 25.88 16.03 -17.19
N THR A 436 24.93 16.36 -16.31
CA THR A 436 24.64 15.50 -15.17
C THR A 436 23.94 14.23 -15.63
N PRO A 437 24.03 13.15 -14.83
CA PRO A 437 23.35 11.91 -15.21
C PRO A 437 21.84 12.07 -15.38
N LYS A 438 21.23 13.02 -14.68
CA LYS A 438 19.78 13.21 -14.80
C LYS A 438 19.40 13.66 -16.21
N ALA A 439 20.21 14.52 -16.83
CA ALA A 439 19.92 14.96 -18.19
C ALA A 439 19.98 13.80 -19.18
N PHE A 440 20.98 12.92 -19.03
CA PHE A 440 21.05 11.73 -19.88
C PHE A 440 19.87 10.80 -19.63
N LEU A 441 19.49 10.64 -18.36
CA LEU A 441 18.39 9.74 -18.02
C LEU A 441 17.06 10.22 -18.58
N GLU A 442 16.80 11.52 -18.50
CA GLU A 442 15.48 12.04 -18.84
C GLU A 442 15.16 11.92 -20.33
N ARG A 443 16.17 11.81 -21.20
CA ARG A 443 15.88 11.61 -22.62
C ARG A 443 15.20 10.27 -22.86
N TYR A 444 15.67 9.22 -22.20
CA TYR A 444 15.07 7.89 -22.30
C TYR A 444 13.99 7.65 -21.24
N LEU A 445 13.77 8.59 -20.34
CA LEU A 445 12.78 8.42 -19.28
C LEU A 445 11.39 8.25 -19.87
N SER A 446 10.90 9.26 -20.60
CA SER A 446 9.57 9.24 -21.17
C SER A 446 9.63 9.71 -22.62
N ALA A 447 8.63 9.29 -23.39
CA ALA A 447 8.55 9.69 -24.79
C ALA A 447 8.29 11.18 -24.90
N GLY A 448 8.96 11.82 -25.86
CA GLY A 448 8.84 13.25 -26.03
C GLY A 448 8.53 13.64 -27.46
N PRO A 449 9.11 14.75 -27.90
CA PRO A 449 8.83 15.24 -29.26
C PRO A 449 9.43 14.35 -30.33
N THR A 450 8.86 14.45 -31.53
CA THR A 450 9.33 13.66 -32.67
C THR A 450 10.75 14.04 -33.07
N LEU A 451 11.10 15.32 -33.00
CA LEU A 451 12.40 15.78 -33.48
C LEU A 451 13.56 15.24 -32.67
N GLN A 452 13.30 14.69 -31.47
CA GLN A 452 14.38 14.17 -30.65
C GLN A 452 15.05 12.96 -31.31
N TYR A 453 14.27 12.09 -31.94
CA TYR A 453 14.79 10.85 -32.51
C TYR A 453 15.45 11.14 -33.86
N ASP A 454 15.81 10.08 -34.58
CA ASP A 454 16.52 10.21 -35.83
C ASP A 454 15.58 10.70 -36.94
N LYS A 455 16.19 11.10 -38.06
CA LYS A 455 15.41 11.65 -39.18
C LYS A 455 14.48 10.60 -39.78
N ASP A 456 14.95 9.35 -39.88
CA ASP A 456 14.16 8.31 -40.52
C ASP A 456 12.92 7.95 -39.72
N ARG A 457 12.84 8.34 -38.46
CA ARG A 457 11.68 8.01 -37.64
C ARG A 457 10.42 8.68 -38.17
N TRP A 458 10.52 9.95 -38.55
CA TRP A 458 9.37 10.71 -39.03
C TRP A 458 9.34 10.76 -40.54
N LEU A 459 8.13 10.81 -41.10
CA LEU A 459 7.90 10.92 -42.52
C LEU A 459 7.10 12.17 -42.81
N SER A 460 7.60 13.01 -43.72
CA SER A 460 6.94 14.25 -44.10
C SER A 460 6.45 14.22 -45.54
N THR A 461 6.27 13.03 -46.11
CA THR A 461 5.81 12.88 -47.49
C THR A 461 4.43 12.26 -47.60
N GLN A 462 4.06 11.37 -46.68
CA GLN A 462 2.79 10.66 -46.76
C GLN A 462 1.62 11.47 -46.19
N TRP A 463 1.86 12.69 -45.74
CA TRP A 463 0.79 13.51 -45.19
C TRP A 463 -0.24 13.84 -46.26
N ARG A 464 -1.52 13.77 -45.88
CA ARG A 464 -2.62 14.09 -46.79
C ARG A 464 -3.63 14.96 -46.06
N LEU A 465 -4.38 15.74 -46.83
CA LEU A 465 -5.38 16.66 -46.29
C LEU A 465 -6.77 16.21 -46.74
N VAL A 466 -7.69 16.07 -45.80
CA VAL A 466 -9.07 15.68 -46.07
C VAL A 466 -9.98 16.75 -45.50
N SER A 467 -10.83 17.32 -46.36
CA SER A 467 -11.78 18.35 -45.95
C SER A 467 -12.89 18.44 -46.99
N ASP A 468 -14.13 18.53 -46.51
CA ASP A 468 -15.25 18.67 -47.43
C ASP A 468 -15.19 19.99 -48.20
N GLU A 469 -14.85 21.07 -47.51
CA GLU A 469 -14.71 22.37 -48.16
C GLU A 469 -13.42 22.42 -48.96
N ALA A 470 -13.39 23.30 -49.96
CA ALA A 470 -12.20 23.48 -50.77
C ALA A 470 -11.06 24.04 -49.94
N VAL A 471 -9.86 23.49 -50.15
CA VAL A 471 -8.69 23.91 -49.37
C VAL A 471 -8.27 25.33 -49.69
N THR A 472 -8.68 25.87 -50.84
CA THR A 472 -8.29 27.23 -51.19
C THR A 472 -9.05 28.28 -50.39
N ASN A 473 -10.16 27.91 -49.77
CA ASN A 473 -10.94 28.86 -48.98
C ASN A 473 -10.27 29.14 -47.64
N GLY A 474 -10.62 30.27 -47.05
CA GLY A 474 -10.07 30.66 -45.77
C GLY A 474 -10.72 29.94 -44.62
N LEU A 475 -10.16 30.15 -43.42
CA LEU A 475 -10.67 29.52 -42.22
C LEU A 475 -12.03 30.11 -41.86
N ARG A 476 -12.95 29.24 -41.45
CA ARG A 476 -14.29 29.63 -41.04
C ARG A 476 -14.66 28.89 -39.75
N ASP A 477 -15.56 29.49 -38.98
CA ASP A 477 -16.01 28.86 -37.75
C ASP A 477 -16.78 27.59 -38.04
N GLY A 478 -16.46 26.53 -37.28
CA GLY A 478 -17.17 25.27 -37.38
C GLY A 478 -16.62 24.30 -38.39
N ILE A 479 -15.61 24.67 -39.18
CA ILE A 479 -15.06 23.78 -40.18
C ILE A 479 -14.10 22.81 -39.50
N VAL A 480 -14.05 21.58 -40.00
CA VAL A 480 -13.23 20.51 -39.43
C VAL A 480 -12.48 19.84 -40.57
N PHE A 481 -11.20 19.58 -40.38
CA PHE A 481 -10.44 18.85 -41.39
C PHE A 481 -9.55 17.80 -40.73
N VAL A 482 -8.95 16.95 -41.57
CA VAL A 482 -8.16 15.81 -41.11
C VAL A 482 -6.82 15.82 -41.83
N LEU A 483 -5.75 15.58 -41.08
CA LEU A 483 -4.41 15.38 -41.63
C LEU A 483 -4.06 13.91 -41.47
N LYS A 484 -4.07 13.18 -42.59
CA LYS A 484 -3.82 11.76 -42.60
C LYS A 484 -2.33 11.48 -42.78
N CYS A 485 -1.90 10.35 -42.23
CA CYS A 485 -0.54 9.85 -42.41
C CYS A 485 -0.53 8.38 -42.03
N LEU A 486 0.62 7.74 -42.24
CA LEU A 486 0.71 6.29 -42.11
C LEU A 486 0.24 5.83 -40.74
N ASP A 487 -0.92 5.15 -40.70
CA ASP A 487 -1.54 4.53 -39.54
C ASP A 487 -2.14 5.55 -38.56
N PHE A 488 -2.03 6.85 -38.81
CA PHE A 488 -2.56 7.79 -37.83
C PHE A 488 -3.03 9.08 -38.50
N SER A 489 -4.07 9.67 -37.91
CA SER A 489 -4.66 10.90 -38.43
C SER A 489 -4.84 11.90 -37.29
N LEU A 490 -4.76 13.18 -37.64
CA LEU A 490 -4.98 14.28 -36.71
C LEU A 490 -6.23 15.03 -37.14
N VAL A 491 -7.22 15.11 -36.25
CA VAL A 491 -8.45 15.83 -36.52
C VAL A 491 -8.29 17.24 -35.98
N VAL A 492 -8.52 18.25 -36.82
CA VAL A 492 -8.37 19.65 -36.45
C VAL A 492 -9.73 20.31 -36.54
N ASN A 493 -10.14 20.94 -35.43
CA ASN A 493 -11.38 21.68 -35.31
C ASN A 493 -11.06 23.17 -35.27
N VAL A 494 -11.82 23.96 -36.03
CA VAL A 494 -11.62 25.40 -36.13
C VAL A 494 -12.78 26.10 -35.44
N LYS A 495 -12.47 27.02 -34.53
CA LYS A 495 -13.47 27.78 -33.80
C LYS A 495 -13.13 29.27 -33.86
N LYS A 496 -14.17 30.09 -33.72
CA LYS A 496 -14.03 31.53 -33.73
C LYS A 496 -13.97 32.07 -32.30
N ILE A 497 -13.04 32.98 -32.06
CA ILE A 497 -12.90 33.58 -30.73
C ILE A 497 -14.16 34.39 -30.41
N PRO A 498 -14.78 34.17 -29.24
CA PRO A 498 -16.01 34.91 -28.93
C PRO A 498 -15.75 36.40 -28.76
N PHE A 499 -16.79 37.18 -29.03
CA PHE A 499 -16.72 38.63 -28.89
C PHE A 499 -16.60 38.99 -27.41
N ILE A 500 -15.41 39.42 -27.00
CA ILE A 500 -15.13 39.75 -25.61
C ILE A 500 -15.52 41.20 -25.37
N ILE A 501 -16.38 41.43 -24.38
CA ILE A 501 -16.83 42.77 -24.01
C ILE A 501 -16.21 43.12 -22.67
N LEU A 502 -15.45 44.21 -22.63
CA LEU A 502 -14.78 44.66 -21.41
C LEU A 502 -15.35 46.00 -21.00
N SER A 503 -15.61 46.16 -19.70
CA SER A 503 -16.13 47.40 -19.15
C SER A 503 -15.33 47.77 -17.91
N GLU A 504 -15.22 49.08 -17.66
CA GLU A 504 -14.50 49.60 -16.50
C GLU A 504 -15.43 49.60 -15.29
N GLU A 505 -15.64 48.40 -14.74
CA GLU A 505 -16.50 48.20 -13.58
C GLU A 505 -17.91 48.75 -13.81
N ASP B 106 -30.24 44.14 -38.42
CA ASP B 106 -29.84 44.26 -39.82
C ASP B 106 -29.64 45.72 -40.21
N CYS B 107 -30.53 46.59 -39.75
CA CYS B 107 -30.42 48.01 -40.05
C CYS B 107 -29.16 48.61 -39.43
N LYS B 108 -28.85 48.22 -38.19
CA LYS B 108 -27.66 48.75 -37.53
C LYS B 108 -26.39 48.32 -38.25
N ARG B 109 -26.33 47.07 -38.71
CA ARG B 109 -25.15 46.60 -39.43
C ARG B 109 -24.94 47.41 -40.71
N TYR B 110 -26.01 47.63 -41.47
CA TYR B 110 -25.89 48.41 -42.70
C TYR B 110 -25.52 49.85 -42.40
N LEU B 111 -26.09 50.44 -41.34
CA LEU B 111 -25.76 51.81 -40.99
C LEU B 111 -24.28 51.93 -40.62
N GLY B 112 -23.76 50.97 -39.84
CA GLY B 112 -22.35 50.99 -39.52
C GLY B 112 -21.45 50.74 -40.72
N LEU B 113 -21.89 49.90 -41.66
CA LEU B 113 -21.08 49.57 -42.81
C LEU B 113 -21.02 50.74 -43.81
N THR B 114 -22.12 51.49 -43.93
CA THR B 114 -22.14 52.60 -44.89
C THR B 114 -21.14 53.68 -44.52
N VAL B 115 -20.99 53.96 -43.23
CA VAL B 115 -20.05 55.00 -42.81
C VAL B 115 -18.62 54.63 -43.18
N ALA B 116 -18.25 53.36 -42.96
CA ALA B 116 -16.91 52.91 -43.30
C ALA B 116 -16.72 52.66 -44.79
N SER B 117 -17.81 52.51 -45.54
CA SER B 117 -17.69 52.22 -46.97
C SER B 117 -17.65 53.49 -47.81
N PHE B 118 -18.56 54.43 -47.56
CA PHE B 118 -18.61 55.64 -48.37
C PHE B 118 -17.35 56.49 -48.20
N LEU B 119 -16.86 56.61 -46.96
CA LEU B 119 -15.64 57.39 -46.73
C LEU B 119 -14.45 56.75 -47.44
N GLY B 120 -14.33 55.42 -47.35
CA GLY B 120 -13.26 54.74 -48.06
C GLY B 120 -13.36 54.91 -49.57
N LEU B 121 -14.58 54.80 -50.10
CA LEU B 121 -14.77 54.97 -51.54
C LEU B 121 -14.39 56.37 -51.99
N LEU B 122 -14.78 57.40 -51.22
CA LEU B 122 -14.46 58.76 -51.65
C LEU B 122 -12.97 59.05 -51.51
N VAL B 123 -12.32 58.56 -50.44
CA VAL B 123 -10.89 58.81 -50.32
C VAL B 123 -10.12 58.03 -51.37
N PHE B 124 -10.64 56.89 -51.82
CA PHE B 124 -9.97 56.14 -52.88
C PHE B 124 -10.18 56.78 -54.25
N LEU B 125 -11.35 57.34 -54.49
CA LEU B 125 -11.65 57.98 -55.76
C LEU B 125 -11.22 59.44 -55.83
N THR B 126 -10.72 60.00 -54.72
CA THR B 126 -10.21 61.37 -54.74
C THR B 126 -9.15 61.63 -55.81
N PRO B 127 -8.14 60.78 -56.01
CA PRO B 127 -7.23 61.01 -57.14
C PRO B 127 -7.93 60.96 -58.49
N ILE B 128 -8.94 60.10 -58.64
CA ILE B 128 -9.70 60.04 -59.89
C ILE B 128 -10.42 61.35 -60.14
N ALA B 129 -11.06 61.90 -59.09
CA ALA B 129 -11.70 63.21 -59.23
C ALA B 129 -10.67 64.29 -59.55
N PHE B 130 -9.52 64.24 -58.89
CA PHE B 130 -8.49 65.26 -59.12
C PHE B 130 -7.99 65.23 -60.56
N ILE B 131 -7.90 64.04 -61.16
CA ILE B 131 -7.42 63.93 -62.53
C ILE B 131 -8.53 64.07 -63.57
N LEU B 132 -9.79 63.95 -63.17
CA LEU B 132 -10.91 64.07 -64.11
C LEU B 132 -11.67 65.38 -64.02
N LEU B 133 -11.37 66.23 -63.05
CA LEU B 133 -12.06 67.51 -62.95
C LEU B 133 -11.52 68.56 -63.91
N PRO B 134 -10.21 68.72 -64.08
CA PRO B 134 -9.69 69.72 -65.03
C PRO B 134 -10.20 69.51 -66.45
N PRO B 135 -10.26 68.27 -66.96
CA PRO B 135 -10.82 68.09 -68.31
C PRO B 135 -12.27 68.51 -68.44
N ILE B 136 -13.07 68.37 -67.38
CA ILE B 136 -14.48 68.72 -67.46
C ILE B 136 -14.74 70.18 -67.10
N LEU B 137 -13.80 70.86 -66.45
CA LEU B 137 -14.00 72.26 -66.10
C LEU B 137 -13.71 73.18 -67.28
N TRP B 138 -12.56 73.01 -67.91
CA TRP B 138 -12.18 73.79 -69.08
C TRP B 138 -11.78 72.85 -70.21
N ARG B 139 -12.06 73.26 -71.45
CA ARG B 139 -11.77 72.46 -72.62
C ARG B 139 -10.83 73.13 -73.60
N ASP B 140 -10.99 74.42 -73.85
CA ASP B 140 -10.16 75.14 -74.81
C ASP B 140 -8.91 75.75 -74.18
N GLU B 141 -8.73 75.61 -72.87
CA GLU B 141 -7.56 76.13 -72.17
C GLU B 141 -6.54 75.05 -71.85
N LEU B 142 -6.67 73.87 -72.44
CA LEU B 142 -5.75 72.77 -72.15
C LEU B 142 -4.36 73.08 -72.68
N GLU B 143 -3.36 72.78 -71.87
CA GLU B 143 -1.96 72.89 -72.27
C GLU B 143 -1.45 71.54 -72.74
N PRO B 144 -0.42 71.52 -73.60
CA PRO B 144 0.12 70.23 -74.07
C PRO B 144 0.64 69.38 -72.92
N CYS B 145 -0.04 68.25 -72.67
CA CYS B 145 0.36 67.38 -71.57
C CYS B 145 1.64 66.63 -71.89
N GLY B 146 1.75 66.11 -73.09
CA GLY B 146 2.94 65.36 -73.50
C GLY B 146 2.80 63.88 -73.19
N THR B 147 3.71 63.37 -72.34
CA THR B 147 3.73 61.96 -71.99
C THR B 147 3.86 61.71 -70.48
N ILE B 148 4.31 62.69 -69.70
CA ILE B 148 4.51 62.47 -68.26
C ILE B 148 3.18 62.13 -67.59
N CYS B 149 2.09 62.76 -68.03
CA CYS B 149 0.78 62.45 -67.47
C CYS B 149 0.39 61.00 -67.74
N GLU B 150 0.63 60.52 -68.95
CA GLU B 150 0.30 59.13 -69.28
C GLU B 150 1.13 58.16 -68.45
N GLY B 151 2.42 58.46 -68.26
CA GLY B 151 3.26 57.61 -67.44
C GLY B 151 2.86 57.62 -65.97
N LEU B 152 2.40 58.77 -65.48
CA LEU B 152 1.99 58.85 -64.08
C LEU B 152 0.62 58.21 -63.84
N PHE B 153 -0.25 58.20 -64.86
CA PHE B 153 -1.58 57.64 -64.68
C PHE B 153 -1.53 56.16 -64.35
N ILE B 154 -0.71 55.40 -65.07
CA ILE B 154 -0.65 53.96 -64.83
C ILE B 154 -0.01 53.66 -63.48
N SER B 155 1.01 54.43 -63.10
CA SER B 155 1.62 54.26 -61.79
C SER B 155 0.62 54.56 -60.68
N MET B 156 -0.20 55.61 -60.85
CA MET B 156 -1.22 55.92 -59.87
C MET B 156 -2.26 54.80 -59.78
N ALA B 157 -2.65 54.25 -60.94
CA ALA B 157 -3.61 53.14 -60.93
C ALA B 157 -3.05 51.93 -60.22
N PHE B 158 -1.77 51.60 -60.48
CA PHE B 158 -1.16 50.47 -59.80
C PHE B 158 -1.05 50.70 -58.29
N LYS B 159 -0.71 51.92 -57.89
CA LYS B 159 -0.65 52.24 -56.47
C LYS B 159 -2.02 52.13 -55.82
N LEU B 160 -3.05 52.58 -56.52
CA LEU B 160 -4.42 52.46 -56.02
C LEU B 160 -4.82 50.99 -55.87
N LEU B 161 -4.44 50.15 -56.84
CA LEU B 161 -4.73 48.73 -56.73
C LEU B 161 -4.01 48.10 -55.55
N ILE B 162 -2.74 48.46 -55.33
CA ILE B 162 -2.00 47.95 -54.19
C ILE B 162 -2.64 48.38 -52.89
N LEU B 163 -3.06 49.65 -52.81
CA LEU B 163 -3.73 50.15 -51.61
C LEU B 163 -5.03 49.42 -51.36
N LEU B 164 -5.80 49.16 -52.42
CA LEU B 164 -7.05 48.40 -52.28
C LEU B 164 -6.79 46.99 -51.76
N ILE B 165 -5.77 46.33 -52.31
CA ILE B 165 -5.45 44.98 -51.87
C ILE B 165 -5.02 44.97 -50.40
N GLY B 166 -4.18 45.93 -50.02
CA GLY B 166 -3.75 46.01 -48.63
C GLY B 166 -4.89 46.31 -47.67
N THR B 167 -5.78 47.23 -48.07
CA THR B 167 -6.92 47.55 -47.22
C THR B 167 -7.84 46.36 -47.05
N TRP B 168 -8.08 45.61 -48.14
CA TRP B 168 -8.90 44.40 -48.03
C TRP B 168 -8.23 43.37 -47.13
N ALA B 169 -6.92 43.18 -47.28
CA ALA B 169 -6.21 42.14 -46.54
C ALA B 169 -6.14 42.44 -45.04
N LEU B 170 -5.75 43.65 -44.69
CA LEU B 170 -5.43 43.93 -43.29
C LEU B 170 -6.66 44.43 -42.52
N PHE B 171 -7.46 45.30 -43.13
CA PHE B 171 -8.47 46.04 -42.39
C PHE B 171 -9.92 45.69 -42.75
N PHE B 172 -10.14 44.89 -43.80
CA PHE B 172 -11.49 44.45 -44.14
C PHE B 172 -11.78 43.18 -43.34
N ARG B 173 -12.10 43.38 -42.06
CA ARG B 173 -12.35 42.27 -41.15
C ARG B 173 -13.32 42.73 -40.07
N LYS B 174 -13.99 41.75 -39.46
CA LYS B 174 -14.96 42.04 -38.41
C LYS B 174 -14.26 42.34 -37.09
N ARG B 175 -14.89 43.18 -36.28
CA ARG B 175 -14.34 43.50 -34.97
C ARG B 175 -14.42 42.28 -34.04
N ARG B 176 -13.36 42.08 -33.27
CA ARG B 176 -13.24 40.92 -32.40
C ARG B 176 -13.61 41.22 -30.95
N ALA B 177 -13.21 42.36 -30.42
CA ALA B 177 -13.48 42.70 -29.02
C ALA B 177 -13.86 44.17 -28.92
N ASP B 178 -14.55 44.51 -27.84
CA ASP B 178 -14.99 45.87 -27.56
C ASP B 178 -14.13 46.48 -26.48
N MET B 179 -13.56 47.65 -26.76
CA MET B 179 -12.69 48.35 -25.81
C MET B 179 -13.53 49.15 -24.81
N PRO B 180 -13.30 49.00 -23.51
CA PRO B 180 -14.05 49.81 -22.54
C PRO B 180 -13.84 51.30 -22.71
N ARG B 181 -12.66 51.73 -23.12
CA ARG B 181 -12.34 53.12 -23.36
C ARG B 181 -12.03 53.33 -24.84
N VAL B 182 -11.70 54.58 -25.19
CA VAL B 182 -11.36 54.90 -26.57
C VAL B 182 -9.99 54.34 -26.90
N PHE B 183 -9.84 53.86 -28.15
CA PHE B 183 -8.57 53.32 -28.60
C PHE B 183 -7.71 54.46 -29.13
N VAL B 184 -6.54 54.66 -28.52
CA VAL B 184 -5.71 55.82 -28.83
C VAL B 184 -5.19 55.73 -30.26
N PHE B 185 -4.65 54.56 -30.63
CA PHE B 185 -4.05 54.41 -31.95
C PHE B 185 -5.09 54.54 -33.06
N ARG B 186 -6.25 53.91 -32.89
CA ARG B 186 -7.29 53.98 -33.90
C ARG B 186 -7.81 55.41 -34.07
N ALA B 187 -8.04 56.10 -32.95
CA ALA B 187 -8.50 57.48 -33.02
C ALA B 187 -7.45 58.37 -33.68
N LEU B 188 -6.18 58.16 -33.36
CA LEU B 188 -5.10 58.93 -33.97
C LEU B 188 -5.06 58.70 -35.48
N LEU B 189 -5.17 57.44 -35.91
CA LEU B 189 -5.16 57.14 -37.33
C LEU B 189 -6.37 57.77 -38.02
N LEU B 190 -7.54 57.69 -37.40
CA LEU B 190 -8.74 58.25 -38.01
C LEU B 190 -8.64 59.77 -38.16
N VAL B 191 -8.19 60.46 -37.12
CA VAL B 191 -8.08 61.91 -37.21
C VAL B 191 -6.98 62.32 -38.20
N LEU B 192 -5.89 61.54 -38.25
CA LEU B 192 -4.84 61.82 -39.22
C LEU B 192 -5.36 61.67 -40.64
N ILE B 193 -6.13 60.62 -40.91
CA ILE B 193 -6.71 60.45 -42.24
C ILE B 193 -7.70 61.57 -42.54
N PHE B 194 -8.50 61.95 -41.55
CA PHE B 194 -9.49 63.00 -41.76
C PHE B 194 -8.82 64.31 -42.15
N LEU B 195 -7.78 64.71 -41.41
CA LEU B 195 -7.07 65.95 -41.75
C LEU B 195 -6.34 65.81 -43.08
N PHE B 196 -5.73 64.65 -43.33
CA PHE B 196 -5.02 64.40 -44.59
C PHE B 196 -5.95 64.56 -45.79
N VAL B 197 -7.22 64.21 -45.61
CA VAL B 197 -8.19 64.33 -46.71
C VAL B 197 -8.71 65.76 -46.81
N VAL B 198 -9.13 66.35 -45.68
CA VAL B 198 -9.80 67.64 -45.74
C VAL B 198 -8.84 68.75 -46.15
N SER B 199 -7.58 68.68 -45.70
CA SER B 199 -6.64 69.74 -46.06
C SER B 199 -6.36 69.73 -47.55
N TYR B 200 -6.18 68.55 -48.14
CA TYR B 200 -6.00 68.47 -49.59
C TYR B 200 -7.26 68.93 -50.33
N TRP B 201 -8.44 68.58 -49.81
CA TRP B 201 -9.67 69.02 -50.46
C TRP B 201 -9.78 70.55 -50.46
N LEU B 202 -9.48 71.17 -49.32
CA LEU B 202 -9.52 72.63 -49.24
C LEU B 202 -8.47 73.26 -50.15
N PHE B 203 -7.27 72.68 -50.19
CA PHE B 203 -6.23 73.21 -51.06
C PHE B 203 -6.65 73.13 -52.52
N TYR B 204 -7.23 72.00 -52.93
CA TYR B 204 -7.69 71.85 -54.31
C TYR B 204 -8.81 72.82 -54.63
N GLY B 205 -9.73 73.02 -53.69
CA GLY B 205 -10.85 73.92 -53.93
C GLY B 205 -10.49 75.39 -53.90
N VAL B 206 -9.41 75.75 -53.22
CA VAL B 206 -9.03 77.15 -53.05
C VAL B 206 -7.95 77.57 -54.05
N ARG B 207 -6.84 76.85 -54.09
CA ARG B 207 -5.68 77.28 -54.87
C ARG B 207 -5.74 76.85 -56.33
N ILE B 208 -6.74 76.08 -56.74
CA ILE B 208 -6.85 75.58 -58.10
C ILE B 208 -8.15 76.01 -58.77
N LEU B 209 -9.29 75.76 -58.11
CA LEU B 209 -10.58 76.03 -58.72
C LEU B 209 -10.94 77.51 -58.74
N ASP B 210 -10.17 78.36 -58.07
CA ASP B 210 -10.49 79.78 -57.98
C ASP B 210 -9.85 80.62 -59.07
N SER B 211 -9.07 80.03 -59.96
CA SER B 211 -8.40 80.78 -61.02
C SER B 211 -8.23 79.90 -62.25
N ARG B 212 -8.05 80.56 -63.39
CA ARG B 212 -7.80 79.88 -64.66
C ARG B 212 -6.31 79.60 -64.80
N ASP B 213 -5.84 78.68 -63.97
CA ASP B 213 -4.43 78.34 -63.87
C ASP B 213 -4.32 76.86 -63.50
N ARG B 214 -3.16 76.45 -62.99
CA ARG B 214 -2.91 75.07 -62.57
C ARG B 214 -3.07 74.10 -63.73
N ASN B 215 -2.16 74.24 -64.69
CA ASN B 215 -2.12 73.39 -65.87
C ASN B 215 -2.13 71.90 -65.49
N TYR B 216 -2.58 71.06 -66.43
CA TYR B 216 -2.79 69.65 -66.13
C TYR B 216 -1.47 68.97 -65.74
N GLN B 217 -0.38 69.30 -66.43
CA GLN B 217 0.91 68.67 -66.14
C GLN B 217 1.36 68.94 -64.71
N GLY B 218 0.91 70.04 -64.12
CA GLY B 218 1.22 70.34 -62.73
C GLY B 218 0.31 69.72 -61.72
N ILE B 219 -0.76 69.05 -62.15
CA ILE B 219 -1.72 68.44 -61.24
C ILE B 219 -1.45 66.95 -61.07
N VAL B 220 -1.05 66.27 -62.14
CA VAL B 220 -0.84 64.82 -62.07
C VAL B 220 0.27 64.49 -61.08
N GLN B 221 1.37 65.25 -61.09
CA GLN B 221 2.42 65.06 -60.10
C GLN B 221 1.89 65.30 -58.69
N TYR B 222 0.93 66.22 -58.54
CA TYR B 222 0.26 66.37 -57.25
C TYR B 222 -0.57 65.13 -56.92
N ALA B 223 -1.26 64.57 -57.91
CA ALA B 223 -2.15 63.44 -57.66
C ALA B 223 -1.37 62.24 -57.15
N VAL B 224 -0.25 61.91 -57.80
CA VAL B 224 0.58 60.81 -57.33
C VAL B 224 1.20 61.11 -55.98
N SER B 225 1.22 62.39 -55.57
CA SER B 225 1.67 62.74 -54.23
C SER B 225 0.70 62.27 -53.15
N LEU B 226 -0.55 61.99 -53.52
CA LEU B 226 -1.53 61.52 -52.53
C LEU B 226 -1.35 60.04 -52.23
N VAL B 227 -1.40 59.20 -53.27
CA VAL B 227 -1.27 57.75 -53.08
C VAL B 227 0.11 57.41 -52.51
N ASP B 228 1.13 58.21 -52.83
CA ASP B 228 2.43 58.01 -52.23
C ASP B 228 2.40 58.26 -50.73
N ALA B 229 1.64 59.28 -50.30
CA ALA B 229 1.55 59.61 -48.88
C ALA B 229 0.54 58.74 -48.14
N LEU B 230 -0.64 58.50 -48.74
CA LEU B 230 -1.67 57.71 -48.08
C LEU B 230 -1.16 56.30 -47.77
N LEU B 231 -0.47 55.68 -48.73
CA LEU B 231 0.12 54.37 -48.49
C LEU B 231 1.08 54.43 -47.30
N PHE B 232 1.83 55.54 -47.17
CA PHE B 232 2.69 55.70 -46.02
C PHE B 232 1.88 55.68 -44.73
N ILE B 233 0.72 56.34 -44.73
CA ILE B 233 -0.17 56.24 -43.58
C ILE B 233 -0.54 54.78 -43.32
N HIS B 234 -0.81 54.03 -44.39
CA HIS B 234 -1.04 52.60 -44.24
C HIS B 234 0.17 51.93 -43.62
N TYR B 235 1.38 52.30 -44.07
CA TYR B 235 2.60 51.77 -43.48
C TYR B 235 2.70 52.15 -42.01
N LEU B 236 2.11 53.28 -41.62
CA LEU B 236 2.09 53.63 -40.20
C LEU B 236 1.12 52.76 -39.43
N ALA B 237 0.02 52.33 -40.07
CA ALA B 237 -1.02 51.61 -39.35
C ALA B 237 -0.52 50.30 -38.77
N ILE B 238 0.29 49.56 -39.54
CA ILE B 238 0.87 48.32 -39.03
C ILE B 238 1.88 48.62 -37.93
N VAL B 239 2.52 49.78 -37.97
CA VAL B 239 3.54 50.11 -36.98
C VAL B 239 2.90 50.28 -35.60
N LEU B 240 1.80 51.04 -35.53
CA LEU B 240 1.18 51.31 -34.24
C LEU B 240 0.39 50.11 -33.70
N LEU B 241 -0.12 49.26 -34.59
CA LEU B 241 -1.01 48.17 -34.19
C LEU B 241 -0.28 46.85 -33.99
N GLU B 242 0.48 46.40 -34.99
CA GLU B 242 1.08 45.08 -34.96
C GLU B 242 2.59 45.10 -34.72
N LEU B 243 3.32 45.99 -35.40
CA LEU B 243 4.77 46.00 -35.28
C LEU B 243 5.25 46.50 -33.93
N ARG B 244 4.39 47.19 -33.17
CA ARG B 244 4.81 47.73 -31.88
C ARG B 244 4.89 46.64 -30.81
N GLN B 245 4.04 45.64 -30.88
CA GLN B 245 3.99 44.57 -29.88
C GLN B 245 4.88 43.38 -30.22
N LEU B 246 5.61 43.43 -31.33
CA LEU B 246 6.43 42.29 -31.73
C LEU B 246 7.55 42.02 -30.74
N GLN B 247 8.19 43.07 -30.24
CA GLN B 247 9.32 42.88 -29.33
C GLN B 247 8.84 42.42 -27.97
N PRO B 248 9.37 41.32 -27.43
CA PRO B 248 8.96 40.81 -26.09
C PRO B 248 9.56 41.65 -24.96
N MET B 249 8.89 42.75 -24.64
CA MET B 249 9.39 43.68 -23.63
C MET B 249 9.05 43.22 -22.22
N PHE B 250 7.77 43.11 -21.91
CA PHE B 250 7.31 42.83 -20.56
C PHE B 250 6.79 41.39 -20.45
N THR B 251 6.71 40.92 -19.20
CA THR B 251 6.19 39.60 -18.89
C THR B 251 4.97 39.75 -17.99
N LEU B 252 3.89 39.05 -18.35
CA LEU B 252 2.63 39.09 -17.61
C LEU B 252 2.38 37.74 -16.98
N GLN B 253 2.19 37.72 -15.66
CA GLN B 253 1.85 36.52 -14.92
C GLN B 253 0.38 36.62 -14.50
N VAL B 254 -0.42 35.65 -14.93
CA VAL B 254 -1.85 35.63 -14.65
C VAL B 254 -2.13 34.48 -13.69
N VAL B 255 -2.73 34.80 -12.55
CA VAL B 255 -3.07 33.81 -11.53
C VAL B 255 -4.57 33.93 -11.23
N ARG B 256 -5.24 32.78 -11.20
CA ARG B 256 -6.66 32.76 -10.89
C ARG B 256 -6.90 32.87 -9.39
N SER B 257 -7.94 33.61 -9.02
CA SER B 257 -8.26 33.77 -7.60
C SER B 257 -8.92 32.52 -7.02
N THR B 258 -9.63 31.75 -7.84
CA THR B 258 -10.40 30.62 -7.32
C THR B 258 -9.53 29.39 -7.12
N ASP B 259 -8.96 28.86 -8.20
CA ASP B 259 -8.17 27.64 -8.13
C ASP B 259 -6.66 27.89 -8.18
N GLY B 260 -6.23 29.13 -8.38
CA GLY B 260 -4.82 29.45 -8.35
C GLY B 260 -4.04 29.02 -9.57
N GLU B 261 -4.69 28.79 -10.71
CA GLU B 261 -3.97 28.44 -11.92
C GLU B 261 -3.08 29.60 -12.35
N SER B 262 -1.82 29.29 -12.65
CA SER B 262 -0.81 30.30 -12.95
C SER B 262 -0.29 30.10 -14.37
N ARG B 263 -0.23 31.18 -15.13
CA ARG B 263 0.30 31.15 -16.49
C ARG B 263 1.19 32.37 -16.71
N PHE B 264 2.14 32.23 -17.64
CA PHE B 264 3.08 33.29 -17.97
C PHE B 264 3.02 33.58 -19.46
N TYR B 265 3.04 34.86 -19.82
CA TYR B 265 3.03 35.29 -21.20
C TYR B 265 4.02 36.43 -21.37
N SER B 266 4.46 36.63 -22.61
CA SER B 266 5.37 37.71 -22.95
C SER B 266 4.67 38.66 -23.91
N LEU B 267 4.63 39.95 -23.56
CA LEU B 267 3.97 40.97 -24.35
C LEU B 267 4.94 42.11 -24.63
N GLY B 268 4.55 42.99 -25.53
CA GLY B 268 5.33 44.15 -25.90
C GLY B 268 4.81 45.43 -25.27
N HIS B 269 5.07 46.55 -25.95
CA HIS B 269 4.58 47.85 -25.49
C HIS B 269 3.11 47.96 -25.87
N LEU B 270 2.23 47.65 -24.91
CA LEU B 270 0.80 47.65 -25.15
C LEU B 270 0.09 48.36 -24.01
N SER B 271 -1.13 48.80 -24.29
CA SER B 271 -1.95 49.43 -23.26
C SER B 271 -2.44 48.38 -22.27
N ILE B 272 -2.93 48.87 -21.12
CA ILE B 272 -3.45 47.97 -20.08
C ILE B 272 -4.66 47.20 -20.61
N GLN B 273 -5.55 47.89 -21.31
CA GLN B 273 -6.73 47.22 -21.87
C GLN B 273 -6.34 46.17 -22.91
N ARG B 274 -5.34 46.49 -23.75
CA ARG B 274 -4.89 45.52 -24.75
C ARG B 274 -4.25 44.30 -24.09
N ALA B 275 -3.44 44.53 -23.05
CA ALA B 275 -2.87 43.41 -22.31
C ALA B 275 -3.94 42.57 -21.65
N ALA B 276 -4.96 43.20 -21.07
CA ALA B 276 -6.07 42.46 -20.49
C ALA B 276 -6.82 41.64 -21.53
N LEU B 277 -7.03 42.21 -22.72
CA LEU B 277 -7.69 41.46 -23.79
C LEU B 277 -6.86 40.26 -24.24
N VAL B 278 -5.53 40.45 -24.34
CA VAL B 278 -4.65 39.34 -24.69
C VAL B 278 -4.72 38.25 -23.62
N VAL B 279 -4.70 38.65 -22.35
CA VAL B 279 -4.82 37.69 -21.26
C VAL B 279 -6.14 36.93 -21.36
N LEU B 280 -7.23 37.64 -21.64
CA LEU B 280 -8.54 37.00 -21.74
C LEU B 280 -8.59 36.02 -22.90
N GLU B 281 -8.04 36.39 -24.05
CA GLU B 281 -8.09 35.49 -25.20
C GLU B 281 -7.19 34.28 -25.00
N ASN B 282 -6.08 34.43 -24.26
CA ASN B 282 -5.26 33.28 -23.93
C ASN B 282 -5.86 32.43 -22.82
N TYR B 283 -6.74 33.01 -22.00
CA TYR B 283 -7.35 32.27 -20.90
C TYR B 283 -8.19 31.11 -21.39
N TYR B 284 -8.95 31.32 -22.47
CA TYR B 284 -9.85 30.27 -22.96
C TYR B 284 -9.06 29.05 -23.45
N LYS B 285 -7.95 29.27 -24.15
CA LYS B 285 -7.18 28.18 -24.73
C LYS B 285 -6.05 27.70 -23.83
N ASP B 286 -5.79 28.36 -22.71
CA ASP B 286 -4.70 27.98 -21.82
C ASP B 286 -5.18 27.50 -20.44
N PHE B 287 -5.98 28.31 -19.75
CA PHE B 287 -6.38 27.97 -18.40
C PHE B 287 -7.41 26.83 -18.38
N THR B 288 -7.38 26.06 -17.29
CA THR B 288 -8.36 25.00 -17.09
C THR B 288 -9.73 25.61 -16.79
N ILE B 289 -10.78 24.89 -17.19
CA ILE B 289 -12.14 25.37 -16.94
C ILE B 289 -12.38 25.53 -15.45
N TYR B 290 -13.07 26.60 -15.10
CA TYR B 290 -13.39 26.88 -13.70
C TYR B 290 -14.42 25.89 -13.18
N ASN B 291 -14.13 25.28 -12.04
CA ASN B 291 -15.03 24.30 -11.42
C ASN B 291 -15.45 24.78 -10.04
N PRO B 292 -16.69 25.23 -9.86
CA PRO B 292 -17.13 25.67 -8.53
C PRO B 292 -17.35 24.55 -7.54
N ASN B 293 -17.34 23.29 -7.99
CA ASN B 293 -17.52 22.17 -7.06
C ASN B 293 -16.38 22.09 -6.06
N LEU B 294 -15.14 22.31 -6.51
CA LEU B 294 -14.01 22.31 -5.60
C LEU B 294 -14.13 23.45 -4.59
N LEU B 295 -14.59 24.62 -5.03
CA LEU B 295 -14.79 25.74 -4.12
C LEU B 295 -15.87 25.41 -3.07
N THR B 296 -16.95 24.77 -3.50
CA THR B 296 -18.00 24.39 -2.56
C THR B 296 -17.48 23.37 -1.55
N ALA B 297 -16.68 22.40 -2.01
CA ALA B 297 -16.10 21.42 -1.10
C ALA B 297 -15.17 22.09 -0.10
N SER B 298 -14.34 23.02 -0.56
CA SER B 298 -13.45 23.74 0.34
C SER B 298 -14.22 24.56 1.36
N LYS B 299 -15.29 25.22 0.91
CA LYS B 299 -16.12 26.00 1.83
C LYS B 299 -16.80 25.11 2.86
N PHE B 300 -17.28 23.93 2.45
CA PHE B 300 -17.88 22.99 3.37
C PHE B 300 -16.87 22.50 4.40
N ARG B 301 -15.64 22.22 3.95
CA ARG B 301 -14.59 21.79 4.87
C ARG B 301 -14.24 22.91 5.86
N ALA B 302 -14.17 24.15 5.38
CA ALA B 302 -13.78 25.27 6.24
C ALA B 302 -14.88 25.68 7.20
N ALA B 303 -16.15 25.44 6.85
CA ALA B 303 -17.26 25.87 7.68
C ALA B 303 -17.32 25.12 9.01
N LYS B 304 -16.66 23.96 9.12
CA LYS B 304 -16.67 23.22 10.37
C LYS B 304 -16.00 24.00 11.50
N HIS B 305 -14.89 24.67 11.19
CA HIS B 305 -14.21 25.47 12.21
C HIS B 305 -15.10 26.62 12.69
N MET B 306 -15.78 27.29 11.77
CA MET B 306 -16.68 28.37 12.17
C MET B 306 -17.87 27.84 12.98
N ALA B 307 -18.39 26.68 12.59
CA ALA B 307 -19.51 26.09 13.34
C ALA B 307 -19.09 25.70 14.74
N GLY B 308 -17.87 25.17 14.90
CA GLY B 308 -17.40 24.79 16.22
C GLY B 308 -17.30 25.97 17.18
N LEU B 309 -16.82 27.11 16.69
CA LEU B 309 -16.70 28.31 17.52
C LEU B 309 -17.99 29.11 17.49
N THR B 322 -1.68 41.86 22.59
CA THR B 322 -2.19 40.72 21.83
C THR B 322 -1.21 39.55 21.90
N GLY B 323 -0.21 39.66 22.76
CA GLY B 323 0.76 38.59 22.90
C GLY B 323 0.14 37.29 23.41
N GLN B 324 -0.80 37.40 24.35
CA GLN B 324 -1.47 36.22 24.87
C GLN B 324 -2.25 35.51 23.78
N SER B 325 -2.95 36.28 22.93
CA SER B 325 -3.69 35.66 21.82
C SER B 325 -2.75 34.98 20.84
N ARG B 326 -1.60 35.60 20.56
CA ARG B 326 -0.63 34.98 19.67
C ARG B 326 -0.09 33.68 20.26
N ALA B 327 0.21 33.68 21.56
CA ALA B 327 0.67 32.45 22.21
C ALA B 327 -0.40 31.37 22.17
N MET B 328 -1.66 31.75 22.40
CA MET B 328 -2.75 30.77 22.38
C MET B 328 -2.93 30.17 21.00
N ILE B 329 -2.90 31.00 19.95
CA ILE B 329 -3.07 30.47 18.60
C ILE B 329 -1.87 29.65 18.18
N ALA B 330 -0.66 30.02 18.62
CA ALA B 330 0.52 29.20 18.34
C ALA B 330 0.40 27.84 19.01
N ALA B 331 -0.05 27.80 20.26
CA ALA B 331 -0.25 26.53 20.96
C ALA B 331 -1.33 25.69 20.26
N ALA B 332 -2.40 26.33 19.81
CA ALA B 332 -3.45 25.61 19.09
C ALA B 332 -2.92 25.02 17.79
N ALA B 333 -2.11 25.79 17.05
CA ALA B 333 -1.52 25.28 15.82
C ALA B 333 -0.57 24.12 16.10
N ARG B 334 0.22 24.23 17.17
CA ARG B 334 1.13 23.14 17.53
C ARG B 334 0.36 21.88 17.90
N ARG B 335 -0.75 22.03 18.63
CA ARG B 335 -1.58 20.87 18.95
C ARG B 335 -2.21 20.28 17.71
N ARG B 336 -2.65 21.12 16.78
CA ARG B 336 -3.24 20.64 15.53
C ARG B 336 -2.21 19.88 14.69
N ASP B 337 -0.95 20.33 14.71
CA ASP B 337 0.08 19.66 13.92
C ASP B 337 0.31 18.23 14.39
N SER B 338 0.03 17.94 15.66
CA SER B 338 0.15 16.60 16.20
C SER B 338 -1.13 15.79 16.09
N SER B 339 -2.19 16.36 15.53
CA SER B 339 -3.47 15.68 15.40
C SER B 339 -3.45 14.75 14.18
N HIS B 340 -4.57 14.06 13.96
CA HIS B 340 -4.67 13.13 12.85
C HIS B 340 -4.71 13.88 11.53
N ASN B 341 -4.07 13.30 10.51
CA ASN B 341 -4.06 13.87 9.16
C ASN B 341 -5.24 13.30 8.38
N GLU B 342 -6.41 13.90 8.59
CA GLU B 342 -7.63 13.41 7.96
C GLU B 342 -7.62 13.63 6.45
N LEU B 343 -7.01 14.71 5.99
CA LEU B 343 -7.04 15.05 4.57
C LEU B 343 -6.34 14.01 3.71
N TYR B 344 -5.19 13.52 4.16
CA TYR B 344 -4.35 12.67 3.32
C TYR B 344 -5.05 11.35 3.01
N TYR B 345 -5.60 10.69 4.03
CA TYR B 345 -6.22 9.39 3.82
C TYR B 345 -7.46 9.50 2.94
N GLU B 346 -8.29 10.52 3.17
CA GLU B 346 -9.49 10.69 2.34
C GLU B 346 -9.12 11.06 0.91
N GLU B 347 -8.06 11.84 0.71
CA GLU B 347 -7.60 12.14 -0.64
C GLU B 347 -7.10 10.88 -1.33
N ALA B 348 -6.37 10.02 -0.60
CA ALA B 348 -5.91 8.77 -1.19
C ALA B 348 -7.08 7.86 -1.56
N GLU B 349 -8.09 7.78 -0.69
CA GLU B 349 -9.27 6.97 -1.00
C GLU B 349 -10.00 7.52 -2.22
N HIS B 350 -10.14 8.85 -2.31
CA HIS B 350 -10.79 9.45 -3.46
C HIS B 350 -10.01 9.17 -4.74
N GLU B 351 -8.68 9.25 -4.68
CA GLU B 351 -7.86 8.96 -5.85
C GLU B 351 -8.01 7.49 -6.27
N ARG B 352 -8.04 6.58 -5.29
CA ARG B 352 -8.23 5.17 -5.63
C ARG B 352 -9.58 4.93 -6.27
N ARG B 353 -10.63 5.55 -5.74
CA ARG B 353 -11.97 5.41 -6.34
C ARG B 353 -12.00 5.97 -7.74
N VAL B 354 -11.35 7.13 -7.96
CA VAL B 354 -11.30 7.74 -9.28
C VAL B 354 -10.58 6.82 -10.26
N LYS B 355 -9.46 6.23 -9.83
CA LYS B 355 -8.72 5.32 -10.70
C LYS B 355 -9.55 4.09 -11.05
N LYS B 356 -10.25 3.52 -10.06
CA LYS B 356 -11.08 2.35 -10.32
C LYS B 356 -12.20 2.66 -11.30
N ARG B 357 -12.87 3.80 -11.09
CA ARG B 357 -13.95 4.19 -12.00
C ARG B 357 -13.41 4.53 -13.39
N LYS B 358 -12.21 5.11 -13.46
CA LYS B 358 -11.59 5.35 -14.76
C LYS B 358 -11.31 4.06 -15.50
N ALA B 359 -10.80 3.05 -14.79
CA ALA B 359 -10.56 1.75 -15.43
C ALA B 359 -11.86 1.12 -15.90
N ARG B 360 -12.92 1.20 -15.08
CA ARG B 360 -14.21 0.66 -15.47
C ARG B 360 -14.76 1.39 -16.70
N LEU B 361 -14.62 2.72 -16.73
CA LEU B 361 -15.09 3.49 -17.89
C LEU B 361 -14.28 3.14 -19.13
N VAL B 362 -12.97 2.92 -18.98
CA VAL B 362 -12.15 2.53 -20.12
C VAL B 362 -12.61 1.20 -20.68
N VAL B 363 -12.87 0.23 -19.79
CA VAL B 363 -13.35 -1.08 -20.24
C VAL B 363 -14.69 -0.95 -20.93
N ALA B 364 -15.60 -0.15 -20.37
CA ALA B 364 -16.92 0.03 -20.97
C ALA B 364 -16.82 0.69 -22.34
N VAL B 365 -15.93 1.68 -22.49
CA VAL B 365 -15.78 2.36 -23.77
C VAL B 365 -15.15 1.42 -24.79
N GLU B 366 -14.20 0.58 -24.37
CA GLU B 366 -13.63 -0.39 -25.28
C GLU B 366 -14.70 -1.38 -25.77
N GLU B 367 -15.55 -1.86 -24.85
CA GLU B 367 -16.62 -2.76 -25.26
C GLU B 367 -17.61 -2.06 -26.19
N ALA B 368 -17.91 -0.79 -25.92
CA ALA B 368 -18.80 -0.03 -26.79
C ALA B 368 -18.21 0.13 -28.19
N PHE B 369 -16.90 0.38 -28.27
CA PHE B 369 -16.26 0.51 -29.58
C PHE B 369 -16.22 -0.82 -30.31
N ILE B 370 -16.05 -1.92 -29.57
CA ILE B 370 -16.14 -3.25 -30.19
C ILE B 370 -17.54 -3.46 -30.76
N HIS B 371 -18.57 -3.06 -30.01
CA HIS B 371 -19.94 -3.19 -30.51
C HIS B 371 -20.16 -2.31 -31.73
N ILE B 372 -19.56 -1.11 -31.74
CA ILE B 372 -19.68 -0.22 -32.90
C ILE B 372 -19.05 -0.86 -34.13
N GLN B 373 -17.86 -1.46 -33.96
CA GLN B 373 -17.21 -2.13 -35.08
C GLN B 373 -18.04 -3.31 -35.57
N ARG B 374 -18.62 -4.08 -34.64
CA ARG B 374 -19.48 -5.19 -35.03
C ARG B 374 -20.70 -4.72 -35.79
N LEU B 375 -21.32 -3.63 -35.35
CA LEU B 375 -22.48 -3.09 -36.05
C LEU B 375 -22.12 -2.60 -37.44
N GLN B 376 -20.96 -1.94 -37.56
CA GLN B 376 -20.52 -1.48 -38.87
C GLN B 376 -20.26 -2.67 -39.80
N ALA B 377 -19.61 -3.71 -39.29
CA ALA B 377 -19.37 -4.90 -40.10
C ALA B 377 -20.67 -5.55 -40.54
N GLU B 378 -21.65 -5.63 -39.63
CA GLU B 378 -22.94 -6.21 -39.98
C GLU B 378 -23.64 -5.37 -41.05
N GLU B 379 -23.60 -4.04 -40.91
CA GLU B 379 -24.24 -3.16 -41.88
C GLU B 379 -23.51 -3.17 -43.22
N GLN B 380 -22.24 -3.57 -43.25
CA GLN B 380 -21.51 -3.61 -44.51
C GLN B 380 -22.15 -4.57 -45.51
N GLN B 381 -22.57 -5.76 -45.04
CA GLN B 381 -23.15 -6.73 -45.95
C GLN B 381 -24.53 -6.29 -46.45
N LYS B 382 -25.24 -5.49 -45.66
CA LYS B 382 -26.59 -5.09 -46.05
C LYS B 382 -26.60 -4.27 -47.32
N ALA B 383 -25.66 -3.33 -47.45
CA ALA B 383 -25.58 -2.48 -48.64
C ALA B 383 -24.17 -1.97 -48.84
N PRO B 384 -23.55 -2.24 -49.99
CA PRO B 384 -22.20 -1.73 -50.26
C PRO B 384 -22.21 -0.31 -50.79
N GLY B 385 -21.25 0.48 -50.32
CA GLY B 385 -21.14 1.86 -50.73
C GLY B 385 -22.14 2.81 -50.08
N GLU B 386 -22.90 2.33 -49.10
CA GLU B 386 -23.89 3.14 -48.39
C GLU B 386 -23.59 3.06 -46.90
N VAL B 387 -22.77 3.99 -46.41
CA VAL B 387 -22.42 4.01 -45.00
C VAL B 387 -23.63 4.45 -44.18
N MET B 388 -23.81 3.83 -43.02
CA MET B 388 -24.91 4.18 -42.13
C MET B 388 -24.64 5.51 -41.44
N ASP B 389 -25.71 6.21 -41.09
CA ASP B 389 -25.57 7.45 -40.34
C ASP B 389 -25.16 7.16 -38.90
N PRO B 390 -24.13 7.84 -38.38
CA PRO B 390 -23.64 7.50 -37.03
C PRO B 390 -24.61 7.83 -35.92
N ARG B 391 -25.67 8.59 -36.19
CA ARG B 391 -26.57 9.04 -35.13
C ARG B 391 -27.26 7.85 -34.45
N GLU B 392 -27.80 6.92 -35.25
CA GLU B 392 -28.49 5.77 -34.68
C GLU B 392 -27.51 4.83 -33.98
N ALA B 393 -26.28 4.73 -34.50
CA ALA B 393 -25.27 3.94 -33.81
C ALA B 393 -24.96 4.53 -32.44
N ALA B 394 -24.82 5.85 -32.35
CA ALA B 394 -24.62 6.48 -31.06
C ALA B 394 -25.83 6.26 -30.15
N GLN B 395 -27.04 6.34 -30.70
CA GLN B 395 -28.24 6.09 -29.90
C GLN B 395 -28.22 4.70 -29.31
N ALA B 396 -27.85 3.70 -30.10
CA ALA B 396 -27.87 2.32 -29.63
C ALA B 396 -26.70 2.02 -28.70
N ILE B 397 -25.59 2.72 -28.86
CA ILE B 397 -24.38 2.37 -28.10
C ILE B 397 -24.29 3.13 -26.78
N PHE B 398 -24.84 4.34 -26.70
CA PHE B 398 -24.72 5.15 -25.50
C PHE B 398 -25.19 4.46 -24.21
N PRO B 399 -26.32 3.76 -24.16
CA PRO B 399 -26.72 3.14 -22.89
C PRO B 399 -25.72 2.13 -22.35
N SER B 400 -24.89 1.52 -23.20
CA SER B 400 -23.92 0.54 -22.73
C SER B 400 -22.90 1.18 -21.78
N MET B 401 -22.39 2.36 -22.14
CA MET B 401 -21.40 3.06 -21.33
C MET B 401 -22.00 4.20 -20.52
N ALA B 402 -23.33 4.37 -20.56
CA ALA B 402 -23.96 5.51 -19.90
C ALA B 402 -23.75 5.47 -18.39
N ARG B 403 -23.92 4.29 -17.78
CA ARG B 403 -23.78 4.19 -16.34
C ARG B 403 -22.36 4.48 -15.90
N ALA B 404 -21.38 3.90 -16.61
CA ALA B 404 -19.97 4.15 -16.27
C ALA B 404 -19.61 5.61 -16.45
N LEU B 405 -20.06 6.23 -17.54
CA LEU B 405 -19.76 7.64 -17.76
C LEU B 405 -20.40 8.53 -16.70
N GLN B 406 -21.65 8.23 -16.32
CA GLN B 406 -22.30 9.01 -15.27
C GLN B 406 -21.58 8.85 -13.94
N LYS B 407 -21.15 7.63 -13.61
CA LYS B 407 -20.40 7.41 -12.37
C LYS B 407 -19.08 8.18 -12.39
N TYR B 408 -18.37 8.16 -13.52
CA TYR B 408 -17.12 8.89 -13.61
C TYR B 408 -17.34 10.39 -13.49
N LEU B 409 -18.40 10.91 -14.13
CA LEU B 409 -18.70 12.33 -14.01
C LEU B 409 -19.06 12.71 -12.58
N ARG B 410 -19.82 11.85 -11.89
CA ARG B 410 -20.15 12.11 -10.49
C ARG B 410 -18.92 12.12 -9.61
N ILE B 411 -17.99 11.17 -9.82
CA ILE B 411 -16.80 11.11 -8.99
C ILE B 411 -15.81 12.20 -9.35
N THR B 412 -15.89 12.76 -10.56
CA THR B 412 -15.00 13.83 -11.00
C THR B 412 -15.68 15.19 -10.97
N ARG B 413 -16.94 15.26 -10.57
CA ARG B 413 -17.69 16.52 -10.51
C ARG B 413 -17.70 17.23 -11.86
N GLN B 414 -17.84 16.46 -12.93
CA GLN B 414 -17.85 16.98 -14.29
C GLN B 414 -19.17 16.72 -15.01
N GLN B 415 -20.23 16.36 -14.27
CA GLN B 415 -21.51 16.08 -14.91
C GLN B 415 -22.18 17.34 -15.44
N ASN B 416 -21.94 18.48 -14.80
CA ASN B 416 -22.59 19.72 -15.22
C ASN B 416 -22.14 20.15 -16.61
N TYR B 417 -20.83 20.04 -16.88
CA TYR B 417 -20.30 20.50 -18.17
C TYR B 417 -20.68 19.56 -19.31
N HIS B 418 -20.58 18.26 -19.08
CA HIS B 418 -20.83 17.27 -20.12
C HIS B 418 -22.31 16.91 -20.13
N SER B 419 -22.99 17.25 -21.22
CA SER B 419 -24.41 16.95 -21.38
C SER B 419 -24.59 15.71 -22.25
N MET B 420 -25.77 15.10 -22.12
CA MET B 420 -26.07 13.87 -22.85
C MET B 420 -26.03 14.10 -24.36
N GLU B 421 -26.62 15.22 -24.82
CA GLU B 421 -26.57 15.55 -26.24
C GLU B 421 -25.14 15.80 -26.70
N SER B 422 -24.34 16.48 -25.86
CA SER B 422 -22.94 16.71 -26.21
C SER B 422 -22.17 15.41 -26.29
N ILE B 423 -22.43 14.48 -25.38
CA ILE B 423 -21.78 13.17 -25.42
C ILE B 423 -22.15 12.43 -26.69
N LEU B 424 -23.43 12.46 -27.07
CA LEU B 424 -23.86 11.81 -28.31
C LEU B 424 -23.19 12.44 -29.52
N GLN B 425 -23.09 13.77 -29.55
CA GLN B 425 -22.45 14.45 -30.66
C GLN B 425 -20.96 14.09 -30.75
N HIS B 426 -20.28 14.03 -29.61
CA HIS B 426 -18.88 13.64 -29.60
C HIS B 426 -18.70 12.20 -30.07
N LEU B 427 -19.58 11.31 -29.64
CA LEU B 427 -19.51 9.92 -30.08
C LEU B 427 -19.72 9.81 -31.59
N ALA B 428 -20.70 10.54 -32.13
CA ALA B 428 -20.93 10.54 -33.57
C ALA B 428 -19.72 11.09 -34.32
N PHE B 429 -19.12 12.17 -33.80
CA PHE B 429 -17.95 12.74 -34.43
C PHE B 429 -16.79 11.75 -34.45
N CYS B 430 -16.58 11.05 -33.33
CA CYS B 430 -15.54 10.02 -33.28
C CYS B 430 -15.83 8.88 -34.25
N ILE B 431 -17.10 8.47 -34.37
CA ILE B 431 -17.46 7.41 -35.31
C ILE B 431 -17.15 7.86 -36.74
N THR B 432 -17.49 9.11 -37.08
CA THR B 432 -17.16 9.62 -38.41
C THR B 432 -15.66 9.64 -38.64
N ASN B 433 -14.89 10.06 -37.64
CA ASN B 433 -13.43 10.09 -37.78
C ASN B 433 -12.76 8.75 -37.49
N GLY B 434 -13.49 7.78 -36.94
CA GLY B 434 -12.89 6.50 -36.61
C GLY B 434 -11.79 6.59 -35.57
N MET B 435 -11.97 7.43 -34.56
CA MET B 435 -10.95 7.62 -33.55
C MET B 435 -10.89 6.41 -32.61
N THR B 436 -9.73 6.24 -31.97
CA THR B 436 -9.55 5.20 -30.99
C THR B 436 -10.35 5.51 -29.72
N PRO B 437 -10.68 4.50 -28.93
CA PRO B 437 -11.41 4.76 -27.68
C PRO B 437 -10.67 5.67 -26.72
N LYS B 438 -9.33 5.69 -26.77
CA LYS B 438 -8.56 6.55 -25.87
C LYS B 438 -8.84 8.03 -26.14
N ALA B 439 -8.98 8.39 -27.42
CA ALA B 439 -9.28 9.79 -27.76
C ALA B 439 -10.63 10.21 -27.20
N PHE B 440 -11.64 9.34 -27.32
CA PHE B 440 -12.95 9.64 -26.76
C PHE B 440 -12.87 9.72 -25.23
N LEU B 441 -12.12 8.83 -24.61
CA LEU B 441 -12.02 8.80 -23.15
C LEU B 441 -11.34 10.05 -22.61
N GLU B 442 -10.28 10.51 -23.27
CA GLU B 442 -9.47 11.59 -22.71
C GLU B 442 -10.20 12.93 -22.67
N ARG B 443 -11.24 13.12 -23.50
CA ARG B 443 -12.00 14.35 -23.42
C ARG B 443 -12.73 14.48 -22.08
N TYR B 444 -13.32 13.39 -21.61
CA TYR B 444 -13.99 13.37 -20.32
C TYR B 444 -13.07 12.95 -19.18
N LEU B 445 -11.82 12.60 -19.48
CA LEU B 445 -10.89 12.16 -18.44
C LEU B 445 -10.64 13.26 -17.42
N SER B 446 -10.12 14.39 -17.87
CA SER B 446 -9.79 15.52 -16.99
C SER B 446 -10.27 16.81 -17.61
N ALA B 447 -10.50 17.80 -16.75
CA ALA B 447 -10.94 19.11 -17.21
C ALA B 447 -9.85 19.77 -18.03
N GLY B 448 -10.25 20.43 -19.12
CA GLY B 448 -9.31 21.07 -20.00
C GLY B 448 -9.66 22.51 -20.31
N PRO B 449 -9.42 22.93 -21.55
CA PRO B 449 -9.69 24.33 -21.91
C PRO B 449 -11.17 24.64 -21.95
N THR B 450 -11.46 25.94 -21.84
CA THR B 450 -12.85 26.40 -21.87
C THR B 450 -13.51 26.16 -23.23
N LEU B 451 -12.75 26.32 -24.31
CA LEU B 451 -13.34 26.23 -25.65
C LEU B 451 -13.83 24.83 -25.99
N GLN B 452 -13.43 23.81 -25.22
CA GLN B 452 -13.87 22.45 -25.50
C GLN B 452 -15.37 22.29 -25.31
N TYR B 453 -15.93 22.94 -24.29
CA TYR B 453 -17.35 22.78 -23.96
C TYR B 453 -18.20 23.65 -24.88
N ASP B 454 -19.50 23.73 -24.58
CA ASP B 454 -20.43 24.47 -25.42
C ASP B 454 -20.23 25.97 -25.26
N LYS B 455 -20.86 26.72 -26.17
CA LYS B 455 -20.70 28.18 -26.18
C LYS B 455 -21.30 28.80 -24.93
N ASP B 456 -22.44 28.29 -24.47
CA ASP B 456 -23.13 28.88 -23.32
C ASP B 456 -22.34 28.72 -22.02
N ARG B 457 -21.35 27.83 -22.00
CA ARG B 457 -20.57 27.62 -20.78
C ARG B 457 -19.78 28.87 -20.40
N TRP B 458 -19.17 29.52 -21.39
CA TRP B 458 -18.34 30.70 -21.15
C TRP B 458 -19.11 31.97 -21.43
N LEU B 459 -18.79 33.03 -20.68
CA LEU B 459 -19.38 34.34 -20.87
C LEU B 459 -18.28 35.35 -21.16
N SER B 460 -18.45 36.11 -22.25
CA SER B 460 -17.49 37.11 -22.65
C SER B 460 -18.04 38.53 -22.54
N THR B 461 -19.08 38.72 -21.74
CA THR B 461 -19.71 40.01 -21.56
C THR B 461 -19.54 40.60 -20.17
N GLN B 462 -19.48 39.75 -19.14
CA GLN B 462 -19.39 40.21 -17.76
C GLN B 462 -17.97 40.56 -17.34
N TRP B 463 -16.99 40.44 -18.23
CA TRP B 463 -15.61 40.76 -17.89
C TRP B 463 -15.47 42.24 -17.56
N ARG B 464 -14.70 42.53 -16.51
CA ARG B 464 -14.43 43.89 -16.08
C ARG B 464 -12.94 44.05 -15.79
N LEU B 465 -12.45 45.28 -15.90
CA LEU B 465 -11.04 45.59 -15.65
C LEU B 465 -10.92 46.51 -14.45
N VAL B 466 -10.07 46.14 -13.50
CA VAL B 466 -9.82 46.92 -12.30
C VAL B 466 -8.33 47.23 -12.23
N SER B 467 -8.00 48.51 -12.17
CA SER B 467 -6.61 48.95 -12.08
C SER B 467 -6.58 50.38 -11.56
N ASP B 468 -5.65 50.66 -10.65
CA ASP B 468 -5.50 52.01 -10.12
C ASP B 468 -5.10 52.98 -11.23
N GLU B 469 -4.16 52.58 -12.07
CA GLU B 469 -3.74 53.41 -13.19
C GLU B 469 -4.77 53.35 -14.31
N ALA B 470 -4.83 54.43 -15.11
CA ALA B 470 -5.75 54.48 -16.23
C ALA B 470 -5.37 53.44 -17.27
N VAL B 471 -6.39 52.84 -17.89
CA VAL B 471 -6.15 51.78 -18.87
C VAL B 471 -5.53 52.31 -20.15
N THR B 472 -5.60 53.62 -20.38
CA THR B 472 -5.01 54.20 -21.59
C THR B 472 -3.49 54.22 -21.53
N ASN B 473 -2.90 54.17 -20.34
CA ASN B 473 -1.45 54.20 -20.20
C ASN B 473 -0.85 52.86 -20.62
N GLY B 474 0.44 52.91 -21.00
CA GLY B 474 1.13 51.72 -21.41
C GLY B 474 1.58 50.86 -20.24
N LEU B 475 2.10 49.68 -20.57
CA LEU B 475 2.57 48.76 -19.56
C LEU B 475 3.82 49.29 -18.87
N ARG B 476 3.88 49.13 -17.55
CA ARG B 476 5.02 49.57 -16.76
C ARG B 476 5.38 48.48 -15.77
N ASP B 477 6.66 48.46 -15.37
CA ASP B 477 7.11 47.48 -14.41
C ASP B 477 6.44 47.70 -13.05
N GLY B 478 5.99 46.60 -12.45
CA GLY B 478 5.42 46.64 -11.12
C GLY B 478 3.92 46.90 -11.06
N ILE B 479 3.28 47.18 -12.18
CA ILE B 479 1.85 47.45 -12.18
C ILE B 479 1.08 46.13 -12.12
N VAL B 480 -0.05 46.15 -11.43
CA VAL B 480 -0.88 44.97 -11.21
C VAL B 480 -2.32 45.34 -11.52
N PHE B 481 -3.02 44.47 -12.25
CA PHE B 481 -4.43 44.71 -12.51
C PHE B 481 -5.23 43.43 -12.34
N VAL B 482 -6.55 43.56 -12.37
CA VAL B 482 -7.46 42.45 -12.11
C VAL B 482 -8.50 42.41 -13.22
N LEU B 483 -8.78 41.19 -13.70
CA LEU B 483 -9.86 40.93 -14.66
C LEU B 483 -10.95 40.19 -13.91
N LYS B 484 -12.05 40.88 -13.63
CA LYS B 484 -13.17 40.34 -12.88
C LYS B 484 -14.18 39.68 -13.80
N CYS B 485 -14.87 38.67 -13.28
CA CYS B 485 -15.96 38.02 -13.98
C CYS B 485 -16.77 37.25 -12.94
N LEU B 486 -17.88 36.67 -13.40
CA LEU B 486 -18.85 36.08 -12.49
C LEU B 486 -18.20 35.04 -11.59
N ASP B 487 -18.09 35.37 -10.30
CA ASP B 487 -17.59 34.53 -9.21
C ASP B 487 -16.07 34.32 -9.27
N PHE B 488 -15.36 34.87 -10.25
CA PHE B 488 -13.92 34.61 -10.30
C PHE B 488 -13.18 35.78 -10.92
N SER B 489 -11.95 35.98 -10.46
CA SER B 489 -11.09 37.06 -10.92
C SER B 489 -9.70 36.52 -11.24
N LEU B 490 -9.04 37.17 -12.20
CA LEU B 490 -7.68 36.84 -12.59
C LEU B 490 -6.78 38.03 -12.26
N VAL B 491 -5.78 37.80 -11.43
CA VAL B 491 -4.82 38.84 -11.06
C VAL B 491 -3.63 38.75 -12.00
N VAL B 492 -3.31 39.85 -12.66
CA VAL B 492 -2.21 39.90 -13.63
C VAL B 492 -1.14 40.83 -13.10
N ASN B 493 0.08 40.32 -13.00
CA ASN B 493 1.26 41.05 -12.57
C ASN B 493 2.15 41.31 -13.78
N VAL B 494 2.64 42.54 -13.89
CA VAL B 494 3.49 42.96 -15.01
C VAL B 494 4.91 43.17 -14.50
N LYS B 495 5.88 42.55 -15.17
CA LYS B 495 7.28 42.67 -14.79
C LYS B 495 8.10 43.01 -16.03
N LYS B 496 9.25 43.64 -15.79
CA LYS B 496 10.18 44.03 -16.86
C LYS B 496 11.28 42.99 -16.99
N ILE B 497 11.59 42.62 -18.22
CA ILE B 497 12.65 41.64 -18.48
C ILE B 497 13.98 42.23 -18.04
N PRO B 498 14.77 41.51 -17.24
CA PRO B 498 16.05 42.07 -16.76
C PRO B 498 17.04 42.25 -17.91
N PHE B 499 17.94 43.22 -17.72
CA PHE B 499 18.97 43.50 -18.71
C PHE B 499 19.95 42.34 -18.76
N ILE B 500 19.89 41.56 -19.83
CA ILE B 500 20.75 40.39 -20.00
C ILE B 500 22.06 40.84 -20.63
N ILE B 501 23.17 40.50 -19.98
CA ILE B 501 24.50 40.83 -20.46
C ILE B 501 25.17 39.53 -20.89
N LEU B 502 25.58 39.47 -22.17
CA LEU B 502 26.22 38.29 -22.73
C LEU B 502 27.64 38.63 -23.13
N SER B 503 28.58 37.77 -22.77
CA SER B 503 29.98 37.94 -23.10
C SER B 503 30.53 36.65 -23.69
N GLU B 504 31.52 36.79 -24.59
CA GLU B 504 32.14 35.63 -25.24
C GLU B 504 33.24 35.10 -24.33
N GLU B 505 32.82 34.38 -23.29
CA GLU B 505 33.72 33.79 -22.30
C GLU B 505 34.64 34.82 -21.68
N ASP C 106 24.24 59.51 -14.31
CA ASP C 106 23.37 60.51 -14.93
C ASP C 106 24.06 61.16 -16.12
N CYS C 107 25.35 61.49 -15.95
CA CYS C 107 26.10 62.11 -17.04
C CYS C 107 26.24 61.17 -18.23
N LYS C 108 26.49 59.89 -17.98
CA LYS C 108 26.63 58.93 -19.07
C LYS C 108 25.33 58.78 -19.85
N ARG C 109 24.19 58.75 -19.14
CA ARG C 109 22.90 58.64 -19.82
C ARG C 109 22.65 59.83 -20.74
N TYR C 110 22.91 61.04 -20.25
CA TYR C 110 22.73 62.23 -21.07
C TYR C 110 23.71 62.24 -22.24
N LEU C 111 24.95 61.82 -22.03
CA LEU C 111 25.93 61.78 -23.11
C LEU C 111 25.49 60.81 -24.20
N GLY C 112 24.99 59.64 -23.80
CA GLY C 112 24.48 58.69 -24.77
C GLY C 112 23.24 59.17 -25.49
N LEU C 113 22.37 59.90 -24.77
CA LEU C 113 21.12 60.36 -25.37
C LEU C 113 21.35 61.50 -26.36
N THR C 114 22.34 62.36 -26.09
CA THR C 114 22.59 63.50 -26.97
C THR C 114 23.03 63.04 -28.36
N VAL C 115 23.86 61.99 -28.42
CA VAL C 115 24.34 61.49 -29.70
C VAL C 115 23.18 61.00 -30.56
N ALA C 116 22.25 60.26 -29.96
CA ALA C 116 21.11 59.74 -30.70
C ALA C 116 20.04 60.80 -30.93
N SER C 117 20.05 61.90 -30.18
CA SER C 117 19.03 62.93 -30.34
C SER C 117 19.41 63.99 -31.36
N PHE C 118 20.65 64.51 -31.28
CA PHE C 118 21.07 65.57 -32.20
C PHE C 118 21.12 65.07 -33.64
N LEU C 119 21.64 63.86 -33.86
CA LEU C 119 21.69 63.32 -35.21
C LEU C 119 20.29 63.14 -35.78
N GLY C 120 19.37 62.60 -34.97
CA GLY C 120 18.00 62.46 -35.43
C GLY C 120 17.36 63.80 -35.74
N LEU C 121 17.59 64.79 -34.89
CA LEU C 121 17.02 66.12 -35.11
C LEU C 121 17.55 66.72 -36.40
N LEU C 122 18.86 66.60 -36.65
CA LEU C 122 19.41 67.20 -37.87
C LEU C 122 18.96 66.45 -39.12
N VAL C 123 18.88 65.13 -39.07
CA VAL C 123 18.41 64.41 -40.25
C VAL C 123 16.93 64.66 -40.50
N PHE C 124 16.16 64.94 -39.44
CA PHE C 124 14.75 65.25 -39.62
C PHE C 124 14.55 66.68 -40.14
N LEU C 125 15.39 67.61 -39.71
CA LEU C 125 15.28 69.00 -40.15
C LEU C 125 16.03 69.28 -41.44
N THR C 126 16.77 68.30 -41.97
CA THR C 126 17.45 68.49 -43.26
C THR C 126 16.53 68.94 -44.38
N PRO C 127 15.35 68.34 -44.59
CA PRO C 127 14.44 68.91 -45.61
C PRO C 127 14.03 70.35 -45.32
N ILE C 128 13.85 70.69 -44.04
CA ILE C 128 13.50 72.06 -43.68
C ILE C 128 14.62 73.01 -44.06
N ALA C 129 15.87 72.63 -43.78
CA ALA C 129 17.00 73.46 -44.20
C ALA C 129 17.08 73.55 -45.72
N PHE C 130 16.83 72.43 -46.42
CA PHE C 130 16.90 72.44 -47.88
C PHE C 130 15.86 73.37 -48.48
N ILE C 131 14.68 73.45 -47.87
CA ILE C 131 13.63 74.32 -48.40
C ILE C 131 13.70 75.75 -47.87
N LEU C 132 14.46 76.00 -46.80
CA LEU C 132 14.57 77.34 -46.23
C LEU C 132 15.89 78.03 -46.54
N LEU C 133 16.86 77.34 -47.13
CA LEU C 133 18.13 77.98 -47.47
C LEU C 133 18.07 78.84 -48.74
N PRO C 134 17.44 78.39 -49.83
CA PRO C 134 17.36 79.23 -51.03
C PRO C 134 16.70 80.57 -50.78
N PRO C 135 15.60 80.65 -50.00
CA PRO C 135 15.03 81.98 -49.74
C PRO C 135 15.96 82.91 -48.97
N ILE C 136 16.81 82.38 -48.11
CA ILE C 136 17.71 83.23 -47.34
C ILE C 136 19.02 83.51 -48.04
N LEU C 137 19.38 82.72 -49.06
CA LEU C 137 20.63 82.95 -49.78
C LEU C 137 20.48 84.06 -50.81
N TRP C 138 19.45 83.97 -51.65
CA TRP C 138 19.17 84.99 -52.66
C TRP C 138 17.73 85.45 -52.53
N ARG C 139 17.48 86.72 -52.83
CA ARG C 139 16.15 87.30 -52.72
C ARG C 139 15.61 87.85 -54.02
N ASP C 140 16.45 88.53 -54.81
CA ASP C 140 16.02 89.13 -56.06
C ASP C 140 16.17 88.20 -57.26
N GLU C 141 16.69 86.99 -57.05
CA GLU C 141 16.85 86.02 -58.13
C GLU C 141 15.79 84.92 -58.09
N LEU C 142 14.72 85.12 -57.32
CA LEU C 142 13.69 84.10 -57.21
C LEU C 142 12.92 83.96 -58.53
N GLU C 143 12.67 82.72 -58.91
CA GLU C 143 11.84 82.40 -60.06
C GLU C 143 10.41 82.13 -59.63
N PRO C 144 9.43 82.35 -60.53
CA PRO C 144 8.03 82.08 -60.15
C PRO C 144 7.82 80.63 -59.75
N CYS C 145 7.51 80.40 -58.47
CA CYS C 145 7.31 79.04 -57.98
C CYS C 145 5.99 78.46 -58.48
N GLY C 146 4.93 79.24 -58.43
CA GLY C 146 3.62 78.78 -58.87
C GLY C 146 2.85 78.13 -57.73
N THR C 147 2.52 76.85 -57.90
CA THR C 147 1.73 76.11 -56.91
C THR C 147 2.30 74.74 -56.57
N ILE C 148 3.18 74.17 -57.41
CA ILE C 148 3.72 72.84 -57.15
C ILE C 148 4.49 72.82 -55.84
N CYS C 149 5.21 73.90 -55.53
CA CYS C 149 5.95 73.97 -54.27
C CYS C 149 5.01 73.94 -53.08
N GLU C 150 3.89 74.67 -53.16
CA GLU C 150 2.91 74.67 -52.06
C GLU C 150 2.30 73.29 -51.88
N GLY C 151 1.98 72.61 -52.97
CA GLY C 151 1.44 71.26 -52.88
C GLY C 151 2.44 70.26 -52.33
N LEU C 152 3.72 70.43 -52.65
CA LEU C 152 4.74 69.51 -52.14
C LEU C 152 5.09 69.78 -50.69
N PHE C 153 4.96 71.04 -50.23
CA PHE C 153 5.33 71.37 -48.87
C PHE C 153 4.47 70.62 -47.86
N ILE C 154 3.15 70.58 -48.08
CA ILE C 154 2.26 69.92 -47.14
C ILE C 154 2.47 68.41 -47.17
N SER C 155 2.71 67.84 -48.34
CA SER C 155 3.00 66.41 -48.43
C SER C 155 4.29 66.07 -47.69
N MET C 156 5.31 66.92 -47.83
CA MET C 156 6.56 66.71 -47.10
C MET C 156 6.35 66.81 -45.60
N ALA C 157 5.54 67.78 -45.16
CA ALA C 157 5.25 67.90 -43.73
C ALA C 157 4.52 66.67 -43.21
N PHE C 158 3.55 66.16 -43.96
CA PHE C 158 2.83 64.96 -43.53
C PHE C 158 3.75 63.75 -43.49
N LYS C 159 4.64 63.62 -44.48
CA LYS C 159 5.59 62.52 -44.48
C LYS C 159 6.54 62.62 -43.30
N LEU C 160 6.98 63.83 -42.96
CA LEU C 160 7.83 64.02 -41.79
C LEU C 160 7.10 63.65 -40.51
N LEU C 161 5.82 64.02 -40.41
CA LEU C 161 5.03 63.64 -39.23
C LEU C 161 4.89 62.13 -39.12
N ILE C 162 4.64 61.46 -40.25
CA ILE C 162 4.53 60.00 -40.23
C ILE C 162 5.85 59.37 -39.82
N LEU C 163 6.96 59.89 -40.34
CA LEU C 163 8.28 59.38 -39.97
C LEU C 163 8.54 59.58 -38.48
N LEU C 164 8.18 60.74 -37.94
CA LEU C 164 8.35 61.00 -36.51
C LEU C 164 7.53 60.01 -35.68
N ILE C 165 6.27 59.78 -36.07
CA ILE C 165 5.42 58.85 -35.33
C ILE C 165 6.02 57.44 -35.37
N GLY C 166 6.46 57.00 -36.55
CA GLY C 166 7.04 55.68 -36.66
C GLY C 166 8.33 55.52 -35.86
N THR C 167 9.19 56.56 -35.90
CA THR C 167 10.43 56.52 -35.12
C THR C 167 10.14 56.47 -33.63
N TRP C 168 9.16 57.23 -33.17
CA TRP C 168 8.79 57.17 -31.76
C TRP C 168 8.23 55.81 -31.39
N ALA C 169 7.39 55.24 -32.24
CA ALA C 169 6.72 53.98 -31.93
C ALA C 169 7.69 52.80 -31.91
N LEU C 170 8.56 52.71 -32.91
CA LEU C 170 9.36 51.49 -33.07
C LEU C 170 10.71 51.61 -32.37
N PHE C 171 11.39 52.75 -32.51
CA PHE C 171 12.78 52.86 -32.11
C PHE C 171 13.04 53.75 -30.90
N PHE C 172 12.04 54.46 -30.40
CA PHE C 172 12.21 55.26 -29.18
C PHE C 172 11.91 54.36 -27.99
N ARG C 173 12.89 53.52 -27.65
CA ARG C 173 12.75 52.56 -26.57
C ARG C 173 14.11 52.27 -25.97
N LYS C 174 14.10 51.80 -24.73
CA LYS C 174 15.33 51.48 -24.03
C LYS C 174 15.90 50.14 -24.48
N ARG C 175 17.23 50.05 -24.46
CA ARG C 175 17.90 48.81 -24.82
C ARG C 175 17.60 47.72 -23.79
N ARG C 176 17.36 46.51 -24.28
CA ARG C 176 16.98 45.38 -23.44
C ARG C 176 18.14 44.46 -23.09
N ALA C 177 19.02 44.18 -24.05
CA ALA C 177 20.14 43.27 -23.82
C ALA C 177 21.38 43.81 -24.50
N ASP C 178 22.54 43.35 -24.01
CA ASP C 178 23.84 43.76 -24.54
C ASP C 178 24.41 42.63 -25.38
N MET C 179 24.83 42.96 -26.60
CA MET C 179 25.39 41.98 -27.52
C MET C 179 26.89 41.83 -27.28
N PRO C 180 27.38 40.60 -27.10
CA PRO C 180 28.83 40.41 -26.90
C PRO C 180 29.65 40.89 -28.08
N ARG C 181 29.13 40.77 -29.30
CA ARG C 181 29.80 41.22 -30.51
C ARG C 181 28.98 42.34 -31.16
N VAL C 182 29.48 42.84 -32.28
CA VAL C 182 28.79 43.92 -33.00
C VAL C 182 27.56 43.36 -33.68
N PHE C 183 26.48 44.15 -33.70
CA PHE C 183 25.25 43.76 -34.35
C PHE C 183 25.32 44.12 -35.82
N VAL C 184 25.22 43.12 -36.69
CA VAL C 184 25.43 43.34 -38.12
C VAL C 184 24.35 44.23 -38.70
N PHE C 185 23.08 43.92 -38.39
CA PHE C 185 21.97 44.68 -38.97
C PHE C 185 21.97 46.13 -38.49
N ARG C 186 22.20 46.35 -37.20
CA ARG C 186 22.21 47.71 -36.67
C ARG C 186 23.35 48.52 -37.28
N ALA C 187 24.54 47.94 -37.37
CA ALA C 187 25.67 48.63 -37.96
C ALA C 187 25.41 48.94 -39.43
N LEU C 188 24.82 47.98 -40.15
CA LEU C 188 24.49 48.22 -41.56
C LEU C 188 23.50 49.35 -41.71
N LEU C 189 22.46 49.37 -40.88
CA LEU C 189 21.48 50.46 -40.94
C LEU C 189 22.12 51.80 -40.62
N LEU C 190 22.98 51.83 -39.59
CA LEU C 190 23.62 53.09 -39.21
C LEU C 190 24.53 53.61 -40.31
N VAL C 191 25.34 52.75 -40.92
CA VAL C 191 26.24 53.21 -41.97
C VAL C 191 25.44 53.60 -43.21
N LEU C 192 24.35 52.89 -43.50
CA LEU C 192 23.51 53.26 -44.63
C LEU C 192 22.90 54.64 -44.42
N ILE C 193 22.40 54.92 -43.21
CA ILE C 193 21.85 56.23 -42.91
C ILE C 193 22.94 57.31 -42.99
N PHE C 194 24.13 57.00 -42.49
CA PHE C 194 25.22 57.96 -42.51
C PHE C 194 25.58 58.35 -43.94
N LEU C 195 25.74 57.36 -44.82
CA LEU C 195 26.06 57.67 -46.22
C LEU C 195 24.89 58.37 -46.89
N PHE C 196 23.65 57.92 -46.62
CA PHE C 196 22.46 58.54 -47.20
C PHE C 196 22.38 60.03 -46.84
N VAL C 197 22.86 60.39 -45.66
CA VAL C 197 22.81 61.79 -45.24
C VAL C 197 23.99 62.56 -45.83
N VAL C 198 25.20 62.02 -45.70
CA VAL C 198 26.39 62.79 -46.08
C VAL C 198 26.46 62.99 -47.59
N SER C 199 26.04 61.99 -48.38
CA SER C 199 26.11 62.15 -49.83
C SER C 199 25.17 63.25 -50.30
N TYR C 200 23.95 63.29 -49.76
CA TYR C 200 23.03 64.37 -50.10
C TYR C 200 23.55 65.71 -49.63
N TRP C 201 24.17 65.76 -48.44
CA TRP C 201 24.72 67.02 -47.96
C TRP C 201 25.82 67.53 -48.88
N LEU C 202 26.71 66.64 -49.31
CA LEU C 202 27.77 67.04 -50.23
C LEU C 202 27.21 67.47 -51.57
N PHE C 203 26.20 66.75 -52.07
CA PHE C 203 25.58 67.14 -53.33
C PHE C 203 24.94 68.52 -53.24
N TYR C 204 24.23 68.79 -52.14
CA TYR C 204 23.61 70.09 -51.96
C TYR C 204 24.65 71.19 -51.84
N GLY C 205 25.75 70.92 -51.12
CA GLY C 205 26.78 71.93 -50.94
C GLY C 205 27.65 72.17 -52.17
N VAL C 206 27.71 71.22 -53.08
CA VAL C 206 28.58 71.32 -54.25
C VAL C 206 27.81 71.75 -55.50
N ARG C 207 26.75 71.03 -55.85
CA ARG C 207 26.05 71.25 -57.11
C ARG C 207 25.00 72.35 -57.05
N ILE C 208 24.75 72.93 -55.88
CA ILE C 208 23.71 73.95 -55.72
C ILE C 208 24.29 75.25 -55.18
N LEU C 209 25.03 75.18 -54.06
CA LEU C 209 25.52 76.39 -53.41
C LEU C 209 26.69 77.03 -54.13
N ASP C 210 27.27 76.36 -55.13
CA ASP C 210 28.46 76.87 -55.81
C ASP C 210 28.12 77.71 -57.04
N SER C 211 26.85 77.86 -57.39
CA SER C 211 26.46 78.62 -58.57
C SER C 211 25.12 79.29 -58.34
N ARG C 212 24.87 80.34 -59.11
CA ARG C 212 23.60 81.07 -59.06
C ARG C 212 22.59 80.37 -60.00
N ASP C 213 22.19 79.18 -59.58
CA ASP C 213 21.32 78.32 -60.37
C ASP C 213 20.45 77.52 -59.40
N ARG C 214 19.89 76.42 -59.89
CA ARG C 214 19.05 75.52 -59.08
C ARG C 214 17.83 76.27 -58.52
N ASN C 215 16.96 76.66 -59.45
CA ASN C 215 15.72 77.36 -59.11
C ASN C 215 14.92 76.62 -58.06
N TYR C 216 14.06 77.35 -57.34
CA TYR C 216 13.34 76.77 -56.20
C TYR C 216 12.44 75.61 -56.63
N GLN C 217 11.76 75.76 -57.78
CA GLN C 217 10.86 74.71 -58.24
C GLN C 217 11.59 73.40 -58.48
N GLY C 218 12.90 73.46 -58.78
CA GLY C 218 13.69 72.27 -58.96
C GLY C 218 14.26 71.68 -57.69
N ILE C 219 14.10 72.35 -56.56
CA ILE C 219 14.63 71.87 -55.29
C ILE C 219 13.57 71.15 -54.46
N VAL C 220 12.32 71.63 -54.51
CA VAL C 220 11.27 71.03 -53.69
C VAL C 220 11.04 69.57 -54.10
N GLN C 221 11.02 69.30 -55.40
CA GLN C 221 10.92 67.92 -55.86
C GLN C 221 12.10 67.09 -55.39
N TYR C 222 13.28 67.71 -55.25
CA TYR C 222 14.40 67.02 -54.63
C TYR C 222 14.14 66.77 -53.15
N ALA C 223 13.55 67.75 -52.46
CA ALA C 223 13.34 67.62 -51.02
C ALA C 223 12.42 66.46 -50.70
N VAL C 224 11.29 66.35 -51.41
CA VAL C 224 10.38 65.24 -51.20
C VAL C 224 11.03 63.92 -51.61
N SER C 225 12.11 63.97 -52.39
CA SER C 225 12.85 62.75 -52.70
C SER C 225 13.59 62.19 -51.49
N LEU C 226 13.80 63.01 -50.46
CA LEU C 226 14.49 62.53 -49.27
C LEU C 226 13.55 61.74 -48.36
N VAL C 227 12.44 62.37 -47.95
CA VAL C 227 11.50 61.70 -47.06
C VAL C 227 10.89 60.47 -47.72
N ASP C 228 10.77 60.49 -49.06
CA ASP C 228 10.32 59.30 -49.76
C ASP C 228 11.32 58.16 -49.63
N ALA C 229 12.61 58.48 -49.68
CA ALA C 229 13.66 57.46 -49.57
C ALA C 229 13.95 57.08 -48.12
N LEU C 230 14.04 58.06 -47.23
CA LEU C 230 14.36 57.77 -45.83
C LEU C 230 13.32 56.85 -45.21
N LEU C 231 12.03 57.12 -45.47
CA LEU C 231 10.99 56.23 -44.99
C LEU C 231 11.19 54.82 -45.51
N PHE C 232 11.65 54.69 -46.76
CA PHE C 232 11.96 53.36 -47.30
C PHE C 232 13.04 52.69 -46.46
N ILE C 233 14.06 53.45 -46.05
CA ILE C 233 15.06 52.90 -45.13
C ILE C 233 14.38 52.43 -43.85
N HIS C 234 13.42 53.21 -43.35
CA HIS C 234 12.63 52.76 -42.20
C HIS C 234 11.90 51.47 -42.53
N TYR C 235 11.33 51.38 -43.73
CA TYR C 235 10.69 50.13 -44.16
C TYR C 235 11.70 48.99 -44.21
N LEU C 236 12.97 49.29 -44.47
CA LEU C 236 13.98 48.25 -44.42
C LEU C 236 14.28 47.81 -42.99
N ALA C 237 14.18 48.74 -42.04
CA ALA C 237 14.59 48.44 -40.67
C ALA C 237 13.74 47.33 -40.06
N ILE C 238 12.43 47.35 -40.30
CA ILE C 238 11.58 46.28 -39.80
C ILE C 238 11.87 44.98 -40.53
N VAL C 239 12.33 45.05 -41.78
CA VAL C 239 12.60 43.84 -42.55
C VAL C 239 13.77 43.06 -41.94
N LEU C 240 14.86 43.76 -41.64
CA LEU C 240 16.05 43.09 -41.13
C LEU C 240 15.91 42.67 -39.67
N LEU C 241 15.09 43.39 -38.89
CA LEU C 241 15.01 43.16 -37.45
C LEU C 241 13.85 42.24 -37.07
N GLU C 242 12.63 42.56 -37.50
CA GLU C 242 11.43 41.85 -37.06
C GLU C 242 10.85 40.94 -38.13
N LEU C 243 10.75 41.41 -39.37
CA LEU C 243 10.10 40.61 -40.42
C LEU C 243 10.94 39.42 -40.85
N ARG C 244 12.25 39.42 -40.55
CA ARG C 244 13.11 38.32 -40.97
C ARG C 244 12.89 37.07 -40.13
N GLN C 245 12.58 37.23 -38.84
CA GLN C 245 12.41 36.10 -37.92
C GLN C 245 10.98 35.60 -37.84
N LEU C 246 10.06 36.18 -38.62
CA LEU C 246 8.66 35.77 -38.53
C LEU C 246 8.46 34.32 -38.98
N GLN C 247 9.14 33.92 -40.05
CA GLN C 247 8.95 32.58 -40.58
C GLN C 247 9.61 31.54 -39.67
N PRO C 248 8.88 30.51 -39.23
CA PRO C 248 9.46 29.46 -38.36
C PRO C 248 10.36 28.49 -39.13
N MET C 249 11.62 28.89 -39.31
CA MET C 249 12.54 28.10 -40.12
C MET C 249 13.16 26.96 -39.31
N PHE C 250 13.88 27.29 -38.24
CA PHE C 250 14.64 26.32 -37.47
C PHE C 250 13.97 26.05 -36.12
N THR C 251 14.35 24.92 -35.53
CA THR C 251 13.87 24.51 -34.22
C THR C 251 15.05 24.41 -33.27
N LEU C 252 14.90 25.01 -32.09
CA LEU C 252 15.95 25.03 -31.07
C LEU C 252 15.49 24.22 -29.86
N GLN C 253 16.29 23.23 -29.48
CA GLN C 253 16.03 22.41 -28.29
C GLN C 253 17.04 22.80 -27.22
N VAL C 254 16.54 23.25 -26.08
CA VAL C 254 17.37 23.70 -24.97
C VAL C 254 17.24 22.70 -23.83
N VAL C 255 18.37 22.14 -23.40
CA VAL C 255 18.41 21.18 -22.31
C VAL C 255 19.38 21.68 -21.24
N ARG C 256 18.94 21.64 -19.99
CA ARG C 256 19.79 22.07 -18.89
C ARG C 256 20.79 20.99 -18.52
N SER C 257 22.01 21.40 -18.19
CA SER C 257 23.04 20.44 -17.80
C SER C 257 22.83 19.91 -16.39
N THR C 258 22.20 20.68 -15.51
CA THR C 258 22.09 20.29 -14.11
C THR C 258 20.92 19.33 -13.89
N ASP C 259 19.70 19.78 -14.15
CA ASP C 259 18.51 18.97 -13.91
C ASP C 259 17.92 18.36 -15.17
N GLY C 260 18.45 18.70 -16.34
CA GLY C 260 17.99 18.10 -17.57
C GLY C 260 16.65 18.58 -18.09
N GLU C 261 16.21 19.76 -17.66
CA GLU C 261 14.96 20.30 -18.17
C GLU C 261 15.08 20.57 -19.67
N SER C 262 14.10 20.11 -20.43
CA SER C 262 14.12 20.19 -21.89
C SER C 262 12.97 21.04 -22.39
N ARG C 263 13.27 21.97 -23.30
CA ARG C 263 12.26 22.82 -23.91
C ARG C 263 12.54 22.93 -25.40
N PHE C 264 11.48 23.21 -26.16
CA PHE C 264 11.57 23.35 -27.60
C PHE C 264 10.98 24.68 -28.03
N TYR C 265 11.67 25.35 -28.96
CA TYR C 265 11.21 26.63 -29.49
C TYR C 265 11.41 26.63 -30.99
N SER C 266 10.68 27.50 -31.67
CA SER C 266 10.78 27.68 -33.12
C SER C 266 11.26 29.09 -33.42
N LEU C 267 12.35 29.20 -34.17
CA LEU C 267 12.93 30.49 -34.50
C LEU C 267 13.11 30.58 -36.02
N GLY C 268 13.40 31.78 -36.49
CA GLY C 268 13.63 32.05 -37.89
C GLY C 268 15.10 32.19 -38.23
N HIS C 269 15.38 32.95 -39.30
CA HIS C 269 16.75 33.21 -39.71
C HIS C 269 17.34 34.26 -38.80
N LEU C 270 18.07 33.80 -37.78
CA LEU C 270 18.64 34.69 -36.77
C LEU C 270 20.08 34.31 -36.52
N SER C 271 20.83 35.27 -35.97
CA SER C 271 22.22 35.02 -35.61
C SER C 271 22.28 34.12 -34.37
N ILE C 272 23.48 33.57 -34.12
CA ILE C 272 23.68 32.71 -32.96
C ILE C 272 23.46 33.50 -31.67
N GLN C 273 23.98 34.73 -31.62
CA GLN C 273 23.79 35.56 -30.43
C GLN C 273 22.32 35.88 -30.21
N ARG C 274 21.60 36.19 -31.29
CA ARG C 274 20.17 36.48 -31.16
C ARG C 274 19.38 35.26 -30.70
N ALA C 275 19.71 34.09 -31.24
CA ALA C 275 19.07 32.86 -30.79
C ALA C 275 19.36 32.57 -29.32
N ALA C 276 20.61 32.80 -28.89
CA ALA C 276 20.96 32.62 -27.49
C ALA C 276 20.19 33.59 -26.60
N LEU C 277 20.04 34.84 -27.04
CA LEU C 277 19.27 35.81 -26.25
C LEU C 277 17.80 35.41 -26.16
N VAL C 278 17.23 34.91 -27.26
CA VAL C 278 15.85 34.42 -27.23
C VAL C 278 15.72 33.25 -26.27
N VAL C 279 16.67 32.33 -26.31
CA VAL C 279 16.66 31.20 -25.38
C VAL C 279 16.74 31.68 -23.94
N LEU C 280 17.61 32.66 -23.68
CA LEU C 280 17.75 33.18 -22.32
C LEU C 280 16.47 33.85 -21.84
N GLU C 281 15.83 34.65 -22.70
CA GLU C 281 14.61 35.34 -22.27
C GLU C 281 13.45 34.36 -22.10
N ASN C 282 13.42 33.27 -22.87
CA ASN C 282 12.41 32.26 -22.64
C ASN C 282 12.73 31.37 -21.44
N TYR C 283 14.00 31.31 -21.02
CA TYR C 283 14.39 30.47 -19.90
C TYR C 283 13.73 30.92 -18.61
N TYR C 284 13.66 32.24 -18.39
CA TYR C 284 13.11 32.76 -17.13
C TYR C 284 11.63 32.40 -16.99
N LYS C 285 10.86 32.52 -18.06
CA LYS C 285 9.42 32.29 -18.00
C LYS C 285 9.03 30.86 -18.35
N ASP C 286 9.97 30.02 -18.76
CA ASP C 286 9.65 28.64 -19.14
C ASP C 286 10.30 27.61 -18.23
N PHE C 287 11.61 27.67 -18.05
CA PHE C 287 12.31 26.65 -17.28
C PHE C 287 12.03 26.78 -15.79
N THR C 288 12.08 25.65 -15.10
CA THR C 288 11.95 25.63 -13.65
C THR C 288 13.19 26.22 -13.01
N ILE C 289 13.01 26.85 -11.84
CA ILE C 289 14.13 27.44 -11.12
C ILE C 289 15.16 26.37 -10.79
N TYR C 290 16.43 26.75 -10.92
CA TYR C 290 17.52 25.83 -10.62
C TYR C 290 17.62 25.60 -9.12
N ASN C 291 17.69 24.34 -8.72
CA ASN C 291 17.79 23.97 -7.31
C ASN C 291 19.08 23.18 -7.07
N PRO C 292 20.09 23.77 -6.42
CA PRO C 292 21.33 23.03 -6.16
C PRO C 292 21.19 21.97 -5.07
N ASN C 293 20.09 21.95 -4.33
CA ASN C 293 19.91 20.94 -3.29
C ASN C 293 19.83 19.54 -3.88
N LEU C 294 19.14 19.39 -5.01
CA LEU C 294 19.08 18.10 -5.67
C LEU C 294 20.46 17.66 -6.15
N LEU C 295 21.25 18.61 -6.67
CA LEU C 295 22.61 18.30 -7.10
C LEU C 295 23.47 17.86 -5.92
N THR C 296 23.33 18.54 -4.77
CA THR C 296 24.10 18.15 -3.59
C THR C 296 23.69 16.76 -3.11
N ALA C 297 22.38 16.47 -3.13
CA ALA C 297 21.92 15.14 -2.73
C ALA C 297 22.46 14.06 -3.67
N SER C 298 22.44 14.33 -4.98
CA SER C 298 22.98 13.37 -5.94
C SER C 298 24.48 13.16 -5.73
N LYS C 299 25.22 14.24 -5.47
CA LYS C 299 26.65 14.12 -5.21
C LYS C 299 26.92 13.32 -3.95
N PHE C 300 26.12 13.55 -2.90
CA PHE C 300 26.28 12.79 -1.67
C PHE C 300 26.00 11.32 -1.90
N ARG C 301 24.96 11.00 -2.69
CA ARG C 301 24.66 9.61 -3.00
C ARG C 301 25.78 8.96 -3.81
N ALA C 302 26.34 9.70 -4.77
CA ALA C 302 27.37 9.15 -5.63
C ALA C 302 28.72 9.01 -4.92
N ALA C 303 28.98 9.85 -3.92
CA ALA C 303 30.27 9.82 -3.23
C ALA C 303 30.51 8.53 -2.45
N LYS C 304 29.45 7.78 -2.16
CA LYS C 304 29.62 6.52 -1.42
C LYS C 304 30.44 5.51 -2.22
N HIS C 305 30.19 5.43 -3.53
CA HIS C 305 30.96 4.52 -4.37
C HIS C 305 32.44 4.89 -4.40
N MET C 306 32.73 6.19 -4.51
CA MET C 306 34.13 6.63 -4.50
C MET C 306 34.78 6.36 -3.14
N ALA C 307 34.03 6.58 -2.06
CA ALA C 307 34.57 6.33 -0.72
C ALA C 307 34.86 4.84 -0.51
N GLY C 308 34.00 3.97 -1.03
CA GLY C 308 34.21 2.54 -0.87
C GLY C 308 35.49 2.08 -1.55
N LEU C 309 35.77 2.58 -2.74
CA LEU C 309 36.97 2.22 -3.47
C LEU C 309 38.15 3.11 -3.06
N THR C 322 41.65 -5.09 -22.44
CA THR C 322 40.72 -4.57 -21.45
C THR C 322 39.47 -5.45 -21.37
N GLY C 323 39.53 -6.62 -22.02
CA GLY C 323 38.39 -7.51 -21.99
C GLY C 323 38.08 -8.04 -20.60
N GLN C 324 39.13 -8.31 -19.81
CA GLN C 324 38.92 -8.79 -18.44
C GLN C 324 38.23 -7.72 -17.60
N SER C 325 38.64 -6.46 -17.76
CA SER C 325 37.99 -5.38 -17.02
C SER C 325 36.52 -5.24 -17.43
N ARG C 326 36.23 -5.37 -18.73
CA ARG C 326 34.85 -5.29 -19.19
C ARG C 326 34.02 -6.43 -18.60
N ALA C 327 34.58 -7.64 -18.58
CA ALA C 327 33.86 -8.77 -17.99
C ALA C 327 33.62 -8.54 -16.50
N MET C 328 34.62 -8.02 -15.79
CA MET C 328 34.47 -7.77 -14.36
C MET C 328 33.39 -6.72 -14.08
N ILE C 329 33.39 -5.63 -14.86
CA ILE C 329 32.39 -4.60 -14.62
C ILE C 329 31.00 -5.09 -15.02
N ALA C 330 30.91 -5.92 -16.07
CA ALA C 330 29.62 -6.50 -16.42
C ALA C 330 29.10 -7.41 -15.32
N ALA C 331 29.98 -8.23 -14.74
CA ALA C 331 29.57 -9.09 -13.62
C ALA C 331 29.15 -8.26 -12.42
N ALA C 332 29.88 -7.17 -12.14
CA ALA C 332 29.50 -6.29 -11.03
C ALA C 332 28.14 -5.66 -11.26
N ALA C 333 27.87 -5.21 -12.49
CA ALA C 333 26.57 -4.64 -12.81
C ALA C 333 25.46 -5.68 -12.68
N ARG C 334 25.73 -6.91 -13.13
CA ARG C 334 24.74 -7.97 -13.01
C ARG C 334 24.43 -8.27 -11.54
N ARG C 335 25.48 -8.31 -10.71
CA ARG C 335 25.27 -8.53 -9.27
C ARG C 335 24.50 -7.37 -8.65
N ARG C 336 24.80 -6.14 -9.06
CA ARG C 336 24.07 -4.98 -8.54
C ARG C 336 22.61 -5.01 -8.93
N ASP C 337 22.30 -5.49 -10.14
CA ASP C 337 20.93 -5.54 -10.60
C ASP C 337 20.07 -6.46 -9.72
N SER C 338 20.70 -7.47 -9.10
CA SER C 338 20.00 -8.37 -8.20
C SER C 338 20.01 -7.90 -6.75
N SER C 339 20.64 -6.76 -6.46
CA SER C 339 20.71 -6.25 -5.10
C SER C 339 19.42 -5.53 -4.72
N HIS C 340 19.37 -5.04 -3.49
CA HIS C 340 18.20 -4.36 -2.99
C HIS C 340 18.01 -3.02 -3.70
N ASN C 341 16.75 -2.68 -3.99
CA ASN C 341 16.41 -1.40 -4.62
C ASN C 341 16.17 -0.37 -3.52
N GLU C 342 17.27 0.21 -3.03
CA GLU C 342 17.18 1.17 -1.94
C GLU C 342 16.51 2.46 -2.36
N LEU C 343 16.69 2.87 -3.62
CA LEU C 343 16.19 4.17 -4.07
C LEU C 343 14.66 4.21 -4.05
N TYR C 344 14.00 3.14 -4.49
CA TYR C 344 12.56 3.17 -4.67
C TYR C 344 11.82 3.36 -3.34
N TYR C 345 12.19 2.59 -2.32
CA TYR C 345 11.50 2.68 -1.05
C TYR C 345 11.71 4.03 -0.37
N GLU C 346 12.93 4.55 -0.41
CA GLU C 346 13.18 5.85 0.19
C GLU C 346 12.49 6.97 -0.58
N GLU C 347 12.40 6.85 -1.91
CA GLU C 347 11.65 7.83 -2.68
C GLU C 347 10.16 7.78 -2.33
N ALA C 348 9.62 6.57 -2.16
CA ALA C 348 8.21 6.44 -1.78
C ALA C 348 7.96 7.04 -0.40
N GLU C 349 8.87 6.79 0.55
CA GLU C 349 8.73 7.37 1.88
C GLU C 349 8.80 8.89 1.84
N HIS C 350 9.73 9.43 1.04
CA HIS C 350 9.83 10.88 0.90
C HIS C 350 8.58 11.46 0.29
N GLU C 351 8.02 10.80 -0.72
CA GLU C 351 6.78 11.28 -1.34
C GLU C 351 5.62 11.25 -0.34
N ARG C 352 5.54 10.20 0.47
CA ARG C 352 4.49 10.12 1.48
C ARG C 352 4.63 11.23 2.51
N ARG C 353 5.86 11.49 2.96
CA ARG C 353 6.09 12.58 3.91
C ARG C 353 5.74 13.93 3.29
N VAL C 354 6.10 14.14 2.03
CA VAL C 354 5.77 15.39 1.35
C VAL C 354 4.27 15.57 1.25
N LYS C 355 3.54 14.50 0.91
CA LYS C 355 2.09 14.58 0.81
C LYS C 355 1.46 14.88 2.17
N LYS C 356 1.95 14.25 3.23
CA LYS C 356 1.40 14.49 4.56
C LYS C 356 1.65 15.94 5.00
N ARG C 357 2.87 16.44 4.77
CA ARG C 357 3.17 17.82 5.12
C ARG C 357 2.40 18.80 4.26
N LYS C 358 2.15 18.47 2.99
CA LYS C 358 1.33 19.31 2.13
C LYS C 358 -0.10 19.38 2.66
N ALA C 359 -0.66 18.25 3.09
CA ALA C 359 -2.01 18.26 3.65
C ALA C 359 -2.05 19.10 4.94
N ARG C 360 -1.04 18.94 5.80
CA ARG C 360 -0.99 19.74 7.02
C ARG C 360 -0.89 21.23 6.72
N LEU C 361 -0.06 21.59 5.73
CA LEU C 361 0.06 22.99 5.34
C LEU C 361 -1.24 23.53 4.75
N VAL C 362 -1.94 22.71 3.98
CA VAL C 362 -3.23 23.12 3.43
C VAL C 362 -4.23 23.40 4.54
N VAL C 363 -4.28 22.51 5.53
CA VAL C 363 -5.18 22.71 6.66
C VAL C 363 -4.81 23.96 7.44
N ALA C 364 -3.51 24.18 7.66
CA ALA C 364 -3.07 25.37 8.39
C ALA C 364 -3.42 26.64 7.64
N VAL C 365 -3.24 26.64 6.31
CA VAL C 365 -3.55 27.82 5.51
C VAL C 365 -5.05 28.08 5.50
N GLU C 366 -5.86 27.02 5.44
CA GLU C 366 -7.30 27.20 5.51
C GLU C 366 -7.72 27.81 6.84
N GLU C 367 -7.14 27.32 7.94
CA GLU C 367 -7.45 27.89 9.24
C GLU C 367 -7.00 29.35 9.32
N ALA C 368 -5.83 29.66 8.76
CA ALA C 368 -5.34 31.04 8.75
C ALA C 368 -6.27 31.94 7.95
N PHE C 369 -6.77 31.47 6.82
CA PHE C 369 -7.71 32.27 6.02
C PHE C 369 -9.03 32.45 6.75
N ILE C 370 -9.48 31.43 7.48
CA ILE C 370 -10.68 31.57 8.31
C ILE C 370 -10.45 32.66 9.37
N HIS C 371 -9.28 32.65 9.99
CA HIS C 371 -8.96 33.68 10.97
C HIS C 371 -8.90 35.06 10.33
N ILE C 372 -8.38 35.15 9.10
CA ILE C 372 -8.33 36.42 8.39
C ILE C 372 -9.74 36.93 8.14
N GLN C 373 -10.65 36.04 7.69
CA GLN C 373 -12.04 36.45 7.47
C GLN C 373 -12.70 36.89 8.76
N ARG C 374 -12.44 36.18 9.86
CA ARG C 374 -13.00 36.56 11.15
C ARG C 374 -12.49 37.93 11.59
N LEU C 375 -11.18 38.20 11.40
CA LEU C 375 -10.62 39.49 11.76
C LEU C 375 -11.22 40.61 10.92
N GLN C 376 -11.39 40.36 9.62
CA GLN C 376 -12.01 41.36 8.76
C GLN C 376 -13.46 41.63 9.18
N ALA C 377 -14.21 40.58 9.49
CA ALA C 377 -15.58 40.77 9.95
C ALA C 377 -15.62 41.56 11.25
N GLU C 378 -14.72 41.26 12.19
CA GLU C 378 -14.67 42.01 13.44
C GLU C 378 -14.32 43.48 13.21
N GLU C 379 -13.35 43.74 12.32
CA GLU C 379 -12.98 45.12 12.02
C GLU C 379 -14.05 45.87 11.26
N GLN C 380 -14.96 45.15 10.60
CA GLN C 380 -16.03 45.82 9.86
C GLN C 380 -16.91 46.66 10.78
N GLN C 381 -17.27 46.12 11.95
CA GLN C 381 -18.14 46.85 12.86
C GLN C 381 -17.44 48.05 13.48
N LYS C 382 -16.11 48.00 13.61
CA LYS C 382 -15.39 49.08 14.26
C LYS C 382 -15.51 50.39 13.48
N ALA C 383 -15.39 50.32 12.15
CA ALA C 383 -15.49 51.51 11.33
C ALA C 383 -15.94 51.15 9.91
N PRO C 384 -17.04 51.73 9.44
CA PRO C 384 -17.50 51.44 8.07
C PRO C 384 -16.81 52.31 7.04
N GLY C 385 -16.49 51.71 5.91
CA GLY C 385 -15.81 52.41 4.84
C GLY C 385 -14.33 52.64 5.05
N GLU C 386 -13.75 52.06 6.10
CA GLU C 386 -12.33 52.21 6.42
C GLU C 386 -11.74 50.81 6.51
N VAL C 387 -11.23 50.30 5.40
CA VAL C 387 -10.63 48.98 5.39
C VAL C 387 -9.29 49.02 6.12
N MET C 388 -9.00 47.96 6.88
CA MET C 388 -7.74 47.87 7.61
C MET C 388 -6.59 47.58 6.66
N ASP C 389 -5.40 48.02 7.04
CA ASP C 389 -4.21 47.71 6.25
C ASP C 389 -3.84 46.24 6.41
N PRO C 390 -3.59 45.52 5.31
CA PRO C 390 -3.34 44.07 5.42
C PRO C 390 -2.02 43.72 6.10
N ARG C 391 -1.14 44.69 6.31
CA ARG C 391 0.18 44.39 6.87
C ARG C 391 0.07 43.81 8.29
N GLU C 392 -0.74 44.44 9.14
CA GLU C 392 -0.89 43.95 10.52
C GLU C 392 -1.63 42.62 10.55
N ALA C 393 -2.58 42.42 9.64
CA ALA C 393 -3.25 41.13 9.54
C ALA C 393 -2.26 40.03 9.17
N ALA C 394 -1.36 40.30 8.22
CA ALA C 394 -0.32 39.34 7.89
C ALA C 394 0.59 39.09 9.08
N GLN C 395 0.95 40.15 9.80
CA GLN C 395 1.80 40.00 10.98
C GLN C 395 1.15 39.08 12.00
N ALA C 396 -0.15 39.25 12.25
CA ALA C 396 -0.82 38.46 13.27
C ALA C 396 -1.11 37.04 12.79
N ILE C 397 -1.26 36.84 11.48
CA ILE C 397 -1.67 35.54 10.97
C ILE C 397 -0.48 34.63 10.63
N PHE C 398 0.66 35.20 10.25
CA PHE C 398 1.80 34.40 9.85
C PHE C 398 2.25 33.36 10.87
N PRO C 399 2.35 33.65 12.18
CA PRO C 399 2.82 32.61 13.11
C PRO C 399 1.93 31.37 13.14
N SER C 400 0.65 31.50 12.80
CA SER C 400 -0.25 30.34 12.83
C SER C 400 0.20 29.26 11.84
N MET C 401 0.56 29.67 10.63
CA MET C 401 1.01 28.75 9.58
C MET C 401 2.52 28.71 9.42
N ALA C 402 3.26 29.43 10.26
CA ALA C 402 4.71 29.54 10.07
C ALA C 402 5.39 28.19 10.22
N ARG C 403 5.00 27.42 11.25
CA ARG C 403 5.64 26.12 11.48
C ARG C 403 5.37 25.17 10.33
N ALA C 404 4.12 25.11 9.86
CA ALA C 404 3.78 24.23 8.74
C ALA C 404 4.51 24.64 7.48
N LEU C 405 4.58 25.95 7.20
CA LEU C 405 5.26 26.41 6.01
C LEU C 405 6.76 26.12 6.08
N GLN C 406 7.37 26.31 7.26
CA GLN C 406 8.79 26.00 7.41
C GLN C 406 9.05 24.51 7.23
N LYS C 407 8.17 23.66 7.78
CA LYS C 407 8.34 22.22 7.60
C LYS C 407 8.21 21.82 6.14
N TYR C 408 7.24 22.41 5.43
CA TYR C 408 7.07 22.10 4.01
C TYR C 408 8.28 22.57 3.20
N LEU C 409 8.81 23.75 3.51
CA LEU C 409 10.00 24.24 2.81
C LEU C 409 11.20 23.35 3.09
N ARG C 410 11.35 22.88 4.34
CA ARG C 410 12.45 21.98 4.66
C ARG C 410 12.32 20.66 3.91
N ILE C 411 11.10 20.10 3.84
CA ILE C 411 10.93 18.83 3.16
C ILE C 411 11.00 18.98 1.65
N THR C 412 10.77 20.18 1.12
CA THR C 412 10.83 20.43 -0.32
C THR C 412 12.11 21.15 -0.73
N ARG C 413 12.99 21.45 0.22
CA ARG C 413 14.25 22.15 -0.05
C ARG C 413 14.01 23.48 -0.75
N GLN C 414 12.97 24.20 -0.34
CA GLN C 414 12.61 25.47 -0.93
C GLN C 414 12.69 26.62 0.07
N GLN C 415 13.36 26.42 1.21
CA GLN C 415 13.45 27.47 2.22
C GLN C 415 14.35 28.61 1.77
N ASN C 416 15.37 28.32 0.95
CA ASN C 416 16.31 29.35 0.53
C ASN C 416 15.62 30.41 -0.33
N TYR C 417 14.77 29.96 -1.27
CA TYR C 417 14.13 30.90 -2.19
C TYR C 417 13.06 31.75 -1.49
N HIS C 418 12.23 31.11 -0.67
CA HIS C 418 11.12 31.79 -0.02
C HIS C 418 11.59 32.40 1.28
N SER C 419 11.57 33.74 1.36
CA SER C 419 11.96 34.46 2.56
C SER C 419 10.73 34.88 3.36
N MET C 420 10.97 35.16 4.64
CA MET C 420 9.87 35.52 5.52
C MET C 420 9.20 36.83 5.08
N GLU C 421 10.00 37.81 4.68
CA GLU C 421 9.44 39.06 4.17
C GLU C 421 8.66 38.82 2.88
N SER C 422 9.19 37.96 2.00
CA SER C 422 8.48 37.63 0.77
C SER C 422 7.16 36.94 1.05
N ILE C 423 7.14 36.03 2.04
CA ILE C 423 5.91 35.36 2.42
C ILE C 423 4.89 36.36 2.94
N LEU C 424 5.34 37.30 3.79
CA LEU C 424 4.43 38.32 4.30
C LEU C 424 3.88 39.18 3.17
N GLN C 425 4.74 39.56 2.22
CA GLN C 425 4.28 40.37 1.10
C GLN C 425 3.26 39.62 0.25
N HIS C 426 3.50 38.33 0.00
CA HIS C 426 2.55 37.54 -0.77
C HIS C 426 1.22 37.40 -0.04
N LEU C 427 1.28 37.20 1.29
CA LEU C 427 0.05 37.10 2.07
C LEU C 427 -0.73 38.41 2.02
N ALA C 428 -0.04 39.55 2.15
CA ALA C 428 -0.72 40.84 2.05
C ALA C 428 -1.32 41.05 0.67
N PHE C 429 -0.61 40.65 -0.38
CA PHE C 429 -1.13 40.78 -1.73
C PHE C 429 -2.39 39.93 -1.92
N CYS C 430 -2.37 38.70 -1.39
CA CYS C 430 -3.55 37.85 -1.46
C CYS C 430 -4.72 38.44 -0.67
N ILE C 431 -4.43 39.02 0.50
CA ILE C 431 -5.49 39.65 1.29
C ILE C 431 -6.11 40.82 0.51
N THR C 432 -5.28 41.63 -0.14
CA THR C 432 -5.80 42.72 -0.95
C THR C 432 -6.66 42.19 -2.10
N ASN C 433 -6.21 41.12 -2.76
CA ASN C 433 -6.97 40.55 -3.86
C ASN C 433 -8.06 39.58 -3.40
N GLY C 434 -8.06 39.18 -2.13
CA GLY C 434 -9.05 38.24 -1.66
C GLY C 434 -8.98 36.88 -2.32
N MET C 435 -7.77 36.39 -2.57
CA MET C 435 -7.60 35.12 -3.26
C MET C 435 -7.94 33.95 -2.33
N THR C 436 -8.27 32.82 -2.95
CA THR C 436 -8.56 31.61 -2.20
C THR C 436 -7.26 31.04 -1.61
N PRO C 437 -7.36 30.24 -0.54
CA PRO C 437 -6.15 29.66 0.04
C PRO C 437 -5.36 28.78 -0.93
N LYS C 438 -6.03 28.19 -1.92
CA LYS C 438 -5.34 27.34 -2.89
C LYS C 438 -4.34 28.15 -3.71
N ALA C 439 -4.71 29.38 -4.09
CA ALA C 439 -3.80 30.22 -4.85
C ALA C 439 -2.54 30.54 -4.05
N PHE C 440 -2.71 30.86 -2.76
CA PHE C 440 -1.55 31.11 -1.91
C PHE C 440 -0.71 29.86 -1.74
N LEU C 441 -1.36 28.71 -1.59
CA LEU C 441 -0.64 27.45 -1.37
C LEU C 441 0.18 27.06 -2.60
N GLU C 442 -0.38 27.23 -3.79
CA GLU C 442 0.26 26.71 -4.99
C GLU C 442 1.56 27.44 -5.35
N ARG C 443 1.76 28.67 -4.86
CA ARG C 443 3.02 29.36 -5.11
C ARG C 443 4.17 28.64 -4.43
N TYR C 444 3.98 28.20 -3.19
CA TYR C 444 4.98 27.46 -2.45
C TYR C 444 4.87 25.95 -2.63
N LEU C 445 3.85 25.49 -3.36
CA LEU C 445 3.66 24.06 -3.56
C LEU C 445 4.84 23.43 -4.28
N SER C 446 5.12 23.90 -5.50
CA SER C 446 6.20 23.35 -6.31
C SER C 446 6.99 24.50 -6.94
N ALA C 447 8.25 24.20 -7.27
CA ALA C 447 9.10 25.18 -7.89
C ALA C 447 8.59 25.53 -9.28
N GLY C 448 8.65 26.81 -9.62
CA GLY C 448 8.14 27.29 -10.89
C GLY C 448 9.14 28.14 -11.64
N PRO C 449 8.64 29.17 -12.32
CA PRO C 449 9.53 30.02 -13.13
C PRO C 449 10.45 30.87 -12.27
N THR C 450 11.54 31.31 -12.89
CA THR C 450 12.53 32.14 -12.20
C THR C 450 11.95 33.49 -11.80
N LEU C 451 11.10 34.07 -12.65
CA LEU C 451 10.60 35.43 -12.42
C LEU C 451 9.70 35.52 -11.18
N GLN C 452 9.23 34.39 -10.67
CA GLN C 452 8.35 34.42 -9.49
C GLN C 452 9.08 34.94 -8.27
N TYR C 453 10.35 34.57 -8.10
CA TYR C 453 11.10 34.93 -6.90
C TYR C 453 11.63 36.36 -7.02
N ASP C 454 12.49 36.76 -6.09
CA ASP C 454 12.99 38.12 -6.04
C ASP C 454 14.02 38.36 -7.15
N LYS C 455 14.34 39.63 -7.36
CA LYS C 455 15.26 40.01 -8.43
C LYS C 455 16.66 39.46 -8.18
N ASP C 456 17.11 39.47 -6.92
CA ASP C 456 18.47 39.04 -6.60
C ASP C 456 18.67 37.55 -6.84
N ARG C 457 17.59 36.77 -6.97
CA ARG C 457 17.73 35.33 -7.17
C ARG C 457 18.40 35.02 -8.50
N TRP C 458 18.01 35.73 -9.56
CA TRP C 458 18.55 35.49 -10.90
C TRP C 458 19.64 36.49 -11.23
N LEU C 459 20.61 36.04 -12.03
CA LEU C 459 21.71 36.87 -12.50
C LEU C 459 21.70 36.88 -14.02
N SER C 460 21.70 38.09 -14.59
CA SER C 460 21.70 38.27 -16.04
C SER C 460 23.01 38.87 -16.56
N THR C 461 24.08 38.77 -15.77
CA THR C 461 25.38 39.32 -16.15
C THR C 461 26.44 38.27 -16.40
N GLN C 462 26.39 37.14 -15.71
CA GLN C 462 27.41 36.10 -15.83
C GLN C 462 27.18 35.17 -17.01
N TRP C 463 26.13 35.40 -17.80
CA TRP C 463 25.86 34.56 -18.95
C TRP C 463 26.98 34.67 -19.98
N ARG C 464 27.37 33.52 -20.55
CA ARG C 464 28.40 33.45 -21.57
C ARG C 464 27.94 32.54 -22.70
N LEU C 465 28.49 32.77 -23.89
CA LEU C 465 28.14 31.98 -25.07
C LEU C 465 29.37 31.22 -25.54
N VAL C 466 29.20 29.91 -25.75
CA VAL C 466 30.27 29.04 -26.24
C VAL C 466 29.79 28.36 -27.51
N SER C 467 30.54 28.54 -28.59
CA SER C 467 30.21 27.93 -29.86
C SER C 467 31.45 27.92 -30.74
N ASP C 468 31.67 26.80 -31.43
CA ASP C 468 32.82 26.71 -32.34
C ASP C 468 32.70 27.71 -33.49
N GLU C 469 31.50 27.84 -34.06
CA GLU C 469 31.27 28.81 -35.12
C GLU C 469 31.13 30.21 -34.53
N ALA C 470 31.46 31.21 -35.35
CA ALA C 470 31.33 32.60 -34.93
C ALA C 470 29.87 32.95 -34.69
N VAL C 471 29.62 33.77 -33.66
CA VAL C 471 28.26 34.14 -33.31
C VAL C 471 27.63 35.05 -34.36
N THR C 472 28.43 35.68 -35.21
CA THR C 472 27.89 36.55 -36.24
C THR C 472 27.20 35.78 -37.36
N ASN C 473 27.51 34.51 -37.53
CA ASN C 473 26.90 33.70 -38.58
C ASN C 473 25.46 33.34 -38.21
N GLY C 474 24.66 33.05 -39.24
CA GLY C 474 23.27 32.70 -39.03
C GLY C 474 23.10 31.26 -38.57
N LEU C 475 21.86 30.92 -38.23
CA LEU C 475 21.55 29.58 -37.77
C LEU C 475 21.68 28.58 -38.91
N ARG C 476 22.25 27.41 -38.61
CA ARG C 476 22.43 26.35 -39.59
C ARG C 476 22.03 25.02 -38.95
N ASP C 477 21.62 24.09 -39.79
CA ASP C 477 21.24 22.77 -39.29
C ASP C 477 22.44 22.04 -38.70
N GLY C 478 22.25 21.44 -37.54
CA GLY C 478 23.27 20.63 -36.91
C GLY C 478 24.21 21.38 -35.98
N ILE C 479 24.11 22.71 -35.90
CA ILE C 479 25.00 23.47 -35.04
C ILE C 479 24.50 23.39 -33.61
N VAL C 480 25.44 23.38 -32.66
CA VAL C 480 25.15 23.24 -31.24
C VAL C 480 25.94 24.31 -30.49
N PHE C 481 25.29 24.98 -29.54
CA PHE C 481 26.01 25.95 -28.72
C PHE C 481 25.60 25.81 -27.26
N VAL C 482 26.33 26.51 -26.39
CA VAL C 482 26.16 26.39 -24.95
C VAL C 482 26.03 27.80 -24.36
N LEU C 483 25.08 27.96 -23.45
CA LEU C 483 24.91 29.18 -22.66
C LEU C 483 25.34 28.87 -21.24
N LYS C 484 26.51 29.38 -20.86
CA LYS C 484 27.09 29.14 -19.55
C LYS C 484 26.62 30.19 -18.54
N CYS C 485 26.56 29.78 -17.28
CA CYS C 485 26.26 30.68 -16.17
C CYS C 485 26.70 29.99 -14.89
N LEU C 486 26.60 30.72 -13.79
CA LEU C 486 27.16 30.25 -12.51
C LEU C 486 26.61 28.89 -12.14
N ASP C 487 27.48 27.87 -12.21
CA ASP C 487 27.23 26.48 -11.82
C ASP C 487 26.33 25.73 -12.80
N PHE C 488 25.82 26.37 -13.85
CA PHE C 488 24.92 25.64 -14.73
C PHE C 488 25.02 26.15 -16.17
N SER C 489 24.81 25.23 -17.11
CA SER C 489 24.88 25.53 -18.54
C SER C 489 23.67 24.96 -19.25
N LEU C 490 23.26 25.63 -20.32
CA LEU C 490 22.16 25.20 -21.16
C LEU C 490 22.72 24.85 -22.55
N VAL C 491 22.52 23.61 -22.97
CA VAL C 491 22.96 23.17 -24.29
C VAL C 491 21.80 23.33 -25.26
N VAL C 492 22.05 24.06 -26.35
CA VAL C 492 21.02 24.34 -27.35
C VAL C 492 21.43 23.66 -28.66
N ASN C 493 20.53 22.84 -29.19
CA ASN C 493 20.68 22.14 -30.45
C ASN C 493 19.78 22.78 -31.48
N VAL C 494 20.32 23.01 -32.68
CA VAL C 494 19.59 23.65 -33.77
C VAL C 494 19.32 22.60 -34.85
N LYS C 495 18.06 22.49 -35.27
CA LYS C 495 17.65 21.56 -36.30
C LYS C 495 16.82 22.27 -37.35
N LYS C 496 16.82 21.72 -38.56
CA LYS C 496 16.06 22.26 -39.68
C LYS C 496 14.74 21.52 -39.81
N ILE C 497 13.67 22.26 -40.02
CA ILE C 497 12.34 21.66 -40.19
C ILE C 497 12.33 20.83 -41.47
N PRO C 498 11.89 19.58 -41.42
CA PRO C 498 11.90 18.74 -42.63
C PRO C 498 10.93 19.26 -43.68
N PHE C 499 11.25 18.96 -44.93
CA PHE C 499 10.41 19.37 -46.06
C PHE C 499 9.10 18.59 -46.01
N ILE C 500 8.02 19.25 -45.63
CA ILE C 500 6.71 18.63 -45.51
C ILE C 500 6.04 18.63 -46.88
N ILE C 501 5.62 17.47 -47.33
CA ILE C 501 4.93 17.30 -48.60
C ILE C 501 3.49 16.93 -48.32
N LEU C 502 2.56 17.74 -48.81
CA LEU C 502 1.13 17.53 -48.60
C LEU C 502 0.46 17.25 -49.94
N SER C 503 -0.44 16.28 -49.97
CA SER C 503 -1.18 15.92 -51.16
C SER C 503 -2.65 15.78 -50.82
N GLU C 504 -3.51 16.08 -51.80
CA GLU C 504 -4.96 15.99 -51.62
C GLU C 504 -5.39 14.54 -51.89
N GLU C 505 -5.12 13.68 -50.93
CA GLU C 505 -5.44 12.26 -51.00
C GLU C 505 -4.86 11.61 -52.25
N ASP D 106 14.70 -61.87 17.04
CA ASP D 106 13.65 -62.75 17.53
C ASP D 106 14.07 -63.48 18.80
N CYS D 107 15.32 -63.95 18.81
CA CYS D 107 15.84 -64.66 19.98
C CYS D 107 15.93 -63.73 21.19
N LYS D 108 16.36 -62.48 20.99
CA LYS D 108 16.46 -61.55 22.09
C LYS D 108 15.09 -61.24 22.68
N ARG D 109 14.07 -61.08 21.82
CA ARG D 109 12.73 -60.80 22.32
C ARG D 109 12.21 -61.94 23.19
N TYR D 110 12.39 -63.19 22.72
CA TYR D 110 11.96 -64.34 23.51
C TYR D 110 12.75 -64.45 24.81
N LEU D 111 14.05 -64.19 24.76
CA LEU D 111 14.87 -64.26 25.97
C LEU D 111 14.41 -63.23 27.00
N GLY D 112 14.11 -62.02 26.54
CA GLY D 112 13.59 -61.01 27.45
C GLY D 112 12.20 -61.32 27.97
N LEU D 113 11.36 -61.94 27.14
CA LEU D 113 9.99 -62.26 27.55
C LEU D 113 9.95 -63.40 28.56
N THR D 114 10.86 -64.38 28.41
CA THR D 114 10.85 -65.53 29.32
C THR D 114 11.15 -65.11 30.76
N VAL D 115 12.07 -64.17 30.94
CA VAL D 115 12.43 -63.73 32.28
C VAL D 115 11.23 -63.09 32.97
N ALA D 116 10.49 -62.25 32.26
CA ALA D 116 9.32 -61.58 32.83
C ALA D 116 8.11 -62.51 32.91
N SER D 117 8.10 -63.61 32.17
CA SER D 117 6.95 -64.51 32.17
C SER D 117 7.06 -65.60 33.23
N PHE D 118 8.21 -66.26 33.32
CA PHE D 118 8.38 -67.36 34.27
C PHE D 118 8.29 -66.87 35.70
N LEU D 119 8.91 -65.72 36.01
CA LEU D 119 8.84 -65.18 37.35
C LEU D 119 7.41 -64.82 37.73
N GLY D 120 6.68 -64.19 36.81
CA GLY D 120 5.28 -63.87 37.08
C GLY D 120 4.45 -65.13 37.28
N LEU D 121 4.68 -66.14 36.45
CA LEU D 121 3.93 -67.38 36.58
C LEU D 121 4.19 -68.04 37.93
N LEU D 122 5.45 -68.07 38.37
CA LEU D 122 5.76 -68.73 39.64
C LEU D 122 5.23 -67.93 40.82
N VAL D 123 5.32 -66.60 40.78
CA VAL D 123 4.78 -65.81 41.89
C VAL D 123 3.27 -65.89 41.92
N PHE D 124 2.62 -66.08 40.76
CA PHE D 124 1.17 -66.22 40.75
C PHE D 124 0.73 -67.59 41.22
N LEU D 125 1.51 -68.64 40.91
CA LEU D 125 1.17 -70.00 41.32
C LEU D 125 1.69 -70.36 42.70
N THR D 126 2.46 -69.47 43.33
CA THR D 126 2.94 -69.73 44.69
C THR D 126 1.82 -70.05 45.68
N PRO D 127 0.70 -69.32 45.73
CA PRO D 127 -0.40 -69.77 46.60
C PRO D 127 -0.93 -71.14 46.25
N ILE D 128 -0.98 -71.47 44.95
CA ILE D 128 -1.44 -72.80 44.53
C ILE D 128 -0.50 -73.87 45.06
N ALA D 129 0.81 -73.65 44.96
CA ALA D 129 1.77 -74.59 45.52
C ALA D 129 1.62 -74.69 47.04
N PHE D 130 1.41 -73.54 47.70
CA PHE D 130 1.28 -73.54 49.16
C PHE D 130 0.06 -74.34 49.61
N ILE D 131 -1.03 -74.28 48.84
CA ILE D 131 -2.24 -75.01 49.20
C ILE D 131 -2.26 -76.45 48.68
N LEU D 132 -1.40 -76.79 47.72
CA LEU D 132 -1.38 -78.14 47.17
C LEU D 132 -0.20 -78.99 47.65
N LEU D 133 0.75 -78.42 48.38
CA LEU D 133 1.87 -79.20 48.88
C LEU D 133 1.53 -80.03 50.11
N PRO D 134 0.82 -79.49 51.11
CA PRO D 134 0.49 -80.32 52.29
C PRO D 134 -0.30 -81.57 51.94
N PRO D 135 -1.28 -81.52 51.02
CA PRO D 135 -1.97 -82.76 50.66
C PRO D 135 -1.06 -83.82 50.03
N ILE D 136 -0.03 -83.39 49.29
CA ILE D 136 0.85 -84.36 48.64
C ILE D 136 2.01 -84.79 49.52
N LEU D 137 2.31 -84.03 50.59
CA LEU D 137 3.41 -84.41 51.47
C LEU D 137 2.98 -85.49 52.47
N TRP D 138 1.88 -85.27 53.16
CA TRP D 138 1.33 -86.24 54.11
C TRP D 138 -0.12 -86.51 53.78
N ARG D 139 -0.56 -87.74 54.03
CA ARG D 139 -1.91 -88.17 53.72
C ARG D 139 -2.69 -88.64 54.94
N ASP D 140 -2.06 -89.40 55.83
CA ASP D 140 -2.73 -89.94 57.01
C ASP D 140 -2.64 -89.02 58.21
N GLU D 141 -1.96 -87.88 58.10
CA GLU D 141 -1.82 -86.92 59.19
C GLU D 141 -2.73 -85.72 59.02
N LEU D 142 -3.70 -85.78 58.10
CA LEU D 142 -4.58 -84.66 57.86
C LEU D 142 -5.50 -84.41 59.05
N GLU D 143 -5.66 -83.15 59.41
CA GLU D 143 -6.59 -82.72 60.45
C GLU D 143 -7.91 -82.29 59.81
N PRO D 144 -9.01 -82.37 60.56
CA PRO D 144 -10.30 -81.94 60.01
C PRO D 144 -10.30 -80.47 59.59
N CYS D 145 -10.39 -80.22 58.28
CA CYS D 145 -10.35 -78.86 57.78
C CYS D 145 -11.64 -78.11 58.10
N GLY D 146 -12.78 -78.76 57.90
CA GLY D 146 -14.07 -78.14 58.15
C GLY D 146 -14.60 -77.40 56.93
N THR D 147 -14.79 -76.09 57.07
CA THR D 147 -15.34 -75.28 55.99
C THR D 147 -14.56 -73.99 55.73
N ILE D 148 -13.75 -73.52 56.69
CA ILE D 148 -13.02 -72.27 56.51
C ILE D 148 -12.07 -72.35 55.31
N CYS D 149 -11.45 -73.52 55.11
CA CYS D 149 -10.57 -73.69 53.96
C CYS D 149 -11.33 -73.55 52.65
N GLU D 150 -12.52 -74.15 52.57
CA GLU D 150 -13.32 -74.04 51.35
C GLU D 150 -13.73 -72.60 51.09
N GLY D 151 -14.12 -71.87 52.14
CA GLY D 151 -14.47 -70.47 51.98
C GLY D 151 -13.30 -69.60 51.58
N LEU D 152 -12.10 -69.92 52.08
CA LEU D 152 -10.92 -69.13 51.73
C LEU D 152 -10.40 -69.45 50.34
N PHE D 153 -10.62 -70.68 49.86
CA PHE D 153 -10.09 -71.07 48.55
C PHE D 153 -10.72 -70.22 47.44
N ILE D 154 -12.04 -70.04 47.49
CA ILE D 154 -12.72 -69.29 46.44
C ILE D 154 -12.33 -67.81 46.49
N SER D 155 -12.18 -67.27 47.70
CA SER D 155 -11.73 -65.88 47.85
C SER D 155 -10.31 -65.71 47.28
N MET D 156 -9.44 -66.68 47.56
CA MET D 156 -8.08 -66.62 47.02
C MET D 156 -8.09 -66.70 45.50
N ALA D 157 -8.94 -67.57 44.94
CA ALA D 157 -9.05 -67.67 43.49
C ALA D 157 -9.54 -66.36 42.87
N PHE D 158 -10.55 -65.74 43.49
CA PHE D 158 -11.05 -64.47 42.98
C PHE D 158 -9.99 -63.38 43.08
N LYS D 159 -9.25 -63.34 44.18
CA LYS D 159 -8.17 -62.36 44.31
C LYS D 159 -7.09 -62.58 43.27
N LEU D 160 -6.76 -63.85 42.99
CA LEU D 160 -5.78 -64.15 41.95
C LEU D 160 -6.27 -63.70 40.58
N LEU D 161 -7.56 -63.92 40.30
CA LEU D 161 -8.13 -63.46 39.04
C LEU D 161 -8.07 -61.94 38.92
N ILE D 162 -8.39 -61.23 40.00
CA ILE D 162 -8.33 -59.77 39.98
C ILE D 162 -6.89 -59.31 39.76
N LEU D 163 -5.93 -59.95 40.42
CA LEU D 163 -4.53 -59.60 40.24
C LEU D 163 -4.08 -59.84 38.81
N LEU D 164 -4.52 -60.97 38.22
CA LEU D 164 -4.18 -61.24 36.82
C LEU D 164 -4.74 -60.19 35.89
N ILE D 165 -6.00 -59.79 36.10
CA ILE D 165 -6.63 -58.78 35.27
C ILE D 165 -5.89 -57.45 35.40
N GLY D 166 -5.55 -57.06 36.64
CA GLY D 166 -4.83 -55.81 36.83
C GLY D 166 -3.45 -55.83 36.21
N THR D 167 -2.73 -56.94 36.37
CA THR D 167 -1.40 -57.06 35.78
C THR D 167 -1.46 -56.99 34.25
N TRP D 168 -2.46 -57.64 33.65
CA TRP D 168 -2.62 -57.54 32.20
C TRP D 168 -2.95 -56.13 31.77
N ALA D 169 -3.83 -55.45 32.50
CA ALA D 169 -4.30 -54.12 32.11
C ALA D 169 -3.19 -53.07 32.24
N LEU D 170 -2.47 -53.07 33.35
CA LEU D 170 -1.56 -51.96 33.62
C LEU D 170 -0.15 -52.24 33.13
N PHE D 171 0.35 -53.46 33.34
CA PHE D 171 1.77 -53.74 33.14
C PHE D 171 2.09 -54.66 31.97
N PHE D 172 1.08 -55.25 31.33
CA PHE D 172 1.33 -56.07 30.14
C PHE D 172 1.30 -55.16 28.93
N ARG D 173 2.41 -54.43 28.73
CA ARG D 173 2.53 -53.48 27.65
C ARG D 173 4.00 -53.36 27.25
N LYS D 174 4.21 -52.88 26.03
CA LYS D 174 5.56 -52.73 25.49
C LYS D 174 6.21 -51.47 26.05
N ARG D 175 7.53 -51.53 26.20
CA ARG D 175 8.29 -50.38 26.67
C ARG D 175 8.27 -49.27 25.61
N ARG D 176 8.11 -48.03 26.07
CA ARG D 176 8.01 -46.87 25.20
C ARG D 176 9.32 -46.11 25.03
N ALA D 177 10.07 -45.92 26.12
CA ALA D 177 11.31 -45.17 26.06
C ALA D 177 12.37 -45.86 26.91
N ASP D 178 13.63 -45.56 26.61
CA ASP D 178 14.76 -46.14 27.31
C ASP D 178 15.40 -45.09 28.21
N MET D 179 15.60 -45.46 29.49
CA MET D 179 16.21 -44.58 30.48
C MET D 179 17.72 -44.70 30.42
N PRO D 180 18.46 -43.60 30.26
CA PRO D 180 19.92 -43.68 30.28
C PRO D 180 20.48 -44.25 31.58
N ARG D 181 19.84 -43.98 32.71
CA ARG D 181 20.25 -44.51 34.00
C ARG D 181 19.20 -45.49 34.50
N VAL D 182 19.42 -46.01 35.72
CA VAL D 182 18.47 -46.95 36.30
C VAL D 182 17.24 -46.19 36.80
N PHE D 183 16.08 -46.82 36.67
CA PHE D 183 14.83 -46.23 37.14
C PHE D 183 14.65 -46.58 38.62
N VAL D 184 14.55 -45.55 39.46
CA VAL D 184 14.53 -45.76 40.91
C VAL D 184 13.27 -46.51 41.32
N PHE D 185 12.10 -46.06 40.86
CA PHE D 185 10.85 -46.67 41.27
C PHE D 185 10.73 -48.10 40.78
N ARG D 186 11.11 -48.37 39.53
CA ARG D 186 11.02 -49.73 39.01
C ARG D 186 11.96 -50.66 39.75
N ALA D 187 13.19 -50.22 40.01
CA ALA D 187 14.14 -51.05 40.75
C ALA D 187 13.65 -51.31 42.16
N LEU D 188 13.09 -50.29 42.81
CA LEU D 188 12.53 -50.46 44.15
C LEU D 188 11.40 -51.47 44.15
N LEU D 189 10.49 -51.37 43.19
CA LEU D 189 9.39 -52.33 43.10
C LEU D 189 9.90 -53.74 42.86
N LEU D 190 10.88 -53.88 41.96
CA LEU D 190 11.41 -55.21 41.66
C LEU D 190 12.09 -55.84 42.87
N VAL D 191 12.92 -55.07 43.60
CA VAL D 191 13.59 -55.63 44.75
C VAL D 191 12.59 -55.92 45.87
N LEU D 192 11.57 -55.07 46.02
CA LEU D 192 10.54 -55.33 47.01
C LEU D 192 9.79 -56.63 46.70
N ILE D 193 9.44 -56.85 45.43
CA ILE D 193 8.78 -58.10 45.05
C ILE D 193 9.71 -59.29 45.28
N PHE D 194 10.99 -59.13 44.94
CA PHE D 194 11.94 -60.22 45.10
C PHE D 194 12.06 -60.63 46.56
N LEU D 195 12.21 -59.66 47.47
CA LEU D 195 12.30 -60.00 48.89
C LEU D 195 10.97 -60.55 49.40
N PHE D 196 9.84 -59.96 48.96
CA PHE D 196 8.52 -60.42 49.37
C PHE D 196 8.30 -61.88 48.99
N VAL D 197 8.89 -62.32 47.87
CA VAL D 197 8.74 -63.71 47.44
C VAL D 197 9.72 -64.61 48.19
N VAL D 198 11.01 -64.22 48.23
CA VAL D 198 12.04 -65.12 48.76
C VAL D 198 11.86 -65.32 50.27
N SER D 199 11.46 -64.27 51.00
CA SER D 199 11.31 -64.42 52.44
C SER D 199 10.18 -65.40 52.76
N TYR D 200 9.06 -65.30 52.06
CA TYR D 200 7.98 -66.25 52.26
C TYR D 200 8.40 -67.66 51.85
N TRP D 201 9.16 -67.78 50.76
CA TRP D 201 9.61 -69.11 50.36
C TRP D 201 10.51 -69.73 51.42
N LEU D 202 11.44 -68.96 51.97
CA LEU D 202 12.31 -69.48 53.02
C LEU D 202 11.51 -69.82 54.27
N PHE D 203 10.54 -68.99 54.64
CA PHE D 203 9.71 -69.28 55.80
C PHE D 203 8.92 -70.57 55.61
N TYR D 204 8.34 -70.77 54.42
CA TYR D 204 7.60 -71.98 54.14
C TYR D 204 8.50 -73.20 54.17
N GLY D 205 9.72 -73.08 53.61
CA GLY D 205 10.63 -74.20 53.57
C GLY D 205 11.28 -74.54 54.90
N VAL D 206 11.34 -73.58 55.82
CA VAL D 206 12.02 -73.78 57.10
C VAL D 206 11.04 -74.11 58.22
N ARG D 207 10.03 -73.26 58.42
CA ARG D 207 9.15 -73.38 59.57
C ARG D 207 7.99 -74.34 59.36
N ILE D 208 7.83 -74.90 58.17
CA ILE D 208 6.72 -75.79 57.85
C ILE D 208 7.20 -77.16 57.39
N LEU D 209 8.08 -77.18 56.39
CA LEU D 209 8.51 -78.45 55.80
C LEU D 209 9.48 -79.22 56.68
N ASP D 210 10.00 -78.62 57.74
CA ASP D 210 11.00 -79.27 58.58
C ASP D 210 10.41 -80.05 59.74
N SER D 211 9.09 -80.04 59.91
CA SER D 211 8.46 -80.74 61.02
C SER D 211 7.08 -81.24 60.61
N ARG D 212 6.61 -82.26 61.32
CA ARG D 212 5.27 -82.82 61.10
C ARG D 212 4.24 -82.01 61.88
N ASP D 213 4.04 -80.78 61.43
CA ASP D 213 3.19 -79.80 62.10
C ASP D 213 2.57 -78.92 61.03
N ARG D 214 2.07 -77.75 61.43
CA ARG D 214 1.47 -76.77 60.53
C ARG D 214 0.26 -77.38 59.80
N ASN D 215 -0.77 -77.65 60.59
CA ASN D 215 -2.04 -78.19 60.09
C ASN D 215 -2.59 -77.37 58.93
N TYR D 216 -3.42 -78.00 58.10
CA TYR D 216 -3.89 -77.34 56.88
C TYR D 216 -4.70 -76.09 57.19
N GLN D 217 -5.54 -76.14 58.22
CA GLN D 217 -6.37 -74.98 58.57
C GLN D 217 -5.52 -73.77 58.93
N GLY D 218 -4.29 -73.99 59.41
CA GLY D 218 -3.39 -72.90 59.70
C GLY D 218 -2.59 -72.38 58.53
N ILE D 219 -2.67 -73.04 57.38
CA ILE D 219 -1.91 -72.64 56.19
C ILE D 219 -2.75 -71.81 55.24
N VAL D 220 -4.04 -72.14 55.10
CA VAL D 220 -4.89 -71.42 54.15
C VAL D 220 -5.00 -69.94 54.54
N GLN D 221 -5.17 -69.65 55.83
CA GLN D 221 -5.17 -68.26 56.28
C GLN D 221 -3.84 -67.59 55.97
N TYR D 222 -2.74 -68.35 56.00
CA TYR D 222 -1.47 -67.81 55.55
C TYR D 222 -1.49 -67.54 54.05
N ALA D 223 -2.08 -68.44 53.27
CA ALA D 223 -2.08 -68.31 51.81
C ALA D 223 -2.80 -67.04 51.38
N VAL D 224 -4.00 -66.80 51.93
CA VAL D 224 -4.72 -65.58 51.60
C VAL D 224 -3.99 -64.34 52.11
N SER D 225 -3.03 -64.52 53.03
CA SER D 225 -2.21 -63.39 53.46
C SER D 225 -1.25 -62.94 52.37
N LEU D 226 -0.99 -63.79 51.37
CA LEU D 226 -0.08 -63.40 50.29
C LEU D 226 -0.79 -62.52 49.27
N VAL D 227 -1.90 -63.01 48.70
CA VAL D 227 -2.63 -62.25 47.70
C VAL D 227 -3.17 -60.94 48.28
N ASP D 228 -3.47 -60.93 49.58
CA ASP D 228 -3.87 -59.69 50.23
C ASP D 228 -2.73 -58.68 50.24
N ALA D 229 -1.50 -59.15 50.46
CA ALA D 229 -0.34 -58.27 50.51
C ALA D 229 0.19 -57.93 49.12
N LEU D 230 0.28 -58.93 48.24
CA LEU D 230 0.83 -58.69 46.91
C LEU D 230 0.00 -57.66 46.15
N LEU D 231 -1.34 -57.77 46.23
CA LEU D 231 -2.20 -56.77 45.62
C LEU D 231 -1.89 -55.38 46.18
N PHE D 232 -1.60 -55.29 47.48
CA PHE D 232 -1.20 -54.02 48.07
C PHE D 232 0.06 -53.49 47.39
N ILE D 233 1.02 -54.37 47.12
CA ILE D 233 2.20 -53.96 46.34
C ILE D 233 1.76 -53.41 44.99
N HIS D 234 0.80 -54.08 44.35
CA HIS D 234 0.23 -53.54 43.12
C HIS D 234 -0.37 -52.17 43.35
N TYR D 235 -1.08 -52.00 44.47
CA TYR D 235 -1.62 -50.68 44.81
C TYR D 235 -0.50 -49.67 45.01
N LEU D 236 0.67 -50.12 45.43
CA LEU D 236 1.81 -49.21 45.54
C LEU D 236 2.34 -48.83 44.16
N ALA D 237 2.27 -49.74 43.19
CA ALA D 237 2.90 -49.50 41.89
C ALA D 237 2.28 -48.30 41.19
N ILE D 238 0.95 -48.17 41.24
CA ILE D 238 0.31 -47.00 40.64
C ILE D 238 0.65 -45.74 41.42
N VAL D 239 0.93 -45.85 42.72
CA VAL D 239 1.23 -44.68 43.53
C VAL D 239 2.56 -44.06 43.10
N LEU D 240 3.59 -44.88 42.93
CA LEU D 240 4.91 -44.37 42.60
C LEU D 240 5.02 -43.94 41.14
N LEU D 241 4.25 -44.57 40.26
CA LEU D 241 4.39 -44.34 38.82
C LEU D 241 3.41 -43.29 38.29
N GLU D 242 2.11 -43.46 38.54
CA GLU D 242 1.08 -42.61 37.95
C GLU D 242 0.47 -41.62 38.93
N LEU D 243 0.14 -42.07 40.14
CA LEU D 243 -0.54 -41.19 41.09
C LEU D 243 0.38 -40.11 41.66
N ARG D 244 1.69 -40.26 41.54
CA ARG D 244 2.62 -39.27 42.08
C ARG D 244 2.67 -38.01 41.22
N GLN D 245 2.52 -38.14 39.91
CA GLN D 245 2.62 -37.01 39.00
C GLN D 245 1.28 -36.34 38.71
N LEU D 246 0.20 -36.80 39.34
CA LEU D 246 -1.11 -36.22 39.06
C LEU D 246 -1.19 -34.76 39.49
N GLN D 247 -0.63 -34.43 40.65
CA GLN D 247 -0.73 -33.07 41.17
C GLN D 247 0.17 -32.13 40.36
N PRO D 248 -0.36 -31.04 39.84
CA PRO D 248 0.46 -30.06 39.07
C PRO D 248 1.34 -29.20 39.97
N MET D 249 2.51 -29.75 40.32
CA MET D 249 3.40 -29.06 41.24
C MET D 249 4.26 -28.01 40.54
N PHE D 250 5.08 -28.45 39.57
CA PHE D 250 6.04 -27.58 38.93
C PHE D 250 5.60 -27.23 37.51
N THR D 251 6.20 -26.16 36.97
CA THR D 251 5.96 -25.71 35.61
C THR D 251 7.26 -25.76 34.83
N LEU D 252 7.22 -26.36 33.65
CA LEU D 252 8.39 -26.51 32.78
C LEU D 252 8.19 -25.66 31.53
N GLN D 253 9.15 -24.78 31.27
CA GLN D 253 9.16 -23.95 30.06
C GLN D 253 10.25 -24.46 29.14
N VAL D 254 9.86 -24.86 27.93
CA VAL D 254 10.78 -25.43 26.95
C VAL D 254 10.92 -24.43 25.81
N VAL D 255 12.17 -24.02 25.54
CA VAL D 255 12.46 -23.07 24.48
C VAL D 255 13.51 -23.69 23.55
N ARG D 256 13.27 -23.60 22.24
CA ARG D 256 14.19 -24.14 21.27
C ARG D 256 15.35 -23.19 21.05
N SER D 257 16.55 -23.74 20.88
CA SER D 257 17.73 -22.92 20.64
C SER D 257 17.78 -22.38 19.22
N THR D 258 17.19 -23.08 18.26
CA THR D 258 17.32 -22.68 16.86
C THR D 258 16.32 -21.60 16.48
N ASP D 259 15.02 -21.90 16.57
CA ASP D 259 13.99 -20.95 16.17
C ASP D 259 13.30 -20.27 17.35
N GLY D 260 13.63 -20.65 18.58
CA GLY D 260 13.08 -19.98 19.74
C GLY D 260 11.64 -20.31 20.06
N GLU D 261 11.11 -21.43 19.57
CA GLU D 261 9.75 -21.81 19.90
C GLU D 261 9.64 -22.08 21.40
N SER D 262 8.62 -21.50 22.03
CA SER D 262 8.45 -21.57 23.47
C SER D 262 7.13 -22.26 23.80
N ARG D 263 7.19 -23.21 24.74
CA ARG D 263 6.01 -23.92 25.19
C ARG D 263 6.06 -24.06 26.71
N PHE D 264 4.89 -24.20 27.31
CA PHE D 264 4.76 -24.33 28.76
C PHE D 264 3.96 -25.58 29.10
N TYR D 265 4.42 -26.33 30.10
CA TYR D 265 3.74 -27.53 30.56
C TYR D 265 3.74 -27.55 32.07
N SER D 266 2.81 -28.31 32.63
CA SER D 266 2.69 -28.49 34.07
C SER D 266 2.94 -29.94 34.42
N LEU D 267 3.89 -30.18 35.32
CA LEU D 267 4.27 -31.53 35.73
C LEU D 267 4.21 -31.63 37.24
N GLY D 268 4.30 -32.86 37.74
CA GLY D 268 4.29 -33.15 39.16
C GLY D 268 5.67 -33.46 39.70
N HIS D 269 5.71 -34.20 40.80
CA HIS D 269 6.96 -34.63 41.41
C HIS D 269 7.54 -35.75 40.57
N LEU D 270 8.47 -35.40 39.67
CA LEU D 270 9.05 -36.35 38.74
C LEU D 270 10.56 -36.16 38.70
N SER D 271 11.25 -37.20 38.27
CA SER D 271 12.70 -37.12 38.10
C SER D 271 13.03 -36.28 36.87
N ILE D 272 14.31 -35.92 36.76
CA ILE D 272 14.76 -35.12 35.62
C ILE D 272 14.60 -35.90 34.33
N GLN D 273 14.91 -37.21 34.36
CA GLN D 273 14.78 -38.04 33.18
C GLN D 273 13.32 -38.13 32.73
N ARG D 274 12.40 -38.32 33.69
CA ARG D 274 10.99 -38.42 33.35
C ARG D 274 10.46 -37.10 32.80
N ALA D 275 10.87 -35.98 33.40
CA ALA D 275 10.47 -34.68 32.87
C ALA D 275 11.00 -34.44 31.47
N ALA D 276 12.26 -34.83 31.22
CA ALA D 276 12.82 -34.71 29.87
C ALA D 276 12.05 -35.59 28.88
N LEU D 277 11.68 -36.81 29.28
CA LEU D 277 10.91 -37.68 28.40
C LEU D 277 9.54 -37.09 28.10
N VAL D 278 8.89 -36.51 29.10
CA VAL D 278 7.60 -35.85 28.86
C VAL D 278 7.76 -34.67 27.91
N VAL D 279 8.81 -33.88 28.10
CA VAL D 279 9.08 -32.77 27.19
C VAL D 279 9.30 -33.27 25.78
N LEU D 280 10.06 -34.35 25.62
CA LEU D 280 10.33 -34.89 24.29
C LEU D 280 9.07 -35.41 23.63
N GLU D 281 8.22 -36.11 24.38
CA GLU D 281 7.00 -36.66 23.78
C GLU D 281 6.01 -35.54 23.45
N ASN D 282 6.01 -34.45 24.20
CA ASN D 282 5.16 -33.31 23.85
C ASN D 282 5.76 -32.48 22.72
N TYR D 283 7.07 -32.58 22.49
CA TYR D 283 7.72 -31.80 21.44
C TYR D 283 7.21 -32.19 20.06
N TYR D 284 7.01 -33.49 19.81
CA TYR D 284 6.59 -33.94 18.50
C TYR D 284 5.20 -33.41 18.14
N LYS D 285 4.28 -33.42 19.10
CA LYS D 285 2.90 -33.03 18.84
C LYS D 285 2.62 -31.56 19.14
N ASP D 286 3.59 -30.83 19.69
CA ASP D 286 3.40 -29.43 20.03
C ASP D 286 4.28 -28.49 19.23
N PHE D 287 5.60 -28.71 19.25
CA PHE D 287 6.52 -27.78 18.60
C PHE D 287 6.44 -27.89 17.08
N THR D 288 6.72 -26.78 16.41
CA THR D 288 6.79 -26.76 14.96
C THR D 288 8.03 -27.50 14.49
N ILE D 289 7.93 -28.11 13.30
CA ILE D 289 9.06 -28.85 12.74
C ILE D 289 10.25 -27.92 12.56
N TYR D 290 11.44 -28.45 12.87
CA TYR D 290 12.66 -27.67 12.73
C TYR D 290 13.00 -27.47 11.26
N ASN D 291 13.28 -26.22 10.89
CA ASN D 291 13.61 -25.88 9.50
C ASN D 291 15.00 -25.26 9.45
N PRO D 292 16.02 -25.97 8.95
CA PRO D 292 17.35 -25.38 8.87
C PRO D 292 17.51 -24.33 7.78
N ASN D 293 16.52 -24.18 6.89
CA ASN D 293 16.61 -23.17 5.85
C ASN D 293 16.63 -21.76 6.44
N LEU D 294 15.80 -21.52 7.46
CA LEU D 294 15.82 -20.21 8.13
C LEU D 294 17.16 -19.96 8.79
N LEU D 295 17.74 -20.98 9.41
CA LEU D 295 19.06 -20.83 10.01
C LEU D 295 20.12 -20.51 8.96
N THR D 296 20.07 -21.18 7.81
CA THR D 296 21.02 -20.89 6.75
C THR D 296 20.85 -19.47 6.23
N ALA D 297 19.60 -19.02 6.07
CA ALA D 297 19.36 -17.65 5.63
C ALA D 297 19.90 -16.64 6.64
N SER D 298 19.67 -16.89 7.94
CA SER D 298 20.18 -16.00 8.96
C SER D 298 21.70 -15.97 8.97
N LYS D 299 22.33 -17.14 8.80
CA LYS D 299 23.79 -17.19 8.75
C LYS D 299 24.33 -16.44 7.53
N PHE D 300 23.67 -16.58 6.38
CA PHE D 300 24.08 -15.85 5.20
C PHE D 300 23.94 -14.35 5.40
N ARG D 301 22.86 -13.91 6.03
CA ARG D 301 22.69 -12.48 6.31
C ARG D 301 23.75 -11.97 7.27
N ALA D 302 24.09 -12.77 8.29
CA ALA D 302 25.05 -12.34 9.30
C ALA D 302 26.49 -12.38 8.78
N ALA D 303 26.78 -13.24 7.80
CA ALA D 303 28.15 -13.38 7.31
C ALA D 303 28.64 -12.12 6.59
N LYS D 304 27.73 -11.25 6.15
CA LYS D 304 28.15 -10.04 5.46
C LYS D 304 28.96 -9.13 6.38
N HIS D 305 28.55 -9.00 7.64
CA HIS D 305 29.29 -8.18 8.58
C HIS D 305 30.69 -8.72 8.81
N MET D 306 30.82 -10.05 8.95
CA MET D 306 32.14 -10.65 9.13
C MET D 306 33.00 -10.48 7.89
N ALA D 307 32.40 -10.61 6.71
CA ALA D 307 33.15 -10.44 5.46
C ALA D 307 33.63 -9.01 5.31
N GLY D 308 32.82 -8.04 5.70
CA GLY D 308 33.22 -6.64 5.59
C GLY D 308 34.44 -6.32 6.45
N LEU D 309 34.48 -6.84 7.66
CA LEU D 309 35.61 -6.63 8.56
C LEU D 309 36.72 -7.65 8.31
N THR D 322 38.47 0.22 28.05
CA THR D 322 37.62 -0.18 26.94
C THR D 322 36.51 0.83 26.69
N GLY D 323 36.62 1.99 27.35
CA GLY D 323 35.61 3.03 27.16
C GLY D 323 35.56 3.56 25.75
N GLN D 324 36.73 3.71 25.13
CA GLN D 324 36.77 4.19 23.74
C GLN D 324 36.09 3.21 22.80
N SER D 325 36.31 1.91 23.00
CA SER D 325 35.65 0.90 22.17
C SER D 325 34.13 0.94 22.38
N ARG D 326 33.69 1.11 23.62
CA ARG D 326 32.25 1.21 23.89
C ARG D 326 31.65 2.44 23.21
N ALA D 327 32.35 3.57 23.27
CA ALA D 327 31.86 4.77 22.59
C ALA D 327 31.81 4.57 21.09
N MET D 328 32.82 3.92 20.52
CA MET D 328 32.85 3.69 19.08
C MET D 328 31.70 2.77 18.64
N ILE D 329 31.46 1.69 19.40
CA ILE D 329 30.38 0.78 19.01
C ILE D 329 29.02 1.44 19.23
N ALA D 330 28.88 2.29 20.26
CA ALA D 330 27.64 3.03 20.43
C ALA D 330 27.39 3.98 19.27
N ALA D 331 28.43 4.68 18.82
CA ALA D 331 28.29 5.57 17.68
C ALA D 331 27.95 4.79 16.41
N ALA D 332 28.57 3.61 16.23
CA ALA D 332 28.25 2.79 15.08
C ALA D 332 26.80 2.32 15.12
N ALA D 333 26.32 1.92 16.29
CA ALA D 333 24.92 1.51 16.41
C ALA D 333 23.98 2.67 16.14
N ARG D 334 24.31 3.86 16.63
CA ARG D 334 23.48 5.04 16.38
C ARG D 334 23.44 5.37 14.89
N ARG D 335 24.57 5.26 14.21
CA ARG D 335 24.60 5.50 12.76
C ARG D 335 23.79 4.44 12.02
N ARG D 336 23.87 3.19 12.47
CA ARG D 336 23.11 2.11 11.84
C ARG D 336 21.61 2.32 12.03
N ASP D 337 21.19 2.84 13.19
CA ASP D 337 19.78 3.07 13.44
C ASP D 337 19.18 4.08 12.46
N SER D 338 20.00 4.99 11.95
CA SER D 338 19.55 5.98 10.97
C SER D 338 19.71 5.49 9.54
N SER D 339 20.22 4.28 9.33
CA SER D 339 20.42 3.75 7.99
C SER D 339 19.12 3.20 7.43
N HIS D 340 19.18 2.70 6.20
CA HIS D 340 18.01 2.15 5.54
C HIS D 340 17.57 0.85 6.20
N ASN D 341 16.25 0.67 6.31
CA ASN D 341 15.68 -0.55 6.87
C ASN D 341 15.47 -1.55 5.74
N GLU D 342 16.55 -2.26 5.40
CA GLU D 342 16.49 -3.21 4.30
C GLU D 342 15.62 -4.42 4.62
N LEU D 343 15.58 -4.84 5.89
CA LEU D 343 14.86 -6.05 6.25
C LEU D 343 13.36 -5.92 6.01
N TYR D 344 12.78 -4.76 6.36
CA TYR D 344 11.34 -4.62 6.35
C TYR D 344 10.77 -4.73 4.93
N TYR D 345 11.38 -4.02 3.98
CA TYR D 345 10.85 -4.03 2.61
C TYR D 345 10.99 -5.41 1.97
N GLU D 346 12.12 -6.07 2.18
CA GLU D 346 12.30 -7.40 1.60
C GLU D 346 11.37 -8.42 2.26
N GLU D 347 11.11 -8.28 3.57
CA GLU D 347 10.15 -9.16 4.22
C GLU D 347 8.75 -8.93 3.67
N ALA D 348 8.38 -7.66 3.44
CA ALA D 348 7.06 -7.37 2.86
C ALA D 348 6.94 -7.95 1.45
N GLU D 349 7.99 -7.82 0.64
CA GLU D 349 7.97 -8.39 -0.70
C GLU D 349 7.86 -9.90 -0.66
N HIS D 350 8.60 -10.54 0.26
CA HIS D 350 8.50 -12.00 0.39
C HIS D 350 7.10 -12.42 0.82
N GLU D 351 6.49 -11.69 1.76
CA GLU D 351 5.14 -12.00 2.18
C GLU D 351 4.15 -11.86 1.04
N ARG D 352 4.29 -10.79 0.24
CA ARG D 352 3.42 -10.61 -0.91
C ARG D 352 3.56 -11.74 -1.92
N ARG D 353 4.81 -12.15 -2.20
CA ARG D 353 5.04 -13.26 -3.11
C ARG D 353 4.43 -14.55 -2.57
N VAL D 354 4.59 -14.79 -1.26
CA VAL D 354 4.03 -15.99 -0.66
C VAL D 354 2.51 -15.98 -0.75
N LYS D 355 1.89 -14.83 -0.51
CA LYS D 355 0.43 -14.74 -0.62
C LYS D 355 -0.03 -14.98 -2.05
N LYS D 356 0.67 -14.40 -3.04
CA LYS D 356 0.29 -14.60 -4.43
C LYS D 356 0.41 -16.07 -4.83
N ARG D 357 1.52 -16.72 -4.45
CA ARG D 357 1.70 -18.12 -4.77
C ARG D 357 0.70 -19.00 -4.03
N LYS D 358 0.32 -18.62 -2.81
CA LYS D 358 -0.71 -19.34 -2.08
C LYS D 358 -2.04 -19.26 -2.79
N ALA D 359 -2.40 -18.07 -3.28
CA ALA D 359 -3.65 -17.93 -4.03
C ALA D 359 -3.62 -18.76 -5.31
N ARG D 360 -2.48 -18.74 -6.02
CA ARG D 360 -2.36 -19.53 -7.24
C ARG D 360 -2.48 -21.03 -6.93
N LEU D 361 -1.85 -21.48 -5.85
CA LEU D 361 -1.95 -22.88 -5.46
C LEU D 361 -3.38 -23.25 -5.07
N VAL D 362 -4.07 -22.35 -4.39
CA VAL D 362 -5.47 -22.61 -4.02
C VAL D 362 -6.32 -22.77 -5.27
N VAL D 363 -6.13 -21.88 -6.25
CA VAL D 363 -6.89 -21.97 -7.49
C VAL D 363 -6.57 -23.28 -8.21
N ALA D 364 -5.29 -23.64 -8.27
CA ALA D 364 -4.89 -24.88 -8.94
C ALA D 364 -5.49 -26.11 -8.24
N VAL D 365 -5.50 -26.11 -6.91
CA VAL D 365 -6.05 -27.24 -6.17
C VAL D 365 -7.56 -27.31 -6.36
N GLU D 366 -8.24 -26.17 -6.41
CA GLU D 366 -9.67 -26.17 -6.69
C GLU D 366 -9.97 -26.73 -8.07
N GLU D 367 -9.19 -26.33 -9.07
CA GLU D 367 -9.37 -26.88 -10.42
C GLU D 367 -9.09 -28.38 -10.43
N ALA D 368 -8.06 -28.82 -9.71
CA ALA D 368 -7.75 -30.24 -9.65
C ALA D 368 -8.88 -31.04 -9.00
N PHE D 369 -9.48 -30.49 -7.94
CA PHE D 369 -10.61 -31.16 -7.30
C PHE D 369 -11.83 -31.19 -8.21
N ILE D 370 -12.04 -30.12 -8.99
CA ILE D 370 -13.12 -30.13 -9.98
C ILE D 370 -12.89 -31.24 -10.99
N HIS D 371 -11.64 -31.38 -11.45
CA HIS D 371 -11.31 -32.45 -12.39
C HIS D 371 -11.51 -33.82 -11.75
N ILE D 372 -11.18 -33.97 -10.47
CA ILE D 372 -11.39 -35.23 -9.77
C ILE D 372 -12.87 -35.57 -9.72
N GLN D 373 -13.71 -34.58 -9.39
CA GLN D 373 -15.15 -34.81 -9.36
C GLN D 373 -15.68 -35.17 -10.73
N ARG D 374 -15.19 -34.51 -11.78
CA ARG D 374 -15.61 -34.83 -13.13
C ARG D 374 -15.22 -36.26 -13.52
N LEU D 375 -13.99 -36.67 -13.14
CA LEU D 375 -13.55 -38.02 -13.44
C LEU D 375 -14.38 -39.06 -12.69
N GLN D 376 -14.70 -38.78 -11.42
CA GLN D 376 -15.56 -39.69 -10.67
C GLN D 376 -16.94 -39.79 -11.29
N ALA D 377 -17.51 -38.66 -11.70
CA ALA D 377 -18.82 -38.69 -12.34
C ALA D 377 -18.79 -39.48 -13.64
N GLU D 378 -17.73 -39.30 -14.44
CA GLU D 378 -17.59 -40.05 -15.68
C GLU D 378 -17.47 -41.55 -15.41
N GLU D 379 -16.67 -41.92 -14.40
CA GLU D 379 -16.49 -43.33 -14.06
C GLU D 379 -17.76 -43.94 -13.46
N GLN D 380 -18.66 -43.12 -12.93
CA GLN D 380 -19.89 -43.65 -12.35
C GLN D 380 -20.73 -44.38 -13.39
N GLN D 381 -20.85 -43.81 -14.59
CA GLN D 381 -21.68 -44.44 -15.63
C GLN D 381 -21.04 -45.72 -16.15
N LYS D 382 -19.71 -45.82 -16.10
CA LYS D 382 -19.04 -47.00 -16.65
C LYS D 382 -19.42 -48.26 -15.91
N ALA D 383 -19.49 -48.20 -14.58
CA ALA D 383 -19.85 -49.37 -13.78
C ALA D 383 -20.44 -48.95 -12.45
N PRO D 384 -21.66 -49.37 -12.13
CA PRO D 384 -22.26 -49.03 -10.85
C PRO D 384 -21.83 -49.97 -9.73
N GLY D 385 -21.58 -49.39 -8.56
CA GLY D 385 -21.16 -50.16 -7.41
C GLY D 385 -19.69 -50.57 -7.42
N GLU D 386 -18.90 -50.08 -8.38
CA GLU D 386 -17.48 -50.41 -8.49
C GLU D 386 -16.71 -49.09 -8.49
N VAL D 387 -16.31 -48.64 -7.31
CA VAL D 387 -15.55 -47.40 -7.20
C VAL D 387 -14.15 -47.61 -7.72
N MET D 388 -13.61 -46.61 -8.42
CA MET D 388 -12.27 -46.68 -8.96
C MET D 388 -11.23 -46.49 -7.87
N ASP D 389 -10.06 -47.07 -8.08
CA ASP D 389 -8.97 -46.88 -7.12
C ASP D 389 -8.41 -45.45 -7.22
N PRO D 390 -8.20 -44.78 -6.09
CA PRO D 390 -7.76 -43.38 -6.16
C PRO D 390 -6.33 -43.20 -6.63
N ARG D 391 -5.54 -44.28 -6.74
CA ARG D 391 -4.14 -44.14 -7.11
C ARG D 391 -3.99 -43.58 -8.53
N GLU D 392 -4.74 -44.13 -9.48
CA GLU D 392 -4.65 -43.65 -10.86
C GLU D 392 -5.21 -42.23 -11.00
N ALA D 393 -6.27 -41.92 -10.25
CA ALA D 393 -6.80 -40.56 -10.26
C ALA D 393 -5.78 -39.56 -9.75
N ALA D 394 -5.10 -39.90 -8.65
CA ALA D 394 -4.06 -39.02 -8.12
C ALA D 394 -2.91 -38.89 -9.10
N GLN D 395 -2.53 -40.00 -9.75
CA GLN D 395 -1.45 -39.95 -10.75
C GLN D 395 -1.82 -39.02 -11.89
N ALA D 396 -3.06 -39.08 -12.37
CA ALA D 396 -3.47 -38.25 -13.49
C ALA D 396 -3.67 -36.79 -13.08
N ILE D 397 -4.03 -36.55 -11.83
CA ILE D 397 -4.36 -35.19 -11.40
C ILE D 397 -3.13 -34.42 -10.90
N PHE D 398 -2.13 -35.11 -10.35
CA PHE D 398 -0.97 -34.44 -9.78
C PHE D 398 -0.26 -33.47 -10.73
N PRO D 399 -0.02 -33.78 -12.01
CA PRO D 399 0.69 -32.81 -12.87
C PRO D 399 -0.03 -31.48 -13.01
N SER D 400 -1.35 -31.44 -12.84
CA SER D 400 -2.09 -30.19 -12.99
C SER D 400 -1.66 -29.17 -11.94
N MET D 401 -1.52 -29.61 -10.69
CA MET D 401 -1.12 -28.73 -9.60
C MET D 401 0.35 -28.88 -9.22
N ALA D 402 1.11 -29.68 -9.96
CA ALA D 402 2.49 -29.96 -9.58
C ALA D 402 3.34 -28.70 -9.62
N ARG D 403 3.19 -27.90 -10.68
CA ARG D 403 4.01 -26.68 -10.81
C ARG D 403 3.70 -25.71 -9.69
N ALA D 404 2.41 -25.49 -9.40
CA ALA D 404 2.03 -24.57 -8.33
C ALA D 404 2.52 -25.07 -6.98
N LEU D 405 2.39 -26.36 -6.71
CA LEU D 405 2.85 -26.90 -5.43
C LEU D 405 4.36 -26.79 -5.29
N GLN D 406 5.10 -27.05 -6.37
CA GLN D 406 6.56 -26.92 -6.33
C GLN D 406 6.96 -25.48 -6.10
N LYS D 407 6.28 -24.53 -6.76
CA LYS D 407 6.59 -23.12 -6.54
C LYS D 407 6.32 -22.71 -5.11
N TYR D 408 5.19 -23.17 -4.55
CA TYR D 408 4.87 -22.83 -3.16
C TYR D 408 5.88 -23.44 -2.20
N LEU D 409 6.31 -24.67 -2.44
CA LEU D 409 7.31 -25.29 -1.60
C LEU D 409 8.64 -24.56 -1.69
N ARG D 410 9.02 -24.12 -2.90
CA ARG D 410 10.26 -23.36 -3.06
C ARG D 410 10.19 -22.02 -2.33
N ILE D 411 9.05 -21.32 -2.41
CA ILE D 411 8.93 -20.03 -1.76
C ILE D 411 8.78 -20.18 -0.25
N THR D 412 8.33 -21.34 0.23
CA THR D 412 8.17 -21.58 1.66
C THR D 412 9.27 -22.46 2.24
N ARG D 413 10.24 -22.87 1.41
CA ARG D 413 11.35 -23.71 1.85
C ARG D 413 10.86 -24.99 2.51
N GLN D 414 9.80 -25.58 1.93
CA GLN D 414 9.21 -26.80 2.46
C GLN D 414 9.30 -27.96 1.46
N GLN D 415 10.13 -27.85 0.44
CA GLN D 415 10.23 -28.91 -0.57
C GLN D 415 10.93 -30.15 -0.01
N ASN D 416 11.85 -29.97 0.95
CA ASN D 416 12.59 -31.11 1.49
C ASN D 416 11.67 -32.08 2.23
N TYR D 417 10.75 -31.55 3.03
CA TYR D 417 9.87 -32.39 3.83
C TYR D 417 8.82 -33.11 2.98
N HIS D 418 8.25 -32.39 2.01
CA HIS D 418 7.16 -32.94 1.20
C HIS D 418 7.74 -33.60 -0.04
N SER D 419 7.57 -34.90 -0.16
CA SER D 419 8.02 -35.66 -1.32
C SER D 419 6.84 -35.95 -2.24
N MET D 420 7.16 -36.30 -3.49
CA MET D 420 6.12 -36.57 -4.48
C MET D 420 5.25 -37.76 -4.08
N GLU D 421 5.89 -38.82 -3.56
CA GLU D 421 5.12 -39.99 -3.11
C GLU D 421 4.22 -39.63 -1.94
N SER D 422 4.72 -38.82 -1.00
CA SER D 422 3.89 -38.39 0.12
C SER D 422 2.71 -37.55 -0.35
N ILE D 423 2.94 -36.66 -1.32
CA ILE D 423 1.85 -35.84 -1.86
C ILE D 423 0.81 -36.72 -2.54
N LEU D 424 1.26 -37.72 -3.32
CA LEU D 424 0.32 -38.62 -3.96
C LEU D 424 -0.49 -39.42 -2.94
N GLN D 425 0.18 -39.90 -1.88
CA GLN D 425 -0.53 -40.64 -0.84
C GLN D 425 -1.56 -39.77 -0.13
N HIS D 426 -1.19 -38.51 0.16
CA HIS D 426 -2.14 -37.60 0.80
C HIS D 426 -3.32 -37.30 -0.12
N LEU D 427 -3.06 -37.12 -1.41
CA LEU D 427 -4.15 -36.89 -2.36
C LEU D 427 -5.08 -38.09 -2.42
N ALA D 428 -4.53 -39.30 -2.46
CA ALA D 428 -5.36 -40.50 -2.47
C ALA D 428 -6.17 -40.62 -1.19
N PHE D 429 -5.56 -40.31 -0.05
CA PHE D 429 -6.27 -40.34 1.22
C PHE D 429 -7.42 -39.35 1.25
N CYS D 430 -7.19 -38.13 0.74
CA CYS D 430 -8.26 -37.14 0.65
C CYS D 430 -9.36 -37.59 -0.30
N ILE D 431 -9.00 -38.22 -1.42
CA ILE D 431 -10.02 -38.73 -2.35
C ILE D 431 -10.87 -39.80 -1.67
N THR D 432 -10.23 -40.71 -0.92
CA THR D 432 -10.99 -41.72 -0.19
C THR D 432 -11.92 -41.07 0.84
N ASN D 433 -11.43 -40.06 1.56
CA ASN D 433 -12.26 -39.39 2.55
C ASN D 433 -13.15 -38.30 1.96
N GLY D 434 -12.93 -37.92 0.70
CA GLY D 434 -13.73 -36.86 0.11
C GLY D 434 -13.57 -35.52 0.78
N MET D 435 -12.35 -35.18 1.20
CA MET D 435 -12.12 -33.93 1.90
C MET D 435 -12.19 -32.73 0.95
N THR D 436 -12.47 -31.57 1.52
CA THR D 436 -12.49 -30.34 0.75
C THR D 436 -11.07 -29.95 0.34
N PRO D 437 -10.93 -29.15 -0.73
CA PRO D 437 -9.59 -28.71 -1.13
C PRO D 437 -8.85 -27.92 -0.05
N LYS D 438 -9.57 -27.25 0.85
CA LYS D 438 -8.91 -26.49 1.90
C LYS D 438 -8.15 -27.40 2.85
N ALA D 439 -8.70 -28.57 3.17
CA ALA D 439 -8.01 -29.51 4.05
C ALA D 439 -6.71 -29.99 3.42
N PHE D 440 -6.73 -30.30 2.12
CA PHE D 440 -5.51 -30.70 1.42
C PHE D 440 -4.51 -29.54 1.39
N LEU D 441 -4.99 -28.32 1.15
CA LEU D 441 -4.10 -27.17 1.05
C LEU D 441 -3.41 -26.86 2.38
N GLU D 442 -4.15 -26.96 3.49
CA GLU D 442 -3.62 -26.51 4.77
C GLU D 442 -2.48 -27.39 5.29
N ARG D 443 -2.38 -28.63 4.82
CA ARG D 443 -1.26 -29.47 5.24
C ARG D 443 0.06 -28.90 4.73
N TYR D 444 0.09 -28.46 3.48
CA TYR D 444 1.28 -27.85 2.89
C TYR D 444 1.32 -26.33 3.06
N LEU D 445 0.28 -25.75 3.66
CA LEU D 445 0.23 -24.29 3.84
C LEU D 445 1.36 -23.81 4.72
N SER D 446 1.42 -24.30 5.96
CA SER D 446 2.43 -23.88 6.92
C SER D 446 2.99 -25.10 7.64
N ALA D 447 4.21 -24.96 8.14
CA ALA D 447 4.85 -26.04 8.88
C ALA D 447 4.11 -26.30 10.18
N GLY D 448 3.96 -27.58 10.52
CA GLY D 448 3.24 -27.98 11.70
C GLY D 448 4.01 -28.94 12.58
N PRO D 449 3.30 -29.90 13.17
CA PRO D 449 3.95 -30.84 14.08
C PRO D 449 4.88 -31.80 13.34
N THR D 450 5.82 -32.36 14.11
CA THR D 450 6.77 -33.31 13.55
C THR D 450 6.10 -34.59 13.08
N LEU D 451 5.08 -35.06 13.79
CA LEU D 451 4.45 -36.34 13.47
C LEU D 451 3.73 -36.34 12.14
N GLN D 452 3.47 -35.16 11.56
CA GLN D 452 2.77 -35.10 10.29
C GLN D 452 3.59 -35.72 9.16
N TYR D 453 4.90 -35.49 9.17
CA TYR D 453 5.77 -35.95 8.09
C TYR D 453 6.09 -37.44 8.28
N ASP D 454 7.02 -37.95 7.47
CA ASP D 454 7.36 -39.36 7.48
C ASP D 454 8.19 -39.71 8.72
N LYS D 455 8.31 -41.01 8.96
CA LYS D 455 9.02 -41.48 10.15
C LYS D 455 10.50 -41.11 10.10
N ASP D 456 11.12 -41.19 8.92
CA ASP D 456 12.54 -40.92 8.80
C ASP D 456 12.90 -39.47 9.07
N ARG D 457 11.91 -38.57 9.05
CA ARG D 457 12.19 -37.16 9.29
C ARG D 457 12.70 -36.91 10.70
N TRP D 458 12.10 -37.56 11.69
CA TRP D 458 12.46 -37.38 13.08
C TRP D 458 13.37 -38.51 13.57
N LEU D 459 14.27 -38.16 14.49
CA LEU D 459 15.18 -39.12 15.10
C LEU D 459 14.96 -39.12 16.61
N SER D 460 14.75 -40.31 17.17
CA SER D 460 14.52 -40.47 18.60
C SER D 460 15.66 -41.22 19.29
N THR D 461 16.84 -41.25 18.66
CA THR D 461 17.99 -41.96 19.20
C THR D 461 19.13 -41.03 19.62
N GLN D 462 19.31 -39.91 18.93
CA GLN D 462 20.42 -39.00 19.20
C GLN D 462 20.14 -38.03 20.35
N TRP D 463 18.97 -38.13 20.99
CA TRP D 463 18.66 -37.24 22.10
C TRP D 463 19.60 -37.48 23.27
N ARG D 464 20.04 -36.39 23.90
CA ARG D 464 20.92 -36.44 25.05
C ARG D 464 20.43 -35.47 26.11
N LEU D 465 20.77 -35.76 27.37
CA LEU D 465 20.37 -34.94 28.50
C LEU D 465 21.60 -34.31 29.14
N VAL D 466 21.56 -32.99 29.33
CA VAL D 466 22.64 -32.25 29.96
C VAL D 466 22.07 -31.51 31.16
N SER D 467 22.65 -31.75 32.32
CA SER D 467 22.22 -31.08 33.55
C SER D 467 23.33 -31.18 34.58
N ASP D 468 23.59 -30.08 35.28
CA ASP D 468 24.62 -30.08 36.32
C ASP D 468 24.22 -31.01 37.47
N GLU D 469 22.97 -30.97 37.88
CA GLU D 469 22.48 -31.84 38.93
C GLU D 469 22.30 -33.26 38.42
N ALA D 470 22.34 -34.22 39.33
CA ALA D 470 22.14 -35.62 38.96
C ALA D 470 20.73 -35.84 38.45
N VAL D 471 20.62 -36.62 37.37
CA VAL D 471 19.32 -36.86 36.75
C VAL D 471 18.41 -37.71 37.63
N THR D 472 18.97 -38.43 38.61
CA THR D 472 18.15 -39.25 39.48
C THR D 472 17.38 -38.43 40.50
N ASN D 473 17.76 -37.19 40.73
CA ASN D 473 17.08 -36.34 41.69
C ASN D 473 15.76 -35.83 41.12
N GLY D 474 14.86 -35.44 42.02
CA GLY D 474 13.57 -34.93 41.61
C GLY D 474 13.64 -33.48 41.16
N LEU D 475 12.50 -33.01 40.64
CA LEU D 475 12.42 -31.63 40.16
C LEU D 475 12.50 -30.65 41.31
N ARG D 476 13.23 -29.56 41.11
CA ARG D 476 13.38 -28.51 42.10
C ARG D 476 13.25 -27.17 41.43
N ASP D 477 12.86 -26.17 42.21
CA ASP D 477 12.70 -24.81 41.67
C ASP D 477 14.06 -24.25 41.26
N GLY D 478 14.11 -23.63 40.09
CA GLY D 478 15.29 -22.97 39.61
C GLY D 478 16.26 -23.84 38.82
N ILE D 479 16.01 -25.14 38.72
CA ILE D 479 16.91 -26.02 37.98
C ILE D 479 16.63 -25.89 36.49
N VAL D 480 17.69 -25.99 35.69
CA VAL D 480 17.61 -25.83 34.24
C VAL D 480 18.36 -26.99 33.61
N PHE D 481 17.78 -27.59 32.57
CA PHE D 481 18.48 -28.65 31.84
C PHE D 481 18.30 -28.47 30.34
N VAL D 482 19.05 -29.26 29.58
CA VAL D 482 19.09 -29.16 28.13
C VAL D 482 18.88 -30.53 27.52
N LEU D 483 18.05 -30.60 26.48
CA LEU D 483 17.85 -31.79 25.68
C LEU D 483 18.51 -31.54 24.32
N LYS D 484 19.64 -32.19 24.09
CA LYS D 484 20.42 -32.03 22.88
C LYS D 484 19.99 -33.03 21.81
N CYS D 485 20.13 -32.62 20.55
CA CYS D 485 19.89 -33.49 19.41
C CYS D 485 20.59 -32.87 18.21
N LEU D 486 20.55 -33.59 17.09
CA LEU D 486 21.33 -33.21 15.93
C LEU D 486 21.02 -31.79 15.48
N ASP D 487 21.98 -30.88 15.68
CA ASP D 487 21.97 -29.48 15.28
C ASP D 487 21.03 -28.62 16.12
N PHE D 488 20.31 -29.17 17.09
CA PHE D 488 19.39 -28.33 17.84
C PHE D 488 19.23 -28.84 19.28
N SER D 489 18.99 -27.89 20.18
CA SER D 489 18.83 -28.19 21.60
C SER D 489 17.61 -27.47 22.14
N LEU D 490 16.98 -28.08 23.14
CA LEU D 490 15.83 -27.51 23.84
C LEU D 490 16.23 -27.22 25.27
N VAL D 491 16.12 -25.96 25.68
CA VAL D 491 16.44 -25.56 27.05
C VAL D 491 15.14 -25.59 27.85
N VAL D 492 15.15 -26.30 28.97
CA VAL D 492 13.96 -26.46 29.81
C VAL D 492 14.27 -25.82 31.16
N ASN D 493 13.41 -24.90 31.56
CA ASN D 493 13.47 -24.20 32.84
C ASN D 493 12.35 -24.72 33.74
N VAL D 494 12.69 -25.01 35.00
CA VAL D 494 11.74 -25.54 35.97
C VAL D 494 11.46 -24.46 37.01
N LYS D 495 10.17 -24.20 37.25
CA LYS D 495 9.74 -23.21 38.22
C LYS D 495 8.69 -23.81 39.14
N LYS D 496 8.59 -23.26 40.34
CA LYS D 496 7.63 -23.69 41.34
C LYS D 496 6.40 -22.79 41.31
N ILE D 497 5.22 -23.41 41.36
CA ILE D 497 3.96 -22.65 41.35
C ILE D 497 3.88 -21.81 42.62
N PRO D 498 3.61 -20.52 42.51
CA PRO D 498 3.56 -19.67 43.72
C PRO D 498 2.39 -20.06 44.62
N PHE D 499 2.57 -19.79 45.91
CA PHE D 499 1.54 -20.08 46.91
C PHE D 499 0.36 -19.14 46.69
N ILE D 500 -0.73 -19.68 46.16
CA ILE D 500 -1.93 -18.89 45.86
C ILE D 500 -2.79 -18.82 47.12
N ILE D 501 -3.12 -17.61 47.54
CA ILE D 501 -3.96 -17.36 48.71
C ILE D 501 -5.30 -16.82 48.21
N LEU D 502 -6.37 -17.53 48.55
CA LEU D 502 -7.72 -17.16 48.14
C LEU D 502 -8.54 -16.81 49.37
N SER D 503 -9.30 -15.72 49.29
CA SER D 503 -10.16 -15.27 50.37
C SER D 503 -11.54 -14.93 49.82
N GLU D 504 -12.55 -15.12 50.66
CA GLU D 504 -13.94 -14.83 50.27
C GLU D 504 -14.22 -13.35 50.51
N GLU D 505 -13.70 -12.54 49.60
CA GLU D 505 -13.86 -11.08 49.64
C GLU D 505 -13.37 -10.50 50.97
N ASP E 106 10.45 -19.94 61.87
CA ASP E 106 11.05 -21.26 62.11
C ASP E 106 10.26 -22.02 63.18
N CYS E 107 9.87 -21.31 64.23
CA CYS E 107 9.12 -21.94 65.31
C CYS E 107 7.75 -22.41 64.82
N LYS E 108 7.08 -21.59 63.99
CA LYS E 108 5.77 -21.97 63.48
C LYS E 108 5.86 -23.21 62.59
N ARG E 109 6.90 -23.29 61.76
CA ARG E 109 7.06 -24.46 60.89
C ARG E 109 7.24 -25.73 61.71
N TYR E 110 8.08 -25.67 62.74
CA TYR E 110 8.29 -26.85 63.60
C TYR E 110 7.02 -27.20 64.36
N LEU E 111 6.29 -26.20 64.85
CA LEU E 111 5.05 -26.46 65.57
C LEU E 111 4.03 -27.14 64.66
N GLY E 112 3.91 -26.68 63.41
CA GLY E 112 3.01 -27.32 62.48
C GLY E 112 3.46 -28.72 62.08
N LEU E 113 4.78 -28.93 61.99
CA LEU E 113 5.29 -30.24 61.58
C LEU E 113 5.14 -31.28 62.68
N THR E 114 5.28 -30.86 63.94
CA THR E 114 5.19 -31.81 65.05
C THR E 114 3.80 -32.43 65.13
N VAL E 115 2.75 -31.63 64.89
CA VAL E 115 1.39 -32.15 64.98
C VAL E 115 1.16 -33.24 63.93
N ALA E 116 1.64 -33.01 62.70
CA ALA E 116 1.47 -33.99 61.64
C ALA E 116 2.44 -35.16 61.76
N SER E 117 3.53 -35.01 62.51
CA SER E 117 4.53 -36.06 62.63
C SER E 117 4.23 -37.02 63.78
N PHE E 118 3.93 -36.48 64.96
CA PHE E 118 3.68 -37.34 66.12
C PHE E 118 2.44 -38.20 65.94
N LEU E 119 1.36 -37.63 65.39
CA LEU E 119 0.16 -38.40 65.16
C LEU E 119 0.41 -39.52 64.16
N GLY E 120 1.12 -39.22 63.07
CA GLY E 120 1.47 -40.26 62.11
C GLY E 120 2.33 -41.34 62.73
N LEU E 121 3.31 -40.95 63.54
CA LEU E 121 4.18 -41.93 64.18
C LEU E 121 3.38 -42.84 65.11
N LEU E 122 2.47 -42.27 65.89
CA LEU E 122 1.71 -43.10 66.83
C LEU E 122 0.73 -44.01 66.11
N VAL E 123 0.08 -43.51 65.05
CA VAL E 123 -0.86 -44.38 64.33
C VAL E 123 -0.10 -45.47 63.57
N PHE E 124 1.15 -45.19 63.17
CA PHE E 124 1.94 -46.23 62.49
C PHE E 124 2.47 -47.26 63.48
N LEU E 125 2.83 -46.83 64.69
CA LEU E 125 3.36 -47.74 65.70
C LEU E 125 2.28 -48.40 66.53
N THR E 126 1.00 -48.04 66.34
CA THR E 126 -0.10 -48.69 67.06
C THR E 126 -0.12 -50.20 66.90
N PRO E 127 0.05 -50.79 65.69
CA PRO E 127 0.16 -52.25 65.63
C PRO E 127 1.35 -52.80 66.41
N ILE E 128 2.47 -52.07 66.43
CA ILE E 128 3.64 -52.50 67.18
C ILE E 128 3.32 -52.55 68.67
N ALA E 129 2.64 -51.51 69.17
CA ALA E 129 2.23 -51.52 70.57
C ALA E 129 1.25 -52.64 70.84
N PHE E 130 0.32 -52.88 69.92
CA PHE E 130 -0.68 -53.93 70.11
C PHE E 130 -0.02 -55.30 70.19
N ILE E 131 1.04 -55.52 69.42
CA ILE E 131 1.71 -56.83 69.43
C ILE E 131 2.80 -56.92 70.49
N LEU E 132 3.24 -55.80 71.07
CA LEU E 132 4.28 -55.83 72.09
C LEU E 132 3.78 -55.60 73.51
N LEU E 133 2.51 -55.26 73.68
CA LEU E 133 1.98 -55.05 75.02
C LEU E 133 1.64 -56.36 75.75
N PRO E 134 1.01 -57.35 75.12
CA PRO E 134 0.72 -58.61 75.82
C PRO E 134 1.96 -59.29 76.36
N PRO E 135 3.08 -59.33 75.62
CA PRO E 135 4.29 -59.95 76.21
C PRO E 135 4.81 -59.22 77.44
N ILE E 136 4.64 -57.91 77.52
CA ILE E 136 5.15 -57.16 78.67
C ILE E 136 4.14 -57.07 79.81
N LEU E 137 2.87 -57.35 79.55
CA LEU E 137 1.87 -57.30 80.62
C LEU E 137 1.88 -58.57 81.45
N TRP E 138 1.82 -59.73 80.81
CA TRP E 138 1.85 -61.01 81.48
C TRP E 138 2.94 -61.88 80.85
N ARG E 139 3.56 -62.71 81.68
CA ARG E 139 4.65 -63.57 81.23
C ARG E 139 4.37 -65.06 81.42
N ASP E 140 3.80 -65.44 82.55
CA ASP E 140 3.52 -66.84 82.85
C ASP E 140 2.16 -67.31 82.37
N GLU E 141 1.35 -66.41 81.78
CA GLU E 141 0.04 -66.76 81.27
C GLU E 141 0.02 -66.90 79.75
N LEU E 142 1.18 -66.97 79.11
CA LEU E 142 1.24 -67.08 77.67
C LEU E 142 0.71 -68.42 77.19
N GLU E 143 -0.09 -68.38 76.14
CA GLU E 143 -0.60 -69.57 75.47
C GLU E 143 0.29 -69.93 74.29
N PRO E 144 0.33 -71.21 73.90
CA PRO E 144 1.16 -71.59 72.74
C PRO E 144 0.75 -70.87 71.47
N CYS E 145 1.63 -70.00 70.96
CA CYS E 145 1.30 -69.23 69.77
C CYS E 145 1.34 -70.10 68.53
N GLY E 146 2.35 -70.94 68.41
CA GLY E 146 2.49 -71.81 67.25
C GLY E 146 3.28 -71.14 66.13
N THR E 147 2.64 -70.97 64.97
CA THR E 147 3.29 -70.39 63.81
C THR E 147 2.47 -69.30 63.13
N ILE E 148 1.16 -69.22 63.37
CA ILE E 148 0.33 -68.22 62.70
C ILE E 148 0.78 -66.81 63.05
N CYS E 149 1.20 -66.61 64.30
CA CYS E 149 1.68 -65.28 64.71
C CYS E 149 2.94 -64.90 63.95
N GLU E 150 3.87 -65.85 63.77
CA GLU E 150 5.09 -65.56 63.02
C GLU E 150 4.77 -65.22 61.56
N GLY E 151 3.84 -65.97 60.95
CA GLY E 151 3.46 -65.67 59.58
C GLY E 151 2.76 -64.34 59.44
N LEU E 152 1.97 -63.95 60.43
CA LEU E 152 1.26 -62.67 60.37
C LEU E 152 2.19 -61.49 60.65
N PHE E 153 3.23 -61.70 61.46
CA PHE E 153 4.13 -60.59 61.82
C PHE E 153 4.82 -60.03 60.58
N ILE E 154 5.33 -60.90 59.72
CA ILE E 154 6.07 -60.43 58.54
C ILE E 154 5.11 -59.76 57.55
N SER E 155 3.90 -60.31 57.40
CA SER E 155 2.91 -59.66 56.53
C SER E 155 2.54 -58.28 57.05
N MET E 156 2.38 -58.15 58.38
CA MET E 156 2.09 -56.84 58.97
C MET E 156 3.24 -55.88 58.75
N ALA E 157 4.48 -56.35 58.89
CA ALA E 157 5.64 -55.49 58.65
C ALA E 157 5.69 -55.02 57.20
N PHE E 158 5.42 -55.94 56.25
CA PHE E 158 5.41 -55.56 54.84
C PHE E 158 4.31 -54.56 54.54
N LYS E 159 3.13 -54.77 55.13
CA LYS E 159 2.03 -53.82 54.92
C LYS E 159 2.37 -52.45 55.50
N LEU E 160 3.02 -52.42 56.67
CA LEU E 160 3.45 -51.16 57.26
C LEU E 160 4.47 -50.46 56.37
N LEU E 161 5.40 -51.22 55.79
CA LEU E 161 6.37 -50.63 54.87
C LEU E 161 5.70 -50.05 53.64
N ILE E 162 4.72 -50.77 53.08
CA ILE E 162 3.99 -50.28 51.92
C ILE E 162 3.22 -49.00 52.28
N LEU E 163 2.59 -48.99 53.44
CA LEU E 163 1.87 -47.80 53.88
C LEU E 163 2.81 -46.62 54.07
N LEU E 164 4.00 -46.86 54.63
CA LEU E 164 4.98 -45.79 54.80
C LEU E 164 5.42 -45.24 53.44
N ILE E 165 5.69 -46.13 52.48
CA ILE E 165 6.11 -45.68 51.16
C ILE E 165 5.01 -44.87 50.49
N GLY E 166 3.76 -45.33 50.58
CA GLY E 166 2.66 -44.60 49.98
C GLY E 166 2.44 -43.25 50.63
N THR E 167 2.53 -43.19 51.96
CA THR E 167 2.36 -41.92 52.66
C THR E 167 3.46 -40.94 52.30
N TRP E 168 4.70 -41.42 52.17
CA TRP E 168 5.78 -40.54 51.75
C TRP E 168 5.57 -40.05 50.33
N ALA E 169 5.13 -40.94 49.43
CA ALA E 169 5.00 -40.60 48.02
C ALA E 169 3.88 -39.61 47.77
N LEU E 170 2.70 -39.85 48.37
CA LEU E 170 1.53 -39.07 48.00
C LEU E 170 1.34 -37.85 48.90
N PHE E 171 1.54 -38.01 50.21
CA PHE E 171 1.11 -36.99 51.17
C PHE E 171 2.25 -36.28 51.87
N PHE E 172 3.50 -36.73 51.71
CA PHE E 172 4.64 -36.03 52.31
C PHE E 172 5.10 -34.97 51.31
N ARG E 173 4.34 -33.86 51.29
CA ARG E 173 4.62 -32.77 50.37
C ARG E 173 4.14 -31.46 51.00
N LYS E 174 4.69 -30.36 50.50
CA LYS E 174 4.34 -29.03 51.01
C LYS E 174 3.02 -28.57 50.43
N ARG E 175 2.28 -27.79 51.22
CA ARG E 175 1.03 -27.23 50.77
C ARG E 175 1.26 -26.22 49.66
N ARG E 176 0.41 -26.25 48.64
CA ARG E 176 0.54 -25.40 47.46
C ARG E 176 -0.34 -24.16 47.51
N ALA E 177 -1.59 -24.28 47.96
CA ALA E 177 -2.51 -23.17 48.00
C ALA E 177 -3.32 -23.20 49.28
N ASP E 178 -3.86 -22.04 49.65
CA ASP E 178 -4.65 -21.88 50.86
C ASP E 178 -6.12 -21.77 50.49
N MET E 179 -6.95 -22.60 51.10
CA MET E 179 -8.39 -22.62 50.83
C MET E 179 -9.09 -21.56 51.66
N PRO E 180 -9.89 -20.68 51.05
CA PRO E 180 -10.63 -19.68 51.84
C PRO E 180 -11.57 -20.28 52.87
N ARG E 181 -12.16 -21.42 52.56
CA ARG E 181 -13.05 -22.13 53.47
C ARG E 181 -12.43 -23.48 53.85
N VAL E 182 -13.15 -24.23 54.67
CA VAL E 182 -12.68 -25.54 55.09
C VAL E 182 -12.79 -26.52 53.94
N PHE E 183 -11.81 -27.42 53.82
CA PHE E 183 -11.81 -28.44 52.78
C PHE E 183 -12.61 -29.63 53.26
N VAL E 184 -13.69 -29.96 52.52
CA VAL E 184 -14.62 -31.00 52.97
C VAL E 184 -13.94 -32.36 52.98
N PHE E 185 -13.25 -32.70 51.89
CA PHE E 185 -12.64 -34.02 51.79
C PHE E 185 -11.53 -34.22 52.82
N ARG E 186 -10.68 -33.21 53.01
CA ARG E 186 -9.60 -33.33 53.97
C ARG E 186 -10.14 -33.46 55.40
N ALA E 187 -11.15 -32.65 55.74
CA ALA E 187 -11.74 -32.74 57.07
C ALA E 187 -12.40 -34.10 57.29
N LEU E 188 -13.09 -34.60 56.25
CA LEU E 188 -13.71 -35.92 56.35
C LEU E 188 -12.67 -37.00 56.56
N LEU E 189 -11.57 -36.96 55.81
CA LEU E 189 -10.52 -37.95 55.99
C LEU E 189 -9.90 -37.85 57.38
N LEU E 190 -9.66 -36.64 57.86
CA LEU E 190 -9.06 -36.47 59.18
C LEU E 190 -9.97 -37.00 60.29
N VAL E 191 -11.26 -36.68 60.24
CA VAL E 191 -12.16 -37.16 61.28
C VAL E 191 -12.34 -38.67 61.18
N LEU E 192 -12.36 -39.21 59.96
CA LEU E 192 -12.45 -40.65 59.79
C LEU E 192 -11.24 -41.35 60.40
N ILE E 193 -10.04 -40.82 60.15
CA ILE E 193 -8.83 -41.40 60.75
C ILE E 193 -8.88 -41.27 62.27
N PHE E 194 -9.33 -40.12 62.77
CA PHE E 194 -9.39 -39.90 64.21
C PHE E 194 -10.30 -40.93 64.88
N LEU E 195 -11.50 -41.13 64.33
CA LEU E 195 -12.41 -42.11 64.92
C LEU E 195 -11.87 -43.53 64.75
N PHE E 196 -11.29 -43.82 63.58
CA PHE E 196 -10.71 -45.13 63.32
C PHE E 196 -9.63 -45.47 64.34
N VAL E 197 -8.89 -44.47 64.80
CA VAL E 197 -7.84 -44.71 65.77
C VAL E 197 -8.42 -44.80 67.19
N VAL E 198 -9.26 -43.84 67.56
CA VAL E 198 -9.71 -43.75 68.96
C VAL E 198 -10.63 -44.93 69.30
N SER E 199 -11.47 -45.37 68.36
CA SER E 199 -12.36 -46.48 68.67
C SER E 199 -11.58 -47.76 68.93
N TYR E 200 -10.57 -48.03 68.10
CA TYR E 200 -9.72 -49.19 68.33
C TYR E 200 -8.95 -49.06 69.64
N TRP E 201 -8.47 -47.85 69.95
CA TRP E 201 -7.76 -47.67 71.22
C TRP E 201 -8.66 -47.95 72.41
N LEU E 202 -9.89 -47.44 72.38
CA LEU E 202 -10.83 -47.70 73.47
C LEU E 202 -11.18 -49.18 73.55
N PHE E 203 -11.38 -49.83 72.40
CA PHE E 203 -11.67 -51.27 72.41
C PHE E 203 -10.53 -52.06 73.01
N TYR E 204 -9.29 -51.73 72.63
CA TYR E 204 -8.13 -52.43 73.18
C TYR E 204 -8.00 -52.19 74.68
N GLY E 205 -8.25 -50.96 75.13
CA GLY E 205 -8.12 -50.65 76.54
C GLY E 205 -9.24 -51.17 77.41
N VAL E 206 -10.40 -51.46 76.83
CA VAL E 206 -11.56 -51.90 77.60
C VAL E 206 -11.73 -53.41 77.54
N ARG E 207 -11.81 -53.99 76.33
CA ARG E 207 -12.15 -55.39 76.17
C ARG E 207 -10.96 -56.34 76.30
N ILE E 208 -9.75 -55.82 76.44
CA ILE E 208 -8.55 -56.65 76.51
C ILE E 208 -7.78 -56.42 77.81
N LEU E 209 -7.47 -55.16 78.13
CA LEU E 209 -6.64 -54.86 79.28
C LEU E 209 -7.38 -55.00 80.61
N ASP E 210 -8.70 -55.18 80.59
CA ASP E 210 -9.48 -55.24 81.81
C ASP E 210 -9.65 -56.66 82.36
N SER E 211 -9.15 -57.67 81.67
CA SER E 211 -9.30 -59.05 82.11
C SER E 211 -8.08 -59.87 81.70
N ARG E 212 -7.88 -60.98 82.41
CA ARG E 212 -6.79 -61.91 82.11
C ARG E 212 -7.25 -62.89 81.03
N ASP E 213 -7.43 -62.35 79.82
CA ASP E 213 -7.96 -63.09 78.69
C ASP E 213 -7.30 -62.53 77.42
N ARG E 214 -7.92 -62.80 76.27
CA ARG E 214 -7.45 -62.31 74.97
C ARG E 214 -6.04 -62.83 74.68
N ASN E 215 -5.99 -64.15 74.49
CA ASN E 215 -4.75 -64.85 74.16
C ASN E 215 -4.03 -64.21 72.97
N TYR E 216 -2.71 -64.42 72.88
CA TYR E 216 -1.92 -63.75 71.86
C TYR E 216 -2.36 -64.12 70.45
N GLN E 217 -2.69 -65.40 70.23
CA GLN E 217 -3.09 -65.84 68.90
C GLN E 217 -4.35 -65.13 68.42
N GLY E 218 -5.19 -64.67 69.35
CA GLY E 218 -6.37 -63.91 69.01
C GLY E 218 -6.17 -62.43 68.81
N ILE E 219 -4.96 -61.93 69.09
CA ILE E 219 -4.67 -60.50 68.95
C ILE E 219 -3.97 -60.19 67.64
N VAL E 220 -3.08 -61.09 67.18
CA VAL E 220 -2.33 -60.82 65.96
C VAL E 220 -3.26 -60.70 64.77
N GLN E 221 -4.26 -61.59 64.67
CA GLN E 221 -5.25 -61.47 63.61
C GLN E 221 -6.02 -60.15 63.72
N TYR E 222 -6.20 -59.64 64.94
CA TYR E 222 -6.76 -58.31 65.11
C TYR E 222 -5.80 -57.25 64.60
N ALA E 223 -4.49 -57.42 64.88
CA ALA E 223 -3.51 -56.41 64.50
C ALA E 223 -3.46 -56.22 62.99
N VAL E 224 -3.39 -57.34 62.25
CA VAL E 224 -3.40 -57.26 60.79
C VAL E 224 -4.71 -56.71 60.27
N SER E 225 -5.77 -56.72 61.09
CA SER E 225 -7.03 -56.10 60.70
C SER E 225 -6.92 -54.58 60.64
N LEU E 226 -5.91 -54.00 61.29
CA LEU E 226 -5.75 -52.55 61.27
C LEU E 226 -5.09 -52.09 59.97
N VAL E 227 -3.90 -52.62 59.67
CA VAL E 227 -3.19 -52.22 58.46
C VAL E 227 -3.98 -52.59 57.21
N ASP E 228 -4.78 -53.65 57.28
CA ASP E 228 -5.66 -53.98 56.16
C ASP E 228 -6.72 -52.90 55.96
N ALA E 229 -7.25 -52.35 57.05
CA ALA E 229 -8.27 -51.31 56.95
C ALA E 229 -7.69 -49.92 56.72
N LEU E 230 -6.60 -49.59 57.42
CA LEU E 230 -6.02 -48.25 57.27
C LEU E 230 -5.57 -48.01 55.84
N LEU E 231 -4.93 -49.01 55.22
CA LEU E 231 -4.54 -48.89 53.82
C LEU E 231 -5.77 -48.64 52.95
N PHE E 232 -6.90 -49.27 53.28
CA PHE E 232 -8.14 -48.99 52.56
C PHE E 232 -8.52 -47.52 52.68
N ILE E 233 -8.36 -46.95 53.87
CA ILE E 233 -8.57 -45.51 54.02
C ILE E 233 -7.64 -44.74 53.09
N HIS E 234 -6.38 -45.19 52.99
CA HIS E 234 -5.47 -44.59 52.03
C HIS E 234 -6.02 -44.75 50.62
N TYR E 235 -6.56 -45.92 50.29
CA TYR E 235 -7.19 -46.12 48.99
C TYR E 235 -8.36 -45.18 48.79
N LEU E 236 -9.03 -44.79 49.89
CA LEU E 236 -10.09 -43.80 49.77
C LEU E 236 -9.55 -42.40 49.49
N ALA E 237 -8.36 -42.09 50.02
CA ALA E 237 -7.84 -40.74 49.93
C ALA E 237 -7.61 -40.32 48.49
N ILE E 238 -7.07 -41.23 47.66
CA ILE E 238 -6.89 -40.92 46.25
C ILE E 238 -8.23 -40.81 45.54
N VAL E 239 -9.25 -41.53 46.03
CA VAL E 239 -10.56 -41.50 45.38
C VAL E 239 -11.19 -40.12 45.50
N LEU E 240 -11.18 -39.55 46.71
CA LEU E 240 -11.83 -38.26 46.94
C LEU E 240 -11.03 -37.10 46.38
N LEU E 241 -9.70 -37.23 46.30
CA LEU E 241 -8.84 -36.12 45.92
C LEU E 241 -8.48 -36.11 44.43
N GLU E 242 -7.96 -37.22 43.92
CA GLU E 242 -7.44 -37.28 42.56
C GLU E 242 -8.33 -38.05 41.60
N LEU E 243 -8.84 -39.21 42.01
CA LEU E 243 -9.62 -40.05 41.10
C LEU E 243 -11.00 -39.46 40.80
N ARG E 244 -11.48 -38.52 41.63
CA ARG E 244 -12.80 -37.95 41.41
C ARG E 244 -12.82 -36.97 40.24
N GLN E 245 -11.72 -36.24 40.04
CA GLN E 245 -11.65 -35.21 39.00
C GLN E 245 -11.12 -35.74 37.67
N LEU E 246 -10.83 -37.04 37.57
CA LEU E 246 -10.27 -37.59 36.34
C LEU E 246 -11.25 -37.49 35.18
N GLN E 247 -12.52 -37.77 35.42
CA GLN E 247 -13.51 -37.76 34.35
C GLN E 247 -13.82 -36.34 33.92
N PRO E 248 -13.72 -36.01 32.63
CA PRO E 248 -14.02 -34.65 32.14
C PRO E 248 -15.52 -34.38 32.07
N MET E 249 -16.08 -33.97 33.21
CA MET E 249 -17.53 -33.77 33.31
C MET E 249 -17.94 -32.40 32.79
N PHE E 250 -17.43 -31.33 33.40
CA PHE E 250 -17.85 -29.97 33.09
C PHE E 250 -16.77 -29.23 32.31
N THR E 251 -17.20 -28.15 31.66
CA THR E 251 -16.31 -27.27 30.90
C THR E 251 -16.36 -25.87 31.50
N LEU E 252 -15.17 -25.30 31.74
CA LEU E 252 -15.05 -23.98 32.34
C LEU E 252 -14.46 -23.02 31.30
N GLN E 253 -15.16 -21.93 31.05
CA GLN E 253 -14.70 -20.87 30.15
C GLN E 253 -14.31 -19.67 30.99
N VAL E 254 -13.05 -19.25 30.87
CA VAL E 254 -12.50 -18.14 31.66
C VAL E 254 -12.23 -16.99 30.71
N VAL E 255 -12.84 -15.83 30.99
CA VAL E 255 -12.68 -14.63 30.18
C VAL E 255 -12.21 -13.50 31.09
N ARG E 256 -11.18 -12.78 30.64
CA ARG E 256 -10.66 -11.65 31.41
C ARG E 256 -11.54 -10.42 31.22
N SER E 257 -11.72 -9.67 32.30
CA SER E 257 -12.53 -8.45 32.22
C SER E 257 -11.79 -7.31 31.53
N THR E 258 -10.46 -7.29 31.62
CA THR E 258 -9.69 -6.16 31.10
C THR E 258 -9.47 -6.26 29.60
N ASP E 259 -8.75 -7.30 29.16
CA ASP E 259 -8.41 -7.46 27.75
C ASP E 259 -9.27 -8.50 27.04
N GLY E 260 -10.13 -9.20 27.76
CA GLY E 260 -11.03 -10.15 27.13
C GLY E 260 -10.41 -11.44 26.66
N GLU E 261 -9.26 -11.82 27.21
CA GLU E 261 -8.64 -13.10 26.85
C GLU E 261 -9.54 -14.24 27.28
N SER E 262 -9.78 -15.18 26.36
CA SER E 262 -10.71 -16.28 26.59
C SER E 262 -9.97 -17.61 26.52
N ARG E 263 -10.22 -18.48 27.50
CA ARG E 263 -9.63 -19.80 27.54
C ARG E 263 -10.69 -20.81 27.96
N PHE E 264 -10.49 -22.06 27.55
CA PHE E 264 -11.41 -23.14 27.86
C PHE E 264 -10.66 -24.29 28.51
N TYR E 265 -11.25 -24.86 29.56
CA TYR E 265 -10.66 -25.99 30.27
C TYR E 265 -11.75 -27.00 30.56
N SER E 266 -11.33 -28.25 30.79
CA SER E 266 -12.25 -29.33 31.14
C SER E 266 -11.92 -29.83 32.54
N LEU E 267 -12.92 -29.84 33.41
CA LEU E 267 -12.76 -30.26 34.80
C LEU E 267 -13.77 -31.34 35.12
N GLY E 268 -13.58 -31.97 36.27
CA GLY E 268 -14.46 -33.00 36.76
C GLY E 268 -15.38 -32.51 37.85
N HIS E 269 -15.81 -33.44 38.72
CA HIS E 269 -16.66 -33.10 39.85
C HIS E 269 -15.80 -32.48 40.94
N LEU E 270 -15.76 -31.15 40.98
CA LEU E 270 -14.90 -30.43 41.91
C LEU E 270 -15.71 -29.30 42.55
N SER E 271 -15.22 -28.84 43.70
CA SER E 271 -15.84 -27.72 44.38
C SER E 271 -15.55 -26.42 43.63
N ILE E 272 -16.32 -25.38 43.97
CA ILE E 272 -16.14 -24.08 43.32
C ILE E 272 -14.75 -23.52 43.63
N GLN E 273 -14.31 -23.66 44.88
CA GLN E 273 -12.99 -23.17 45.26
C GLN E 273 -11.89 -23.94 44.53
N ARG E 274 -12.06 -25.26 44.40
CA ARG E 274 -11.06 -26.06 43.68
C ARG E 274 -11.01 -25.68 42.20
N ALA E 275 -12.18 -25.47 41.58
CA ALA E 275 -12.21 -25.03 40.20
C ALA E 275 -11.56 -23.66 40.04
N ALA E 276 -11.81 -22.73 40.97
CA ALA E 276 -11.17 -21.43 40.94
C ALA E 276 -9.66 -21.54 41.06
N LEU E 277 -9.18 -22.43 41.94
CA LEU E 277 -7.74 -22.63 42.09
C LEU E 277 -7.13 -23.21 40.82
N VAL E 278 -7.83 -24.15 40.18
CA VAL E 278 -7.34 -24.70 38.91
C VAL E 278 -7.28 -23.62 37.85
N VAL E 279 -8.31 -22.77 37.79
CA VAL E 279 -8.31 -21.66 36.83
C VAL E 279 -7.14 -20.73 37.10
N LEU E 280 -6.89 -20.42 38.39
CA LEU E 280 -5.80 -19.53 38.73
C LEU E 280 -4.45 -20.12 38.35
N GLU E 281 -4.24 -21.41 38.61
CA GLU E 281 -2.95 -22.01 38.29
C GLU E 281 -2.76 -22.15 36.78
N ASN E 282 -3.84 -22.33 36.02
CA ASN E 282 -3.72 -22.33 34.57
C ASN E 282 -3.58 -20.93 33.99
N TYR E 283 -4.01 -19.90 34.74
CA TYR E 283 -3.92 -18.53 34.25
C TYR E 283 -2.48 -18.09 34.03
N TYR E 284 -1.59 -18.46 34.95
CA TYR E 284 -0.20 -18.03 34.85
C TYR E 284 0.47 -18.58 33.60
N LYS E 285 0.24 -19.85 33.29
CA LYS E 285 0.89 -20.51 32.16
C LYS E 285 0.09 -20.44 30.87
N ASP E 286 -1.13 -19.92 30.90
CA ASP E 286 -1.97 -19.86 29.70
C ASP E 286 -2.26 -18.44 29.26
N PHE E 287 -2.80 -17.60 30.15
CA PHE E 287 -3.23 -16.26 29.77
C PHE E 287 -2.02 -15.35 29.54
N THR E 288 -2.22 -14.38 28.65
CA THR E 288 -1.21 -13.37 28.39
C THR E 288 -1.11 -12.42 29.59
N ILE E 289 0.09 -11.89 29.82
CA ILE E 289 0.32 -10.96 30.92
C ILE E 289 -0.59 -9.75 30.78
N TYR E 290 -1.14 -9.29 31.90
CA TYR E 290 -2.01 -8.13 31.90
C TYR E 290 -1.21 -6.87 31.64
N ASN E 291 -1.67 -6.05 30.71
CA ASN E 291 -1.00 -4.80 30.34
C ASN E 291 -1.93 -3.62 30.58
N PRO E 292 -1.71 -2.81 31.62
CA PRO E 292 -2.59 -1.65 31.85
C PRO E 292 -2.39 -0.52 30.87
N ASN E 293 -1.33 -0.56 30.05
CA ASN E 293 -1.11 0.50 29.07
C ASN E 293 -2.23 0.55 28.03
N LEU E 294 -2.68 -0.62 27.57
CA LEU E 294 -3.81 -0.65 26.64
C LEU E 294 -5.07 -0.09 27.28
N LEU E 295 -5.30 -0.41 28.54
CA LEU E 295 -6.46 0.13 29.25
C LEU E 295 -6.38 1.65 29.36
N THR E 296 -5.19 2.17 29.67
CA THR E 296 -5.02 3.62 29.76
C THR E 296 -5.24 4.29 28.40
N ALA E 297 -4.74 3.67 27.33
CA ALA E 297 -4.97 4.21 25.99
C ALA E 297 -6.45 4.20 25.64
N SER E 298 -7.16 3.12 25.96
CA SER E 298 -8.59 3.06 25.69
C SER E 298 -9.35 4.11 26.50
N LYS E 299 -8.96 4.30 27.76
CA LYS E 299 -9.61 5.31 28.59
C LYS E 299 -9.36 6.72 28.03
N PHE E 300 -8.13 6.98 27.58
CA PHE E 300 -7.82 8.27 26.98
C PHE E 300 -8.63 8.50 25.72
N ARG E 301 -8.77 7.47 24.89
CA ARG E 301 -9.59 7.60 23.68
C ARG E 301 -11.05 7.85 24.01
N ALA E 302 -11.57 7.16 25.03
CA ALA E 302 -12.98 7.29 25.38
C ALA E 302 -13.29 8.60 26.10
N ALA E 303 -12.31 9.19 26.79
CA ALA E 303 -12.55 10.41 27.54
C ALA E 303 -12.87 11.60 26.66
N LYS E 304 -12.53 11.54 25.37
CA LYS E 304 -12.82 12.65 24.47
C LYS E 304 -14.32 12.88 24.34
N HIS E 305 -15.10 11.79 24.24
CA HIS E 305 -16.55 11.93 24.13
C HIS E 305 -17.14 12.57 25.39
N MET E 306 -16.65 12.16 26.57
CA MET E 306 -17.13 12.77 27.81
C MET E 306 -16.73 14.23 27.91
N ALA E 307 -15.51 14.57 27.47
CA ALA E 307 -15.05 15.95 27.51
C ALA E 307 -15.88 16.82 26.56
N GLY E 308 -16.24 16.29 25.40
CA GLY E 308 -17.03 17.06 24.45
C GLY E 308 -18.40 17.44 25.00
N LEU E 309 -19.04 16.50 25.68
CA LEU E 309 -20.36 16.76 26.27
C LEU E 309 -20.21 17.37 27.67
N THR E 322 -39.23 7.88 25.80
CA THR E 322 -37.80 7.92 25.47
C THR E 322 -37.58 7.62 24.00
N GLY E 323 -38.67 7.61 23.23
CA GLY E 323 -38.55 7.36 21.80
C GLY E 323 -37.76 8.42 21.07
N GLN E 324 -37.95 9.69 21.46
CA GLN E 324 -37.19 10.77 20.85
C GLN E 324 -35.70 10.63 21.11
N SER E 325 -35.33 10.25 22.33
CA SER E 325 -33.92 10.04 22.64
C SER E 325 -33.35 8.88 21.82
N ARG E 326 -34.11 7.80 21.68
CA ARG E 326 -33.65 6.68 20.86
C ARG E 326 -33.47 7.09 19.41
N ALA E 327 -34.40 7.86 18.86
CA ALA E 327 -34.25 8.34 17.49
C ALA E 327 -33.03 9.24 17.35
N MET E 328 -32.80 10.11 18.33
CA MET E 328 -31.65 11.02 18.27
C MET E 328 -30.33 10.24 18.33
N ILE E 329 -30.24 9.25 19.21
CA ILE E 329 -28.99 8.48 19.30
C ILE E 329 -28.81 7.61 18.07
N ALA E 330 -29.90 7.10 17.48
CA ALA E 330 -29.77 6.35 16.25
C ALA E 330 -29.28 7.23 15.11
N ALA E 331 -29.80 8.46 15.02
CA ALA E 331 -29.32 9.39 13.99
C ALA E 331 -27.86 9.75 14.22
N ALA E 332 -27.46 9.94 15.48
CA ALA E 332 -26.07 10.24 15.78
C ALA E 332 -25.16 9.08 15.38
N ALA E 333 -25.58 7.84 15.67
CA ALA E 333 -24.79 6.68 15.27
C ALA E 333 -24.70 6.57 13.75
N ARG E 334 -25.80 6.84 13.05
CA ARG E 334 -25.79 6.79 11.60
C ARG E 334 -24.84 7.84 11.03
N ARG E 335 -24.85 9.04 11.60
CA ARG E 335 -23.93 10.09 11.15
C ARG E 335 -22.48 9.70 11.45
N ARG E 336 -22.24 9.08 12.60
CA ARG E 336 -20.89 8.65 12.95
C ARG E 336 -20.39 7.56 12.01
N ASP E 337 -21.29 6.67 11.57
CA ASP E 337 -20.89 5.60 10.66
C ASP E 337 -20.39 6.14 9.33
N SER E 338 -20.87 7.32 8.93
CA SER E 338 -20.41 7.96 7.70
C SER E 338 -19.21 8.86 7.91
N SER E 339 -18.72 8.99 9.13
CA SER E 339 -17.58 9.86 9.43
C SER E 339 -16.27 9.16 9.08
N HIS E 340 -15.17 9.86 9.30
CA HIS E 340 -13.85 9.32 8.98
C HIS E 340 -13.49 8.19 9.94
N ASN E 341 -12.81 7.17 9.40
CA ASN E 341 -12.36 6.04 10.20
C ASN E 341 -10.94 6.34 10.70
N GLU E 342 -10.89 7.08 11.81
CA GLU E 342 -9.59 7.50 12.36
C GLU E 342 -8.82 6.31 12.93
N LEU E 343 -9.52 5.32 13.49
CA LEU E 343 -8.84 4.22 14.17
C LEU E 343 -8.01 3.38 13.20
N TYR E 344 -8.54 3.10 12.01
CA TYR E 344 -7.90 2.17 11.10
C TYR E 344 -6.54 2.67 10.63
N TYR E 345 -6.49 3.95 10.19
CA TYR E 345 -5.24 4.48 9.67
C TYR E 345 -4.17 4.59 10.75
N GLU E 346 -4.55 5.02 11.95
CA GLU E 346 -3.57 5.13 13.03
C GLU E 346 -3.10 3.76 13.47
N GLU E 347 -3.99 2.76 13.47
CA GLU E 347 -3.57 1.40 13.78
C GLU E 347 -2.59 0.87 12.73
N ALA E 348 -2.86 1.15 11.45
CA ALA E 348 -1.95 0.72 10.40
C ALA E 348 -0.58 1.40 10.54
N GLU E 349 -0.57 2.70 10.86
CA GLU E 349 0.70 3.40 11.06
C GLU E 349 1.45 2.83 12.25
N HIS E 350 0.74 2.53 13.34
CA HIS E 350 1.38 1.95 14.51
C HIS E 350 1.97 0.57 14.18
N GLU E 351 1.23 -0.24 13.42
CA GLU E 351 1.74 -1.55 13.03
C GLU E 351 2.97 -1.43 12.15
N ARG E 352 2.97 -0.47 11.22
CA ARG E 352 4.14 -0.26 10.38
C ARG E 352 5.35 0.16 11.20
N ARG E 353 5.14 1.08 12.16
CA ARG E 353 6.24 1.50 13.02
C ARG E 353 6.77 0.34 13.86
N VAL E 354 5.85 -0.49 14.38
CA VAL E 354 6.26 -1.64 15.18
C VAL E 354 7.08 -2.61 14.33
N LYS E 355 6.64 -2.86 13.08
CA LYS E 355 7.39 -3.75 12.20
C LYS E 355 8.77 -3.20 11.89
N LYS E 356 8.86 -1.89 11.62
CA LYS E 356 10.16 -1.29 11.31
C LYS E 356 11.10 -1.38 12.51
N ARG E 357 10.59 -1.07 13.72
CA ARG E 357 11.43 -1.16 14.90
C ARG E 357 11.80 -2.60 15.23
N LYS E 358 10.91 -3.55 14.94
CA LYS E 358 11.22 -4.96 15.11
C LYS E 358 12.36 -5.38 14.18
N ALA E 359 12.32 -4.94 12.93
CA ALA E 359 13.40 -5.25 12.00
C ALA E 359 14.71 -4.64 12.45
N ARG E 360 14.67 -3.38 12.92
CA ARG E 360 15.88 -2.74 13.41
C ARG E 360 16.44 -3.48 14.63
N LEU E 361 15.56 -3.90 15.54
CA LEU E 361 16.01 -4.64 16.71
C LEU E 361 16.60 -5.99 16.32
N VAL E 362 16.00 -6.65 15.32
CA VAL E 362 16.54 -7.93 14.84
C VAL E 362 17.94 -7.73 14.28
N VAL E 363 18.13 -6.69 13.48
CA VAL E 363 19.46 -6.40 12.92
C VAL E 363 20.46 -6.10 14.03
N ALA E 364 20.05 -5.30 15.02
CA ALA E 364 20.94 -4.97 16.12
C ALA E 364 21.32 -6.21 16.93
N VAL E 365 20.36 -7.10 17.17
CA VAL E 365 20.64 -8.31 17.94
C VAL E 365 21.55 -9.24 17.14
N GLU E 366 21.35 -9.32 15.83
CA GLU E 366 22.26 -10.13 15.01
C GLU E 366 23.68 -9.58 15.05
N GLU E 367 23.83 -8.26 14.96
CA GLU E 367 25.16 -7.67 15.06
C GLU E 367 25.77 -7.92 16.44
N ALA E 368 24.96 -7.83 17.49
CA ALA E 368 25.45 -8.09 18.83
C ALA E 368 25.91 -9.53 18.99
N PHE E 369 25.17 -10.48 18.41
CA PHE E 369 25.57 -11.88 18.47
C PHE E 369 26.84 -12.12 17.67
N ILE E 370 26.99 -11.44 16.54
CA ILE E 370 28.24 -11.52 15.78
C ILE E 370 29.41 -11.01 16.63
N HIS E 371 29.20 -9.91 17.34
CA HIS E 371 30.24 -9.39 18.22
C HIS E 371 30.55 -10.36 19.36
N ILE E 372 29.51 -11.02 19.89
CA ILE E 372 29.72 -12.02 20.94
C ILE E 372 30.58 -13.17 20.42
N GLN E 373 30.27 -13.66 19.21
CA GLN E 373 31.05 -14.74 18.62
C GLN E 373 32.49 -14.29 18.38
N ARG E 374 32.69 -13.05 17.91
CA ARG E 374 34.04 -12.54 17.71
C ARG E 374 34.80 -12.46 19.02
N LEU E 375 34.15 -11.99 20.09
CA LEU E 375 34.80 -11.90 21.39
C LEU E 375 35.16 -13.28 21.92
N GLN E 376 34.27 -14.26 21.74
CA GLN E 376 34.57 -15.62 22.18
C GLN E 376 35.75 -16.19 21.39
N ALA E 377 35.78 -15.97 20.07
CA ALA E 377 36.89 -16.44 19.27
C ALA E 377 38.20 -15.80 19.71
N GLU E 378 38.18 -14.49 19.98
CA GLU E 378 39.39 -13.81 20.44
C GLU E 378 39.84 -14.35 21.79
N GLU E 379 38.91 -14.59 22.71
CA GLU E 379 39.27 -15.12 24.02
C GLU E 379 39.73 -16.57 23.95
N GLN E 380 39.38 -17.29 22.89
CA GLN E 380 39.82 -18.67 22.77
C GLN E 380 41.34 -18.78 22.72
N GLN E 381 42.00 -17.90 21.96
CA GLN E 381 43.45 -17.97 21.85
C GLN E 381 44.15 -17.58 23.15
N LYS E 382 43.52 -16.74 23.96
CA LYS E 382 44.15 -16.26 25.19
C LYS E 382 44.42 -17.40 26.16
N ALA E 383 43.45 -18.31 26.31
CA ALA E 383 43.62 -19.43 27.23
C ALA E 383 42.73 -20.60 26.80
N PRO E 384 43.30 -21.77 26.56
CA PRO E 384 42.49 -22.94 26.18
C PRO E 384 41.93 -23.66 27.40
N GLY E 385 40.68 -24.10 27.26
CA GLY E 385 40.01 -24.79 28.34
C GLY E 385 39.51 -23.91 29.47
N GLU E 386 39.58 -22.59 29.31
CA GLU E 386 39.12 -21.65 30.32
C GLU E 386 38.12 -20.72 29.65
N VAL E 387 36.83 -21.08 29.72
CA VAL E 387 35.79 -20.26 29.12
C VAL E 387 35.60 -18.99 29.96
N MET E 388 35.37 -17.87 29.28
CA MET E 388 35.15 -16.61 29.97
C MET E 388 33.75 -16.58 30.59
N ASP E 389 33.63 -15.81 31.66
CA ASP E 389 32.33 -15.64 32.29
C ASP E 389 31.43 -14.76 31.42
N PRO E 390 30.19 -15.18 31.16
CA PRO E 390 29.33 -14.40 30.23
C PRO E 390 28.92 -13.05 30.76
N ARG E 391 29.12 -12.77 32.05
CA ARG E 391 28.64 -11.52 32.63
C ARG E 391 29.31 -10.31 31.98
N GLU E 392 30.64 -10.34 31.83
CA GLU E 392 31.34 -9.22 31.24
C GLU E 392 31.02 -9.09 29.75
N ALA E 393 30.81 -10.22 29.07
CA ALA E 393 30.39 -10.16 27.67
C ALA E 393 29.04 -9.49 27.54
N ALA E 394 28.09 -9.81 28.42
CA ALA E 394 26.80 -9.13 28.41
C ALA E 394 26.97 -7.64 28.72
N GLN E 395 27.84 -7.31 29.67
CA GLN E 395 28.09 -5.91 30.00
C GLN E 395 28.59 -5.14 28.78
N ALA E 396 29.53 -5.73 28.03
CA ALA E 396 30.11 -5.04 26.89
C ALA E 396 29.17 -5.01 25.70
N ILE E 397 28.29 -6.01 25.58
CA ILE E 397 27.45 -6.12 24.39
C ILE E 397 26.12 -5.38 24.52
N PHE E 398 25.59 -5.25 25.74
CA PHE E 398 24.28 -4.63 25.92
C PHE E 398 24.15 -3.23 25.34
N PRO E 399 25.12 -2.31 25.49
CA PRO E 399 24.93 -0.96 24.92
C PRO E 399 24.73 -0.95 23.41
N SER E 400 25.24 -1.96 22.70
CA SER E 400 25.09 -1.99 21.24
C SER E 400 23.63 -2.08 20.83
N MET E 401 22.86 -2.94 21.51
CA MET E 401 21.44 -3.13 21.20
C MET E 401 20.53 -2.41 22.18
N ALA E 402 21.09 -1.65 23.12
CA ALA E 402 20.27 -1.04 24.18
C ALA E 402 19.28 -0.05 23.59
N ARG E 403 19.73 0.80 22.66
CA ARG E 403 18.84 1.80 22.09
C ARG E 403 17.70 1.16 21.31
N ALA E 404 18.02 0.15 20.50
CA ALA E 404 16.99 -0.53 19.74
C ALA E 404 15.99 -1.24 20.64
N LEU E 405 16.49 -1.90 21.69
CA LEU E 405 15.61 -2.60 22.61
C LEU E 405 14.72 -1.62 23.36
N GLN E 406 15.27 -0.48 23.78
CA GLN E 406 14.46 0.53 24.47
C GLN E 406 13.39 1.10 23.55
N LYS E 407 13.74 1.36 22.28
CA LYS E 407 12.76 1.85 21.32
C LYS E 407 11.65 0.83 21.10
N TYR E 408 12.01 -0.44 20.97
CA TYR E 408 11.00 -1.48 20.77
C TYR E 408 10.09 -1.60 22.00
N LEU E 409 10.67 -1.52 23.20
CA LEU E 409 9.86 -1.59 24.41
C LEU E 409 8.93 -0.39 24.50
N ARG E 410 9.41 0.80 24.12
CA ARG E 410 8.56 1.99 24.14
C ARG E 410 7.42 1.86 23.15
N ILE E 411 7.70 1.35 21.94
CA ILE E 411 6.64 1.23 20.94
C ILE E 411 5.69 0.07 21.25
N THR E 412 6.12 -0.90 22.05
CA THR E 412 5.29 -2.03 22.43
C THR E 412 4.75 -1.92 23.85
N ARG E 413 5.07 -0.84 24.56
CA ARG E 413 4.62 -0.61 25.93
C ARG E 413 5.00 -1.78 26.84
N GLN E 414 6.21 -2.30 26.65
CA GLN E 414 6.72 -3.42 27.43
C GLN E 414 7.95 -3.07 28.24
N GLN E 415 8.24 -1.78 28.41
CA GLN E 415 9.43 -1.38 29.15
C GLN E 415 9.29 -1.64 30.64
N ASN E 416 8.06 -1.59 31.17
CA ASN E 416 7.86 -1.79 32.60
C ASN E 416 8.22 -3.20 33.03
N TYR E 417 7.82 -4.20 32.24
CA TYR E 417 8.07 -5.60 32.62
C TYR E 417 9.53 -5.98 32.46
N HIS E 418 10.15 -5.57 31.36
CA HIS E 418 11.53 -5.95 31.07
C HIS E 418 12.48 -4.94 31.72
N SER E 419 13.26 -5.40 32.69
CA SER E 419 14.24 -4.57 33.37
C SER E 419 15.63 -4.79 32.79
N MET E 420 16.51 -3.81 33.02
CA MET E 420 17.87 -3.88 32.49
C MET E 420 18.63 -5.08 33.07
N GLU E 421 18.49 -5.31 34.38
CA GLU E 421 19.13 -6.47 34.99
C GLU E 421 18.55 -7.77 34.43
N SER E 422 17.24 -7.81 34.22
CA SER E 422 16.62 -9.00 33.64
C SER E 422 17.12 -9.25 32.22
N ILE E 423 17.27 -8.17 31.44
CA ILE E 423 17.80 -8.31 30.09
C ILE E 423 19.22 -8.85 30.11
N LEU E 424 20.05 -8.33 31.03
CA LEU E 424 21.41 -8.83 31.14
C LEU E 424 21.44 -10.30 31.54
N GLN E 425 20.58 -10.69 32.48
CA GLN E 425 20.52 -12.08 32.90
C GLN E 425 20.09 -12.99 31.75
N HIS E 426 19.08 -12.56 30.98
CA HIS E 426 18.65 -13.36 29.83
C HIS E 426 19.74 -13.48 28.79
N LEU E 427 20.47 -12.39 28.54
CA LEU E 427 21.58 -12.42 27.58
C LEU E 427 22.67 -13.39 28.05
N ALA E 428 23.01 -13.35 29.34
CA ALA E 428 24.00 -14.27 29.88
C ALA E 428 23.53 -15.72 29.77
N PHE E 429 22.24 -15.96 30.06
CA PHE E 429 21.70 -17.31 29.95
C PHE E 429 21.77 -17.81 28.51
N CYS E 430 21.43 -16.95 27.55
CA CYS E 430 21.54 -17.32 26.14
C CYS E 430 22.98 -17.59 25.73
N ILE E 431 23.93 -16.78 26.23
CA ILE E 431 25.34 -17.01 25.94
C ILE E 431 25.79 -18.36 26.48
N THR E 432 25.37 -18.70 27.70
CA THR E 432 25.71 -20.00 28.25
C THR E 432 25.10 -21.13 27.41
N ASN E 433 23.86 -20.97 26.97
CA ASN E 433 23.22 -22.00 26.16
C ASN E 433 23.55 -21.89 24.68
N GLY E 434 24.17 -20.79 24.25
CA GLY E 434 24.49 -20.63 22.84
C GLY E 434 23.27 -20.56 21.94
N MET E 435 22.21 -19.90 22.40
CA MET E 435 20.97 -19.83 21.63
C MET E 435 21.12 -18.89 20.44
N THR E 436 20.27 -19.11 19.43
CA THR E 436 20.25 -18.25 18.27
C THR E 436 19.67 -16.88 18.64
N PRO E 437 19.98 -15.84 17.87
CA PRO E 437 19.41 -14.52 18.16
C PRO E 437 17.88 -14.48 18.12
N LYS E 438 17.26 -15.37 17.33
CA LYS E 438 15.80 -15.39 17.26
C LYS E 438 15.18 -15.76 18.60
N ALA E 439 15.80 -16.71 19.32
CA ALA E 439 15.27 -17.10 20.62
C ALA E 439 15.33 -15.94 21.60
N PHE E 440 16.43 -15.19 21.60
CA PHE E 440 16.53 -14.01 22.46
C PHE E 440 15.52 -12.96 22.06
N LEU E 441 15.33 -12.75 20.74
CA LEU E 441 14.41 -11.73 20.26
C LEU E 441 12.96 -12.04 20.63
N GLU E 442 12.56 -13.31 20.52
CA GLU E 442 11.16 -13.66 20.67
C GLU E 442 10.65 -13.49 22.10
N ARG E 443 11.54 -13.49 23.10
CA ARG E 443 11.09 -13.25 24.47
C ARG E 443 10.54 -11.84 24.62
N TYR E 444 11.22 -10.85 24.04
CA TYR E 444 10.78 -9.47 24.07
C TYR E 444 9.91 -9.10 22.88
N LEU E 445 9.69 -10.03 21.94
CA LEU E 445 8.89 -9.74 20.76
C LEU E 445 7.45 -9.40 21.15
N SER E 446 6.76 -10.32 21.80
CA SER E 446 5.37 -10.15 22.18
C SER E 446 5.17 -10.61 23.61
N ALA E 447 4.13 -10.06 24.25
CA ALA E 447 3.81 -10.43 25.62
C ALA E 447 3.35 -11.89 25.68
N GLY E 448 3.81 -12.60 26.71
CA GLY E 448 3.49 -14.00 26.87
C GLY E 448 2.95 -14.34 28.23
N PRO E 449 3.32 -15.51 28.75
CA PRO E 449 2.80 -15.95 30.04
C PRO E 449 3.35 -15.12 31.20
N THR E 450 2.62 -15.15 32.31
CA THR E 450 3.01 -14.41 33.50
C THR E 450 4.30 -14.94 34.10
N LEU E 451 4.51 -16.26 34.06
CA LEU E 451 5.67 -16.87 34.72
C LEU E 451 6.99 -16.48 34.07
N GLN E 452 6.96 -15.92 32.87
CA GLN E 452 8.20 -15.53 32.20
C GLN E 452 8.91 -14.41 32.94
N TYR E 453 8.16 -13.45 33.48
CA TYR E 453 8.75 -12.28 34.11
C TYR E 453 9.17 -12.63 35.54
N ASP E 454 9.56 -11.61 36.31
CA ASP E 454 10.07 -11.81 37.65
C ASP E 454 8.93 -12.18 38.62
N LYS E 455 9.32 -12.65 39.80
CA LYS E 455 8.35 -13.09 40.79
C LYS E 455 7.47 -11.93 41.28
N ASP E 456 8.07 -10.76 41.46
CA ASP E 456 7.33 -9.61 41.99
C ASP E 456 6.26 -9.11 41.03
N ARG E 457 6.32 -9.50 39.76
CA ARG E 457 5.33 -9.04 38.79
C ARG E 457 3.93 -9.55 39.14
N TRP E 458 3.82 -10.82 39.53
CA TRP E 458 2.55 -11.44 39.83
C TRP E 458 2.30 -11.47 41.33
N LEU E 459 1.03 -11.37 41.71
CA LEU E 459 0.60 -11.43 43.09
C LEU E 459 -0.38 -12.58 43.26
N SER E 460 -0.11 -13.46 44.23
CA SER E 460 -0.96 -14.61 44.50
C SER E 460 -1.65 -14.50 45.86
N THR E 461 -1.75 -13.30 46.41
CA THR E 461 -2.36 -13.07 47.71
C THR E 461 -3.67 -12.29 47.65
N GLN E 462 -3.79 -11.37 46.70
CA GLN E 462 -4.97 -10.51 46.60
C GLN E 462 -6.13 -11.17 45.87
N TRP E 463 -5.99 -12.42 45.44
CA TRP E 463 -7.06 -13.11 44.74
C TRP E 463 -8.26 -13.31 45.67
N ARG E 464 -9.46 -13.08 45.13
CA ARG E 464 -10.71 -13.25 45.85
C ARG E 464 -11.70 -14.00 44.98
N LEU E 465 -12.65 -14.68 45.63
CA LEU E 465 -13.66 -15.46 44.93
C LEU E 465 -15.04 -14.86 45.21
N VAL E 466 -15.80 -14.61 44.15
CA VAL E 466 -17.15 -14.07 44.25
C VAL E 466 -18.10 -15.02 43.55
N SER E 467 -19.11 -15.48 44.29
CA SER E 467 -20.10 -16.40 43.74
C SER E 467 -21.33 -16.37 44.64
N ASP E 468 -22.51 -16.34 44.02
CA ASP E 468 -23.75 -16.36 44.79
C ASP E 468 -23.88 -17.66 45.58
N GLU E 469 -23.58 -18.78 44.95
CA GLU E 469 -23.61 -20.08 45.63
C GLU E 469 -22.39 -20.24 46.52
N ALA E 470 -22.55 -21.04 47.57
CA ALA E 470 -21.45 -21.32 48.48
C ALA E 470 -20.34 -22.08 47.77
N VAL E 471 -19.09 -21.76 48.11
CA VAL E 471 -17.95 -22.38 47.45
C VAL E 471 -17.82 -23.85 47.82
N THR E 472 -18.46 -24.29 48.91
CA THR E 472 -18.36 -25.69 49.31
C THR E 472 -19.16 -26.61 48.39
N ASN E 473 -20.13 -26.08 47.67
CA ASN E 473 -20.94 -26.89 46.77
C ASN E 473 -20.14 -27.27 45.52
N GLY E 474 -20.56 -28.36 44.89
CA GLY E 474 -19.90 -28.83 43.69
C GLY E 474 -20.30 -28.04 42.46
N LEU E 475 -19.60 -28.34 41.36
CA LEU E 475 -19.88 -27.65 40.10
C LEU E 475 -21.24 -28.06 39.54
N ARG E 476 -21.97 -27.08 39.02
CA ARG E 476 -23.28 -27.32 38.44
C ARG E 476 -23.38 -26.55 37.13
N ASP E 477 -24.23 -27.05 36.23
CA ASP E 477 -24.43 -26.39 34.95
C ASP E 477 -25.07 -25.02 35.14
N GLY E 478 -24.53 -24.02 34.44
CA GLY E 478 -25.08 -22.69 34.45
C GLY E 478 -24.55 -21.77 35.53
N ILE E 479 -23.74 -22.27 36.45
CA ILE E 479 -23.21 -21.42 37.52
C ILE E 479 -22.06 -20.59 36.98
N VAL E 480 -21.93 -19.36 37.50
CA VAL E 480 -20.93 -18.40 37.06
C VAL E 480 -20.27 -17.82 38.29
N PHE E 481 -18.94 -17.72 38.28
CA PHE E 481 -18.24 -17.08 39.39
C PHE E 481 -17.16 -16.15 38.87
N VAL E 482 -16.58 -15.38 39.78
CA VAL E 482 -15.61 -14.35 39.45
C VAL E 482 -14.38 -14.50 40.35
N LEU E 483 -13.20 -14.40 39.76
CA LEU E 483 -11.94 -14.37 40.48
C LEU E 483 -11.39 -12.95 40.39
N LYS E 484 -11.47 -12.22 41.50
CA LYS E 484 -11.05 -10.83 41.55
C LYS E 484 -9.58 -10.72 41.94
N CYS E 485 -8.93 -9.66 41.46
CA CYS E 485 -7.56 -9.34 41.83
C CYS E 485 -7.32 -7.89 41.47
N LEU E 486 -6.14 -7.39 41.84
CA LEU E 486 -5.86 -5.96 41.72
C LEU E 486 -6.08 -5.46 40.31
N ASP E 487 -7.12 -4.65 40.12
CA ASP E 487 -7.51 -3.96 38.89
C ASP E 487 -8.08 -4.92 37.83
N PHE E 488 -8.16 -6.22 38.08
CA PHE E 488 -8.66 -7.10 37.03
C PHE E 488 -9.39 -8.30 37.63
N SER E 489 -10.39 -8.79 36.89
CA SER E 489 -11.20 -9.91 37.31
C SER E 489 -11.34 -10.90 36.15
N LEU E 490 -11.46 -12.17 36.50
CA LEU E 490 -11.69 -13.25 35.54
C LEU E 490 -13.07 -13.84 35.78
N VAL E 491 -13.92 -13.81 34.77
CA VAL E 491 -15.26 -14.37 34.86
C VAL E 491 -15.20 -15.79 34.32
N VAL E 492 -15.66 -16.76 35.13
CA VAL E 492 -15.62 -18.17 34.78
C VAL E 492 -17.06 -18.67 34.67
N ASN E 493 -17.39 -19.25 33.52
CA ASN E 493 -18.68 -19.84 33.22
C ASN E 493 -18.54 -21.35 33.21
N VAL E 494 -19.48 -22.03 33.86
CA VAL E 494 -19.47 -23.50 33.96
C VAL E 494 -20.61 -24.05 33.12
N LYS E 495 -20.28 -25.01 32.25
CA LYS E 495 -21.26 -25.65 31.39
C LYS E 495 -21.12 -27.16 31.47
N LYS E 496 -22.21 -27.85 31.18
CA LYS E 496 -22.26 -29.31 31.21
C LYS E 496 -22.06 -29.86 29.80
N ILE E 497 -21.23 -30.88 29.68
CA ILE E 497 -20.98 -31.50 28.37
C ILE E 497 -22.26 -32.16 27.88
N PRO E 498 -22.69 -31.89 26.65
CA PRO E 498 -23.95 -32.47 26.15
C PRO E 498 -23.85 -33.98 26.00
N PHE E 499 -25.00 -34.63 26.12
CA PHE E 499 -25.08 -36.08 25.98
C PHE E 499 -24.80 -36.46 24.53
N ILE E 500 -23.63 -37.03 24.29
CA ILE E 500 -23.21 -37.42 22.94
C ILE E 500 -23.74 -38.81 22.65
N ILE E 501 -24.46 -38.95 21.54
CA ILE E 501 -25.02 -40.22 21.11
C ILE E 501 -24.26 -40.66 19.86
N LEU E 502 -23.65 -41.83 19.92
CA LEU E 502 -22.87 -42.38 18.81
C LEU E 502 -23.54 -43.65 18.31
N SER E 503 -23.66 -43.77 17.00
CA SER E 503 -24.24 -44.94 16.36
C SER E 503 -23.35 -45.42 15.23
N GLU E 504 -23.36 -46.72 14.99
CA GLU E 504 -22.54 -47.33 13.94
C GLU E 504 -23.30 -47.23 12.62
N GLU E 505 -23.27 -46.03 12.06
CA GLU E 505 -23.94 -45.72 10.78
C GLU E 505 -25.43 -46.09 10.82
N ASP F 106 -40.35 -39.87 33.46
CA ASP F 106 -40.17 -40.02 34.90
C ASP F 106 -40.19 -41.50 35.30
N CYS F 107 -41.12 -42.25 34.71
CA CYS F 107 -41.22 -43.68 35.02
C CYS F 107 -39.97 -44.43 34.57
N LYS F 108 -39.44 -44.09 33.39
CA LYS F 108 -38.25 -44.76 32.89
C LYS F 108 -37.05 -44.49 33.79
N ARG F 109 -36.91 -43.25 34.27
CA ARG F 109 -35.79 -42.92 35.15
C ARG F 109 -35.86 -43.72 36.44
N TYR F 110 -37.04 -43.81 37.04
CA TYR F 110 -37.19 -44.60 38.28
C TYR F 110 -36.96 -46.08 38.02
N LEU F 111 -37.43 -46.59 36.88
CA LEU F 111 -37.22 -48.01 36.56
C LEU F 111 -35.74 -48.30 36.40
N GLY F 112 -35.00 -47.42 35.72
CA GLY F 112 -33.58 -47.60 35.60
C GLY F 112 -32.82 -47.45 36.90
N LEU F 113 -33.30 -46.57 37.78
CA LEU F 113 -32.62 -46.33 39.04
C LEU F 113 -32.84 -47.48 40.03
N THR F 114 -34.04 -48.09 40.01
CA THR F 114 -34.32 -49.18 40.94
C THR F 114 -33.40 -50.37 40.72
N VAL F 115 -33.12 -50.69 39.45
CA VAL F 115 -32.26 -51.84 39.15
C VAL F 115 -30.87 -51.63 39.73
N ALA F 116 -30.32 -50.42 39.57
CA ALA F 116 -28.98 -50.13 40.09
C ALA F 116 -28.98 -49.88 41.60
N SER F 117 -30.14 -49.60 42.19
CA SER F 117 -30.19 -49.31 43.62
C SER F 117 -30.42 -50.57 44.46
N PHE F 118 -31.39 -51.40 44.08
CA PHE F 118 -31.70 -52.60 44.86
C PHE F 118 -30.54 -53.59 44.86
N LEU F 119 -29.90 -53.78 43.70
CA LEU F 119 -28.75 -54.68 43.65
C LEU F 119 -27.61 -54.19 44.52
N GLY F 120 -27.32 -52.89 44.46
CA GLY F 120 -26.29 -52.34 45.31
C GLY F 120 -26.62 -52.48 46.79
N LEU F 121 -27.88 -52.22 47.15
CA LEU F 121 -28.30 -52.35 48.54
C LEU F 121 -28.14 -53.78 49.03
N LEU F 122 -28.54 -54.76 48.22
CA LEU F 122 -28.46 -56.14 48.65
C LEU F 122 -27.00 -56.62 48.74
N VAL F 123 -26.16 -56.22 47.77
CA VAL F 123 -24.76 -56.64 47.85
C VAL F 123 -24.05 -55.94 49.01
N PHE F 124 -24.50 -54.74 49.39
CA PHE F 124 -23.90 -54.07 50.54
C PHE F 124 -24.37 -54.66 51.86
N LEU F 125 -25.62 -55.09 51.92
CA LEU F 125 -26.18 -55.67 53.14
C LEU F 125 -25.93 -57.17 53.25
N THR F 126 -25.36 -57.80 52.23
CA THR F 126 -25.02 -59.23 52.31
C THR F 126 -24.17 -59.59 53.50
N PRO F 127 -23.09 -58.86 53.85
CA PRO F 127 -22.39 -59.18 55.11
C PRO F 127 -23.26 -59.05 56.33
N ILE F 128 -24.17 -58.07 56.35
CA ILE F 128 -25.08 -57.90 57.48
C ILE F 128 -25.99 -59.12 57.62
N ALA F 129 -26.53 -59.60 56.49
CA ALA F 129 -27.34 -60.82 56.53
C ALA F 129 -26.51 -62.01 56.98
N PHE F 130 -25.27 -62.11 56.49
CA PHE F 130 -24.42 -63.23 56.85
C PHE F 130 -24.12 -63.25 58.36
N ILE F 131 -23.98 -62.08 58.96
CA ILE F 131 -23.68 -62.02 60.39
C ILE F 131 -24.94 -62.01 61.26
N LEU F 132 -26.11 -61.75 60.69
CA LEU F 132 -27.35 -61.72 61.46
C LEU F 132 -28.24 -62.93 61.26
N LEU F 133 -27.91 -63.83 60.33
CA LEU F 133 -28.73 -65.01 60.12
C LEU F 133 -28.46 -66.11 61.15
N PRO F 134 -27.21 -66.43 61.50
CA PRO F 134 -26.96 -67.48 62.50
C PRO F 134 -27.63 -67.19 63.83
N PRO F 135 -27.62 -65.94 64.34
CA PRO F 135 -28.34 -65.70 65.60
C PRO F 135 -29.84 -65.94 65.52
N ILE F 136 -30.45 -65.71 64.36
CA ILE F 136 -31.90 -65.88 64.24
C ILE F 136 -32.28 -67.30 63.83
N LEU F 137 -31.33 -68.10 63.32
CA LEU F 137 -31.64 -69.47 62.93
C LEU F 137 -31.64 -70.41 64.14
N TRP F 138 -30.57 -70.37 64.93
CA TRP F 138 -30.46 -71.17 66.13
C TRP F 138 -30.12 -70.28 67.32
N ARG F 139 -30.61 -70.64 68.49
CA ARG F 139 -30.40 -69.87 69.70
C ARG F 139 -29.69 -70.63 70.80
N ASP F 140 -30.04 -71.90 71.02
CA ASP F 140 -29.44 -72.70 72.08
C ASP F 140 -28.20 -73.46 71.63
N GLU F 141 -27.82 -73.35 70.35
CA GLU F 141 -26.64 -74.02 69.83
C GLU F 141 -25.46 -73.07 69.66
N LEU F 142 -25.53 -71.87 70.23
CA LEU F 142 -24.46 -70.91 70.08
C LEU F 142 -23.20 -71.36 70.81
N GLU F 143 -22.06 -71.20 70.15
CA GLU F 143 -20.75 -71.47 70.73
C GLU F 143 -20.16 -70.18 71.29
N PRO F 144 -19.27 -70.27 72.28
CA PRO F 144 -18.64 -69.06 72.83
C PRO F 144 -17.88 -68.28 71.77
N CYS F 145 -18.37 -67.08 71.44
CA CYS F 145 -17.72 -66.28 70.42
C CYS F 145 -16.40 -65.69 70.92
N GLY F 146 -16.41 -65.17 72.14
CA GLY F 146 -15.21 -64.57 72.71
C GLY F 146 -15.12 -63.08 72.38
N THR F 147 -14.05 -62.71 71.68
CA THR F 147 -13.81 -61.30 71.33
C THR F 147 -13.44 -61.08 69.87
N ILE F 148 -13.01 -62.12 69.15
CA ILE F 148 -12.59 -61.96 67.76
C ILE F 148 -13.76 -61.45 66.90
N CYS F 149 -14.97 -61.93 67.19
CA CYS F 149 -16.14 -61.47 66.45
C CYS F 149 -16.39 -59.98 66.67
N GLU F 150 -16.25 -59.52 67.91
CA GLU F 150 -16.44 -58.10 68.20
C GLU F 150 -15.39 -57.25 67.50
N GLY F 151 -14.14 -57.71 67.49
CA GLY F 151 -13.10 -56.98 66.79
C GLY F 151 -13.29 -56.95 65.28
N LEU F 152 -13.83 -58.04 64.71
CA LEU F 152 -14.06 -58.09 63.28
C LEU F 152 -15.28 -57.30 62.86
N PHE F 153 -16.28 -57.16 63.74
CA PHE F 153 -17.51 -56.46 63.39
C PHE F 153 -17.24 -54.99 63.07
N ILE F 154 -16.43 -54.33 63.90
CA ILE F 154 -16.16 -52.91 63.70
C ILE F 154 -15.30 -52.70 62.44
N SER F 155 -14.34 -53.60 62.21
CA SER F 155 -13.54 -53.50 60.99
C SER F 155 -14.40 -53.69 59.76
N MET F 156 -15.34 -54.63 59.80
CA MET F 156 -16.26 -54.83 58.68
C MET F 156 -17.13 -53.61 58.47
N ALA F 157 -17.62 -52.99 59.56
CA ALA F 157 -18.42 -51.78 59.43
C ALA F 157 -17.62 -50.65 58.81
N PHE F 158 -16.37 -50.48 59.23
CA PHE F 158 -15.53 -49.43 58.66
C PHE F 158 -15.25 -49.69 57.19
N LYS F 159 -14.99 -50.95 56.82
CA LYS F 159 -14.76 -51.28 55.42
C LYS F 159 -16.01 -51.02 54.59
N LEU F 160 -17.19 -51.34 55.14
CA LEU F 160 -18.43 -51.05 54.44
C LEU F 160 -18.64 -49.55 54.25
N LEU F 161 -18.30 -48.76 55.27
CA LEU F 161 -18.40 -47.30 55.14
C LEU F 161 -17.45 -46.78 54.07
N ILE F 162 -16.22 -47.29 54.04
CA ILE F 162 -15.27 -46.87 53.02
C ILE F 162 -15.77 -47.24 51.63
N LEU F 163 -16.32 -48.45 51.49
CA LEU F 163 -16.85 -48.87 50.20
C LEU F 163 -18.02 -47.99 49.77
N LEU F 164 -18.89 -47.63 50.72
CA LEU F 164 -20.01 -46.73 50.41
C LEU F 164 -19.50 -45.38 49.94
N ILE F 165 -18.51 -44.82 50.63
CA ILE F 165 -17.96 -43.53 50.26
C ILE F 165 -17.35 -43.60 48.87
N GLY F 166 -16.57 -44.64 48.59
CA GLY F 166 -15.96 -44.78 47.28
C GLY F 166 -16.98 -44.96 46.17
N THR F 167 -18.02 -45.76 46.42
CA THR F 167 -19.07 -45.96 45.42
C THR F 167 -19.81 -44.66 45.15
N TRP F 168 -20.09 -43.88 46.18
CA TRP F 168 -20.74 -42.59 45.97
C TRP F 168 -19.84 -41.65 45.19
N ALA F 169 -18.54 -41.61 45.52
CA ALA F 169 -17.63 -40.66 44.90
C ALA F 169 -17.38 -40.98 43.44
N LEU F 170 -17.13 -42.25 43.11
CA LEU F 170 -16.66 -42.58 41.76
C LEU F 170 -17.81 -42.93 40.84
N PHE F 171 -18.77 -43.72 41.32
CA PHE F 171 -19.76 -44.34 40.43
C PHE F 171 -21.17 -43.81 40.59
N PHE F 172 -21.45 -42.98 41.60
CA PHE F 172 -22.77 -42.37 41.75
C PHE F 172 -22.79 -41.09 40.93
N ARG F 173 -22.94 -41.25 39.63
CA ARG F 173 -22.93 -40.13 38.69
C ARG F 173 -23.78 -40.47 37.48
N LYS F 174 -24.24 -39.43 36.79
CA LYS F 174 -25.08 -39.60 35.61
C LYS F 174 -24.23 -39.99 34.41
N ARG F 175 -24.83 -40.78 33.52
CA ARG F 175 -24.15 -41.18 32.29
C ARG F 175 -23.95 -39.97 31.37
N ARG F 176 -22.78 -39.89 30.75
CA ARG F 176 -22.42 -38.76 29.91
C ARG F 176 -22.62 -39.01 28.43
N ALA F 177 -22.28 -40.21 27.95
CA ALA F 177 -22.39 -40.54 26.53
C ALA F 177 -22.92 -41.95 26.36
N ASP F 178 -23.48 -42.21 25.18
CA ASP F 178 -24.04 -43.50 24.84
C ASP F 178 -23.11 -44.22 23.87
N MET F 179 -22.78 -45.48 24.20
CA MET F 179 -21.88 -46.29 23.39
C MET F 179 -22.65 -47.00 22.29
N PRO F 180 -22.24 -46.89 21.02
CA PRO F 180 -22.94 -47.62 19.95
C PRO F 180 -22.92 -49.11 20.14
N ARG F 181 -21.85 -49.67 20.71
CA ARG F 181 -21.73 -51.10 20.99
C ARG F 181 -21.65 -51.32 22.49
N VAL F 182 -21.51 -52.59 22.88
CA VAL F 182 -21.41 -52.93 24.29
C VAL F 182 -20.04 -52.53 24.82
N PHE F 183 -20.02 -52.06 26.07
CA PHE F 183 -18.77 -51.67 26.70
C PHE F 183 -18.12 -52.89 27.34
N VAL F 184 -16.92 -53.24 26.89
CA VAL F 184 -16.29 -54.49 27.31
C VAL F 184 -15.97 -54.44 28.81
N PHE F 185 -15.35 -53.35 29.27
CA PHE F 185 -14.93 -53.27 30.66
C PHE F 185 -16.13 -53.25 31.61
N ARG F 186 -17.17 -52.49 31.27
CA ARG F 186 -18.35 -52.43 32.13
C ARG F 186 -19.05 -53.78 32.21
N ALA F 187 -19.20 -54.46 31.07
CA ALA F 187 -19.83 -55.77 31.06
C ALA F 187 -19.01 -56.77 31.86
N LEU F 188 -17.68 -56.72 31.71
CA LEU F 188 -16.80 -57.60 32.47
C LEU F 188 -16.95 -57.37 33.96
N LEU F 189 -16.96 -56.09 34.38
CA LEU F 189 -17.12 -55.78 35.81
C LEU F 189 -18.47 -56.25 36.31
N LEU F 190 -19.53 -56.04 35.54
CA LEU F 190 -20.87 -56.45 35.97
C LEU F 190 -20.98 -57.96 36.12
N VAL F 191 -20.46 -58.72 35.15
CA VAL F 191 -20.55 -60.17 35.25
C VAL F 191 -19.65 -60.69 36.37
N LEU F 192 -18.50 -60.05 36.58
CA LEU F 192 -17.62 -60.44 37.69
C LEU F 192 -18.32 -60.23 39.03
N ILE F 193 -18.98 -59.08 39.21
CA ILE F 193 -19.71 -58.82 40.44
C ILE F 193 -20.86 -59.82 40.60
N PHE F 194 -21.57 -60.10 39.50
CA PHE F 194 -22.68 -61.03 39.55
C PHE F 194 -22.23 -62.42 40.02
N LEU F 195 -21.16 -62.94 39.42
CA LEU F 195 -20.66 -64.25 39.85
C LEU F 195 -20.12 -64.20 41.27
N PHE F 196 -19.39 -63.12 41.61
CA PHE F 196 -18.85 -62.95 42.95
C PHE F 196 -19.94 -62.98 44.00
N VAL F 197 -21.14 -62.49 43.66
CA VAL F 197 -22.24 -62.49 44.61
C VAL F 197 -22.95 -63.84 44.63
N VAL F 198 -23.28 -64.37 43.45
CA VAL F 198 -24.13 -65.56 43.40
C VAL F 198 -23.37 -66.78 43.92
N SER F 199 -22.06 -66.88 43.65
CA SER F 199 -21.31 -68.03 44.13
C SER F 199 -21.24 -68.05 45.65
N TYR F 200 -21.00 -66.89 46.27
CA TYR F 200 -21.01 -66.82 47.73
C TYR F 200 -22.40 -67.11 48.28
N TRP F 201 -23.45 -66.62 47.62
CA TRP F 201 -24.80 -66.91 48.10
C TRP F 201 -25.09 -68.42 48.06
N LEU F 202 -24.70 -69.08 46.97
CA LEU F 202 -24.91 -70.52 46.86
C LEU F 202 -24.08 -71.26 47.91
N PHE F 203 -22.84 -70.84 48.12
CA PHE F 203 -22.01 -71.48 49.14
C PHE F 203 -22.61 -71.34 50.53
N TYR F 204 -23.10 -70.15 50.85
CA TYR F 204 -23.73 -69.93 52.16
C TYR F 204 -24.99 -70.76 52.30
N GLY F 205 -25.79 -70.85 51.23
CA GLY F 205 -27.04 -71.60 51.31
C GLY F 205 -26.87 -73.10 51.30
N VAL F 206 -25.75 -73.60 50.79
CA VAL F 206 -25.52 -75.04 50.67
C VAL F 206 -24.66 -75.57 51.81
N ARG F 207 -23.47 -75.00 52.01
CA ARG F 207 -22.51 -75.55 52.95
C ARG F 207 -22.72 -75.12 54.39
N ILE F 208 -23.67 -74.22 54.66
CA ILE F 208 -23.90 -73.69 56.00
C ILE F 208 -25.32 -73.96 56.47
N LEU F 209 -26.32 -73.58 55.67
CA LEU F 209 -27.71 -73.68 56.09
C LEU F 209 -28.24 -75.11 56.06
N ASP F 210 -27.50 -76.05 55.48
CA ASP F 210 -27.98 -77.42 55.34
C ASP F 210 -27.59 -78.32 56.50
N SER F 211 -26.85 -77.82 57.48
CA SER F 211 -26.43 -78.64 58.61
C SER F 211 -26.32 -77.78 59.86
N ARG F 212 -26.40 -78.44 61.02
CA ARG F 212 -26.26 -77.78 62.31
C ARG F 212 -24.77 -77.68 62.67
N ASP F 213 -24.08 -76.84 61.92
CA ASP F 213 -22.64 -76.68 62.02
C ASP F 213 -22.31 -75.22 61.68
N ARG F 214 -21.04 -74.96 61.35
CA ARG F 214 -20.57 -73.62 60.97
C ARG F 214 -20.79 -72.63 62.11
N ASN F 215 -20.04 -72.86 63.19
CA ASN F 215 -20.07 -72.00 64.37
C ASN F 215 -19.86 -70.54 64.00
N TYR F 216 -20.34 -69.64 64.87
CA TYR F 216 -20.32 -68.21 64.56
C TYR F 216 -18.90 -67.70 64.37
N GLN F 217 -17.96 -68.16 65.20
CA GLN F 217 -16.59 -67.68 65.10
C GLN F 217 -15.96 -68.02 63.75
N GLY F 218 -16.45 -69.07 63.08
CA GLY F 218 -15.99 -69.42 61.76
C GLY F 218 -16.66 -68.70 60.63
N ILE F 219 -17.70 -67.91 60.91
CA ILE F 219 -18.44 -67.19 59.88
C ILE F 219 -17.97 -65.75 59.75
N VAL F 220 -17.65 -65.11 60.88
CA VAL F 220 -17.26 -63.69 60.85
C VAL F 220 -15.99 -63.51 60.02
N GLN F 221 -15.00 -64.40 60.19
CA GLN F 221 -13.81 -64.34 59.35
C GLN F 221 -14.15 -64.53 57.89
N TYR F 222 -15.19 -65.32 57.59
CA TYR F 222 -15.68 -65.40 56.23
C TYR F 222 -16.30 -64.08 55.78
N ALA F 223 -17.05 -63.43 56.68
CA ALA F 223 -17.75 -62.20 56.32
C ALA F 223 -16.77 -61.10 55.92
N VAL F 224 -15.72 -60.91 56.73
CA VAL F 224 -14.71 -59.91 56.39
C VAL F 224 -13.95 -60.31 55.13
N SER F 225 -14.03 -61.58 54.72
CA SER F 225 -13.43 -61.98 53.46
C SER F 225 -14.18 -61.42 52.27
N LEU F 226 -15.42 -60.99 52.45
CA LEU F 226 -16.20 -60.42 51.34
C LEU F 226 -15.79 -58.98 51.08
N VAL F 227 -15.90 -58.13 52.11
CA VAL F 227 -15.57 -56.71 51.94
C VAL F 227 -14.10 -56.54 51.58
N ASP F 228 -13.23 -57.45 52.03
CA ASP F 228 -11.84 -57.42 51.62
C ASP F 228 -11.70 -57.66 50.13
N ALA F 229 -12.49 -58.59 49.59
CA ALA F 229 -12.41 -58.92 48.17
C ALA F 229 -13.19 -57.95 47.31
N LEU F 230 -14.41 -57.58 47.73
CA LEU F 230 -15.23 -56.68 46.93
C LEU F 230 -14.53 -55.34 46.71
N LEU F 231 -13.93 -54.78 47.77
CA LEU F 231 -13.15 -53.56 47.61
C LEU F 231 -12.05 -53.74 46.57
N PHE F 232 -11.43 -54.93 46.55
CA PHE F 232 -10.43 -55.21 45.52
C PHE F 232 -11.04 -55.11 44.13
N ILE F 233 -12.26 -55.62 43.96
CA ILE F 233 -12.97 -55.43 42.70
C ILE F 233 -13.12 -53.94 42.41
N HIS F 234 -13.45 -53.15 43.43
CA HIS F 234 -13.47 -51.71 43.26
C HIS F 234 -12.11 -51.19 42.83
N TYR F 235 -11.04 -51.70 43.44
CA TYR F 235 -9.70 -51.33 43.02
C TYR F 235 -9.43 -51.72 41.58
N LEU F 236 -10.08 -52.78 41.10
CA LEU F 236 -9.96 -53.15 39.70
C LEU F 236 -10.71 -52.17 38.79
N ALA F 237 -11.82 -51.60 39.29
CA ALA F 237 -12.66 -50.78 38.44
C ALA F 237 -11.93 -49.53 37.95
N ILE F 238 -11.15 -48.90 38.83
CA ILE F 238 -10.38 -47.74 38.41
C ILE F 238 -9.26 -48.15 37.46
N VAL F 239 -8.77 -49.39 37.58
CA VAL F 239 -7.67 -49.85 36.73
C VAL F 239 -8.13 -49.94 35.28
N LEU F 240 -9.28 -50.56 35.04
CA LEU F 240 -9.74 -50.78 33.68
C LEU F 240 -10.30 -49.50 33.05
N LEU F 241 -10.84 -48.59 33.86
CA LEU F 241 -11.52 -47.40 33.35
C LEU F 241 -10.61 -46.17 33.27
N GLU F 242 -9.95 -45.80 34.36
CA GLU F 242 -9.19 -44.56 34.43
C GLU F 242 -7.70 -44.77 34.40
N LEU F 243 -7.18 -45.74 35.16
CA LEU F 243 -5.74 -45.93 35.25
C LEU F 243 -5.13 -46.51 33.97
N ARG F 244 -5.95 -47.10 33.10
CA ARG F 244 -5.42 -47.70 31.87
C ARG F 244 -5.04 -46.63 30.84
N GLN F 245 -5.78 -45.52 30.80
CA GLN F 245 -5.55 -44.47 29.81
C GLN F 245 -4.60 -43.39 30.28
N LEU F 246 -4.04 -43.52 31.49
CA LEU F 246 -3.16 -42.49 32.02
C LEU F 246 -1.88 -42.36 31.19
N GLN F 247 -1.30 -43.48 30.77
CA GLN F 247 -0.05 -43.43 30.04
C GLN F 247 -0.27 -42.94 28.62
N PRO F 248 0.45 -41.91 28.18
CA PRO F 248 0.31 -41.37 26.80
C PRO F 248 0.95 -42.28 25.75
N MET F 249 0.20 -43.30 25.33
CA MET F 249 0.73 -44.28 24.40
C MET F 249 0.65 -43.80 22.95
N PHE F 250 -0.55 -43.54 22.47
CA PHE F 250 -0.79 -43.22 21.07
C PHE F 250 -1.11 -41.74 20.89
N THR F 251 -0.95 -41.27 19.66
CA THR F 251 -1.26 -39.89 19.28
C THR F 251 -2.35 -39.90 18.22
N LEU F 252 -3.38 -39.09 18.43
CA LEU F 252 -4.51 -38.99 17.52
C LEU F 252 -4.52 -37.61 16.87
N GLN F 253 -4.52 -37.59 15.54
CA GLN F 253 -4.60 -36.36 14.76
C GLN F 253 -6.00 -36.28 14.14
N VAL F 254 -6.73 -35.23 14.46
CA VAL F 254 -8.09 -35.03 13.98
C VAL F 254 -8.10 -33.87 13.01
N VAL F 255 -8.57 -34.13 11.78
CA VAL F 255 -8.64 -33.12 10.74
C VAL F 255 -10.08 -33.04 10.22
N ARG F 256 -10.61 -31.83 10.11
CA ARG F 256 -11.96 -31.65 9.62
C ARG F 256 -11.98 -31.74 8.09
N SER F 257 -13.05 -32.35 7.57
CA SER F 257 -13.18 -32.48 6.12
C SER F 257 -13.60 -31.17 5.46
N THR F 258 -14.32 -30.31 6.18
CA THR F 258 -14.87 -29.11 5.56
C THR F 258 -13.84 -27.98 5.50
N ASP F 259 -13.37 -27.52 6.66
CA ASP F 259 -12.43 -26.40 6.71
C ASP F 259 -11.00 -26.83 6.97
N GLY F 260 -10.76 -28.11 7.21
CA GLY F 260 -9.40 -28.59 7.38
C GLY F 260 -8.74 -28.25 8.70
N GLU F 261 -9.52 -27.94 9.73
CA GLU F 261 -8.93 -27.67 11.05
C GLU F 261 -8.25 -28.92 11.58
N SER F 262 -7.02 -28.76 12.05
CA SER F 262 -6.19 -29.88 12.49
C SER F 262 -5.86 -29.73 13.97
N ARG F 263 -6.03 -30.81 14.72
CA ARG F 263 -5.70 -30.83 16.14
C ARG F 263 -5.00 -32.14 16.47
N PHE F 264 -4.19 -32.11 17.52
CA PHE F 264 -3.44 -33.28 17.98
C PHE F 264 -3.73 -33.54 19.45
N TYR F 265 -3.92 -34.81 19.79
CA TYR F 265 -4.18 -35.22 21.16
C TYR F 265 -3.36 -36.47 21.46
N SER F 266 -3.13 -36.71 22.75
CA SER F 266 -2.41 -37.89 23.21
C SER F 266 -3.34 -38.74 24.05
N LEU F 267 -3.49 -40.01 23.69
CA LEU F 267 -4.37 -40.94 24.37
C LEU F 267 -3.60 -42.19 24.76
N GLY F 268 -4.21 -43.00 25.60
CA GLY F 268 -3.63 -44.25 26.06
C GLY F 268 -4.22 -45.45 25.36
N HIS F 269 -4.18 -46.60 26.05
CA HIS F 269 -4.75 -47.84 25.52
C HIS F 269 -6.26 -47.76 25.69
N LEU F 270 -6.95 -47.37 24.62
CA LEU F 270 -8.40 -47.18 24.66
C LEU F 270 -9.02 -47.81 23.42
N SER F 271 -10.31 -48.11 23.51
CA SER F 271 -11.03 -48.65 22.38
C SER F 271 -11.28 -47.56 21.34
N ILE F 272 -11.67 -48.00 20.14
CA ILE F 272 -11.94 -47.05 19.05
C ILE F 272 -13.10 -46.14 19.42
N GLN F 273 -14.16 -46.71 20.01
CA GLN F 273 -15.31 -45.91 20.41
C GLN F 273 -14.93 -44.89 21.49
N ARG F 274 -14.11 -45.31 22.46
CA ARG F 274 -13.69 -44.40 23.51
C ARG F 274 -12.82 -43.27 22.95
N ALA F 275 -11.91 -43.60 22.02
CA ALA F 275 -11.10 -42.57 21.38
C ALA F 275 -11.96 -41.61 20.58
N ALA F 276 -12.97 -42.12 19.87
CA ALA F 276 -13.89 -41.26 19.13
C ALA F 276 -14.66 -40.35 20.07
N LEU F 277 -15.10 -40.87 21.22
CA LEU F 277 -15.81 -40.03 22.19
C LEU F 277 -14.90 -38.95 22.76
N VAL F 278 -13.64 -39.28 23.03
CA VAL F 278 -12.69 -38.28 23.51
C VAL F 278 -12.48 -37.21 22.46
N VAL F 279 -12.34 -37.62 21.18
CA VAL F 279 -12.19 -36.67 20.10
C VAL F 279 -13.41 -35.76 20.01
N LEU F 280 -14.60 -36.34 20.14
CA LEU F 280 -15.82 -35.54 20.06
C LEU F 280 -15.92 -34.55 21.20
N GLU F 281 -15.57 -34.96 22.43
CA GLU F 281 -15.68 -34.04 23.56
C GLU F 281 -14.62 -32.95 23.49
N ASN F 282 -13.45 -33.25 22.91
CA ASN F 282 -12.45 -32.21 22.71
C ASN F 282 -12.79 -31.31 21.52
N TYR F 283 -13.61 -31.79 20.60
CA TYR F 283 -13.97 -30.99 19.41
C TYR F 283 -14.73 -29.73 19.80
N TYR F 284 -15.65 -29.83 20.76
CA TYR F 284 -16.46 -28.68 21.13
C TYR F 284 -15.61 -27.56 21.72
N LYS F 285 -14.66 -27.90 22.58
CA LYS F 285 -13.86 -26.91 23.27
C LYS F 285 -12.56 -26.58 22.55
N ASP F 286 -12.23 -27.27 21.46
CA ASP F 286 -10.98 -27.03 20.73
C ASP F 286 -11.21 -26.52 19.31
N PHE F 287 -12.00 -27.22 18.51
CA PHE F 287 -12.16 -26.85 17.11
C PHE F 287 -13.02 -25.60 16.97
N THR F 288 -12.75 -24.85 15.90
CA THR F 288 -13.56 -23.69 15.57
C THR F 288 -14.94 -24.12 15.07
N ILE F 289 -15.94 -23.29 15.33
CA ILE F 289 -17.30 -23.60 14.89
C ILE F 289 -17.34 -23.75 13.37
N TYR F 290 -18.11 -24.74 12.91
CA TYR F 290 -18.25 -24.98 11.48
C TYR F 290 -19.07 -23.88 10.84
N ASN F 291 -18.55 -23.33 9.74
CA ASN F 291 -19.23 -22.25 9.01
C ASN F 291 -19.52 -22.68 7.58
N PRO F 292 -20.76 -22.99 7.23
CA PRO F 292 -21.07 -23.39 5.86
C PRO F 292 -21.00 -22.26 4.84
N ASN F 293 -20.90 -21.00 5.30
CA ASN F 293 -20.82 -19.88 4.36
C ASN F 293 -19.55 -19.94 3.54
N LEU F 294 -18.42 -20.30 4.16
CA LEU F 294 -17.18 -20.46 3.41
C LEU F 294 -17.29 -21.58 2.38
N LEU F 295 -17.95 -22.68 2.75
CA LEU F 295 -18.15 -23.77 1.81
C LEU F 295 -19.02 -23.33 0.63
N THR F 296 -20.07 -22.57 0.90
CA THR F 296 -20.92 -22.06 -0.18
C THR F 296 -20.15 -21.12 -1.10
N ALA F 297 -19.32 -20.25 -0.51
CA ALA F 297 -18.50 -19.35 -1.33
C ALA F 297 -17.52 -20.15 -2.20
N SER F 298 -16.88 -21.17 -1.62
CA SER F 298 -15.96 -21.99 -2.40
C SER F 298 -16.69 -22.72 -3.52
N LYS F 299 -17.88 -23.25 -3.24
CA LYS F 299 -18.65 -23.93 -4.27
C LYS F 299 -19.06 -22.97 -5.39
N PHE F 300 -19.46 -21.74 -5.02
CA PHE F 300 -19.80 -20.74 -6.02
C PHE F 300 -18.60 -20.39 -6.89
N ARG F 301 -17.43 -20.25 -6.27
CA ARG F 301 -16.22 -19.96 -7.03
C ARG F 301 -15.87 -21.11 -7.97
N ALA F 302 -16.02 -22.36 -7.50
CA ALA F 302 -15.65 -23.52 -8.30
C ALA F 302 -16.65 -23.80 -9.41
N ALA F 303 -17.92 -23.41 -9.23
CA ALA F 303 -18.94 -23.71 -10.23
C ALA F 303 -18.72 -22.97 -11.54
N LYS F 304 -17.91 -21.91 -11.55
CA LYS F 304 -17.65 -21.17 -12.79
C LYS F 304 -16.94 -22.04 -13.80
N HIS F 305 -15.97 -22.85 -13.35
CA HIS F 305 -15.25 -23.73 -14.27
C HIS F 305 -16.19 -24.76 -14.88
N MET F 306 -17.07 -25.34 -14.07
CA MET F 306 -18.03 -26.31 -14.59
C MET F 306 -19.01 -25.66 -15.56
N ALA F 307 -19.45 -24.43 -15.25
CA ALA F 307 -20.37 -23.73 -16.14
C ALA F 307 -19.71 -23.40 -17.48
N GLY F 308 -18.43 -23.03 -17.45
CA GLY F 308 -17.73 -22.72 -18.69
C GLY F 308 -17.64 -23.91 -19.63
N LEU F 309 -17.37 -25.09 -19.09
CA LEU F 309 -17.28 -26.30 -19.89
C LEU F 309 -18.66 -26.95 -20.06
N THR F 322 -3.42 -41.60 -22.90
CA THR F 322 -3.89 -40.40 -22.22
C THR F 322 -2.78 -39.36 -22.13
N GLY F 323 -1.69 -39.59 -22.85
CA GLY F 323 -0.58 -38.64 -22.84
C GLY F 323 -0.97 -37.29 -23.42
N GLN F 324 -1.77 -37.30 -24.49
CA GLN F 324 -2.21 -36.04 -25.09
C GLN F 324 -3.06 -35.23 -24.11
N SER F 325 -3.95 -35.90 -23.37
CA SER F 325 -4.76 -35.20 -22.38
C SER F 325 -3.90 -34.63 -21.28
N ARG F 326 -2.88 -35.37 -20.83
CA ARG F 326 -1.97 -34.86 -19.81
C ARG F 326 -1.20 -33.65 -20.31
N ALA F 327 -0.73 -33.69 -21.55
CA ALA F 327 -0.04 -32.54 -22.12
C ALA F 327 -0.97 -31.33 -22.23
N MET F 328 -2.22 -31.56 -22.64
CA MET F 328 -3.17 -30.46 -22.77
C MET F 328 -3.48 -29.83 -21.41
N ILE F 329 -3.69 -30.65 -20.38
CA ILE F 329 -3.99 -30.09 -19.07
C ILE F 329 -2.76 -29.40 -18.47
N ALA F 330 -1.56 -29.93 -18.75
CA ALA F 330 -0.35 -29.24 -18.30
C ALA F 330 -0.21 -27.88 -18.96
N ALA F 331 -0.48 -27.81 -20.27
CA ALA F 331 -0.42 -26.53 -20.97
C ALA F 331 -1.47 -25.56 -20.43
N ALA F 332 -2.67 -26.08 -20.14
CA ALA F 332 -3.71 -25.22 -19.56
C ALA F 332 -3.31 -24.69 -18.21
N ALA F 333 -2.71 -25.53 -17.37
CA ALA F 333 -2.24 -25.09 -16.06
C ALA F 333 -1.13 -24.06 -16.19
N ARG F 334 -0.21 -24.27 -17.14
CA ARG F 334 0.85 -23.30 -17.36
C ARG F 334 0.30 -21.95 -17.82
N ARG F 335 -0.69 -21.98 -18.71
CA ARG F 335 -1.33 -20.73 -19.15
C ARG F 335 -2.05 -20.05 -17.99
N ARG F 336 -2.72 -20.84 -17.14
CA ARG F 336 -3.42 -20.28 -15.99
C ARG F 336 -2.45 -19.64 -15.00
N ASP F 337 -1.26 -20.24 -14.84
CA ASP F 337 -0.28 -19.69 -13.91
C ASP F 337 0.17 -18.29 -14.33
N SER F 338 0.13 -17.98 -15.62
CA SER F 338 0.49 -16.67 -16.13
C SER F 338 -0.69 -15.71 -16.18
N SER F 339 -1.89 -16.16 -15.79
CA SER F 339 -3.07 -15.31 -15.84
C SER F 339 -3.12 -14.40 -14.63
N HIS F 340 -4.16 -13.57 -14.57
CA HIS F 340 -4.32 -12.62 -13.48
C HIS F 340 -4.64 -13.35 -12.17
N ASN F 341 -4.07 -12.85 -11.07
CA ASN F 341 -4.32 -13.40 -9.75
C ASN F 341 -5.51 -12.68 -9.14
N GLU F 342 -6.71 -13.13 -9.51
CA GLU F 342 -7.92 -12.49 -9.06
C GLU F 342 -8.16 -12.69 -7.56
N LEU F 343 -7.74 -13.85 -7.02
CA LEU F 343 -8.03 -14.16 -5.63
C LEU F 343 -7.33 -13.20 -4.67
N TYR F 344 -6.07 -12.86 -4.94
CA TYR F 344 -5.27 -12.10 -3.99
C TYR F 344 -5.84 -10.71 -3.78
N TYR F 345 -6.17 -9.99 -4.86
CA TYR F 345 -6.65 -8.63 -4.72
C TYR F 345 -8.01 -8.58 -4.04
N GLU F 346 -8.92 -9.51 -4.38
CA GLU F 346 -10.22 -9.52 -3.73
C GLU F 346 -10.11 -9.92 -2.26
N GLU F 347 -9.19 -10.83 -1.92
CA GLU F 347 -8.96 -11.15 -0.52
C GLU F 347 -8.41 -9.96 0.24
N ALA F 348 -7.50 -9.21 -0.37
CA ALA F 348 -6.97 -8.01 0.28
C ALA F 348 -8.07 -6.98 0.49
N GLU F 349 -8.92 -6.77 -0.51
CA GLU F 349 -10.03 -5.83 -0.36
C GLU F 349 -10.99 -6.28 0.74
N HIS F 350 -11.30 -7.57 0.80
CA HIS F 350 -12.17 -8.08 1.85
C HIS F 350 -11.55 -7.89 3.22
N GLU F 351 -10.24 -8.13 3.34
CA GLU F 351 -9.57 -7.92 4.63
C GLU F 351 -9.61 -6.45 5.03
N ARG F 352 -9.38 -5.55 4.07
CA ARG F 352 -9.45 -4.12 4.38
C ARG F 352 -10.84 -3.71 4.83
N ARG F 353 -11.88 -4.21 4.15
CA ARG F 353 -13.24 -3.91 4.55
C ARG F 353 -13.54 -4.45 5.95
N VAL F 354 -13.08 -5.67 6.23
CA VAL F 354 -13.29 -6.26 7.55
C VAL F 354 -12.61 -5.44 8.63
N LYS F 355 -11.38 -5.00 8.36
CA LYS F 355 -10.67 -4.17 9.34
C LYS F 355 -11.39 -2.84 9.57
N LYS F 356 -11.86 -2.20 8.49
CA LYS F 356 -12.57 -0.93 8.65
C LYS F 356 -13.85 -1.11 9.45
N ARG F 357 -14.62 -2.16 9.15
CA ARG F 357 -15.85 -2.40 9.90
C ARG F 357 -15.56 -2.79 11.34
N LYS F 358 -14.46 -3.50 11.58
CA LYS F 358 -14.06 -3.82 12.94
C LYS F 358 -13.73 -2.55 13.73
N ALA F 359 -13.01 -1.62 13.11
CA ALA F 359 -12.72 -0.36 13.78
C ALA F 359 -13.99 0.42 14.07
N ARG F 360 -14.91 0.47 13.11
CA ARG F 360 -16.17 1.17 13.32
C ARG F 360 -16.97 0.52 14.45
N LEU F 361 -17.00 -0.82 14.49
CA LEU F 361 -17.71 -1.51 15.57
C LEU F 361 -17.06 -1.25 16.91
N VAL F 362 -15.72 -1.20 16.95
CA VAL F 362 -15.02 -0.90 18.20
C VAL F 362 -15.40 0.49 18.70
N VAL F 363 -15.41 1.47 17.79
CA VAL F 363 -15.78 2.83 18.18
C VAL F 363 -17.22 2.87 18.68
N ALA F 364 -18.13 2.17 17.98
CA ALA F 364 -19.53 2.16 18.38
C ALA F 364 -19.70 1.51 19.76
N VAL F 365 -18.98 0.42 20.01
CA VAL F 365 -19.08 -0.26 21.30
C VAL F 365 -18.50 0.60 22.41
N GLU F 366 -17.41 1.33 22.13
CA GLU F 366 -16.86 2.23 23.13
C GLU F 366 -17.85 3.35 23.46
N GLU F 367 -18.50 3.91 22.45
CA GLU F 367 -19.51 4.94 22.69
C GLU F 367 -20.69 4.37 23.48
N ALA F 368 -21.10 3.15 23.16
CA ALA F 368 -22.19 2.51 23.89
C ALA F 368 -21.83 2.29 25.34
N PHE F 369 -20.59 1.88 25.61
CA PHE F 369 -20.15 1.68 27.00
C PHE F 369 -20.07 3.01 27.74
N ILE F 370 -19.66 4.08 27.04
CA ILE F 370 -19.67 5.40 27.65
C ILE F 370 -21.10 5.79 28.02
N HIS F 371 -22.05 5.52 27.13
CA HIS F 371 -23.45 5.80 27.43
C HIS F 371 -23.95 4.96 28.60
N ILE F 372 -23.51 3.71 28.68
CA ILE F 372 -23.89 2.85 29.81
C ILE F 372 -23.37 3.43 31.12
N GLN F 373 -22.12 3.87 31.13
CA GLN F 373 -21.54 4.48 32.33
C GLN F 373 -22.29 5.75 32.71
N ARG F 374 -22.64 6.58 31.71
CA ARG F 374 -23.40 7.79 31.98
C ARG F 374 -24.77 7.47 32.57
N LEU F 375 -25.45 6.46 32.02
CA LEU F 375 -26.75 6.07 32.54
C LEU F 375 -26.65 5.55 33.97
N GLN F 376 -25.62 4.75 34.26
CA GLN F 376 -25.41 4.27 35.62
C GLN F 376 -25.14 5.42 36.59
N ALA F 377 -24.31 6.38 36.17
CA ALA F 377 -24.04 7.54 37.02
C ALA F 377 -25.31 8.33 37.28
N GLU F 378 -26.13 8.53 36.24
CA GLU F 378 -27.38 9.25 36.41
C GLU F 378 -28.33 8.52 37.35
N GLU F 379 -28.43 7.19 37.22
CA GLU F 379 -29.29 6.40 38.08
C GLU F 379 -28.76 6.33 39.51
N GLN F 380 -27.47 6.58 39.72
CA GLN F 380 -26.93 6.54 41.07
C GLN F 380 -27.59 7.59 41.97
N GLN F 381 -27.79 8.81 41.47
CA GLN F 381 -28.38 9.86 42.29
C GLN F 381 -29.85 9.60 42.58
N LYS F 382 -30.54 8.87 41.70
CA LYS F 382 -31.96 8.64 41.88
C LYS F 382 -32.24 7.83 43.14
N ALA F 383 -31.45 6.79 43.40
CA ALA F 383 -31.65 5.96 44.57
C ALA F 383 -30.35 5.28 44.97
N PRO F 384 -29.87 5.48 46.20
CA PRO F 384 -28.64 4.82 46.65
C PRO F 384 -28.89 3.42 47.16
N GLY F 385 -27.98 2.51 46.82
CA GLY F 385 -28.10 1.13 47.23
C GLY F 385 -29.09 0.31 46.45
N GLU F 386 -29.65 0.86 45.37
CA GLU F 386 -30.63 0.16 44.52
C GLU F 386 -30.10 0.20 43.10
N VAL F 387 -29.35 -0.83 42.72
CA VAL F 387 -28.80 -0.90 41.37
C VAL F 387 -29.92 -1.21 40.38
N MET F 388 -29.86 -0.58 39.21
CA MET F 388 -30.86 -0.80 38.18
C MET F 388 -30.66 -2.16 37.52
N ASP F 389 -31.75 -2.73 37.02
CA ASP F 389 -31.65 -3.98 36.29
C ASP F 389 -31.01 -3.76 34.92
N PRO F 390 -30.01 -4.56 34.54
CA PRO F 390 -29.29 -4.30 33.28
C PRO F 390 -30.14 -4.52 32.03
N ARG F 391 -31.31 -5.15 32.16
CA ARG F 391 -32.10 -5.49 30.97
C ARG F 391 -32.53 -4.24 30.22
N GLU F 392 -33.07 -3.25 30.95
CA GLU F 392 -33.52 -2.02 30.28
C GLU F 392 -32.35 -1.22 29.74
N ALA F 393 -31.21 -1.26 30.42
CA ALA F 393 -30.01 -0.60 29.90
C ALA F 393 -29.59 -1.23 28.58
N ALA F 394 -29.60 -2.56 28.50
CA ALA F 394 -29.30 -3.23 27.24
C ALA F 394 -30.32 -2.87 26.17
N GLN F 395 -31.60 -2.80 26.55
CA GLN F 395 -32.65 -2.42 25.59
C GLN F 395 -32.37 -1.04 25.00
N ALA F 396 -32.00 -0.08 25.86
CA ALA F 396 -31.79 1.28 25.39
C ALA F 396 -30.47 1.44 24.65
N ILE F 397 -29.48 0.61 24.96
CA ILE F 397 -28.15 0.79 24.38
C ILE F 397 -27.96 0.02 23.07
N PHE F 398 -28.64 -1.11 22.92
CA PHE F 398 -28.44 -1.95 21.73
C PHE F 398 -28.64 -1.22 20.40
N PRO F 399 -29.66 -0.38 20.20
CA PRO F 399 -29.81 0.27 18.88
C PRO F 399 -28.62 1.14 18.49
N SER F 400 -27.86 1.65 19.46
CA SER F 400 -26.73 2.51 19.13
C SER F 400 -25.67 1.74 18.34
N MET F 401 -25.35 0.52 18.76
CA MET F 401 -24.36 -0.31 18.09
C MET F 401 -24.96 -1.37 17.19
N ALA F 402 -26.30 -1.38 17.05
CA ALA F 402 -26.95 -2.45 16.29
C ALA F 402 -26.53 -2.45 14.83
N ARG F 403 -26.48 -1.27 14.20
CA ARG F 403 -26.12 -1.19 12.80
C ARG F 403 -24.69 -1.65 12.57
N ALA F 404 -23.76 -1.20 13.42
CA ALA F 404 -22.37 -1.61 13.28
C ALA F 404 -22.20 -3.10 13.49
N LEU F 405 -22.88 -3.65 14.50
CA LEU F 405 -22.79 -5.08 14.76
C LEU F 405 -23.37 -5.90 13.62
N GLN F 406 -24.49 -5.46 13.06
CA GLN F 406 -25.09 -6.15 11.92
C GLN F 406 -24.18 -6.10 10.70
N LYS F 407 -23.56 -4.94 10.45
CA LYS F 407 -22.63 -4.84 9.33
C LYS F 407 -21.42 -5.75 9.53
N TYR F 408 -20.89 -5.80 10.74
CA TYR F 408 -19.75 -6.68 11.01
C TYR F 408 -20.14 -8.15 10.85
N LEU F 409 -21.33 -8.54 11.32
CA LEU F 409 -21.78 -9.91 11.15
C LEU F 409 -21.97 -10.25 9.68
N ARG F 410 -22.51 -9.31 8.90
CA ARG F 410 -22.68 -9.54 7.46
C ARG F 410 -21.34 -9.70 6.77
N ILE F 411 -20.35 -8.87 7.11
CA ILE F 411 -19.06 -8.96 6.46
C ILE F 411 -18.25 -10.17 6.95
N THR F 412 -18.58 -10.69 8.13
CA THR F 412 -17.89 -11.86 8.67
C THR F 412 -18.71 -13.14 8.56
N ARG F 413 -19.92 -13.05 7.97
CA ARG F 413 -20.79 -14.21 7.79
C ARG F 413 -21.08 -14.91 9.13
N GLN F 414 -21.27 -14.10 10.19
CA GLN F 414 -21.54 -14.62 11.52
C GLN F 414 -22.92 -14.19 12.04
N GLN F 415 -23.81 -13.72 11.17
CA GLN F 415 -25.11 -13.28 11.63
C GLN F 415 -26.00 -14.45 12.04
N ASN F 416 -25.80 -15.62 11.42
CA ASN F 416 -26.65 -16.77 11.74
C ASN F 416 -26.45 -17.23 13.18
N TYR F 417 -25.20 -17.28 13.64
CA TYR F 417 -24.92 -17.79 14.98
C TYR F 417 -25.33 -16.80 16.06
N HIS F 418 -25.04 -15.51 15.86
CA HIS F 418 -25.32 -14.50 16.86
C HIS F 418 -26.73 -13.96 16.67
N SER F 419 -27.59 -14.21 17.65
CA SER F 419 -28.97 -13.74 17.62
C SER F 419 -29.12 -12.48 18.46
N MET F 420 -30.20 -11.73 18.16
CA MET F 420 -30.44 -10.47 18.86
C MET F 420 -30.66 -10.69 20.35
N GLU F 421 -31.42 -11.72 20.71
CA GLU F 421 -31.62 -12.04 22.13
C GLU F 421 -30.30 -12.46 22.79
N SER F 422 -29.48 -13.24 22.07
CA SER F 422 -28.19 -13.64 22.60
C SER F 422 -27.28 -12.43 22.80
N ILE F 423 -27.31 -11.48 21.86
CA ILE F 423 -26.51 -10.26 22.01
C ILE F 423 -26.97 -9.47 23.22
N LEU F 424 -28.28 -9.35 23.42
CA LEU F 424 -28.79 -8.64 24.59
C LEU F 424 -28.37 -9.33 25.88
N GLN F 425 -28.45 -10.66 25.91
CA GLN F 425 -28.05 -11.40 27.10
C GLN F 425 -26.57 -11.22 27.40
N HIS F 426 -25.72 -11.26 26.36
CA HIS F 426 -24.30 -11.04 26.57
C HIS F 426 -24.02 -9.63 27.06
N LEU F 427 -24.72 -8.63 26.51
CA LEU F 427 -24.55 -7.26 26.97
C LEU F 427 -24.95 -7.11 28.43
N ALA F 428 -26.07 -7.72 28.82
CA ALA F 428 -26.50 -7.67 30.22
C ALA F 428 -25.49 -8.36 31.13
N PHE F 429 -24.95 -9.50 30.69
CA PHE F 429 -23.95 -10.21 31.47
C PHE F 429 -22.70 -9.36 31.66
N CYS F 430 -22.25 -8.70 30.59
CA CYS F 430 -21.11 -7.80 30.70
C CYS F 430 -21.39 -6.62 31.62
N ILE F 431 -22.61 -6.07 31.57
CA ILE F 431 -22.96 -4.97 32.45
C ILE F 431 -22.92 -5.43 33.91
N THR F 432 -23.43 -6.62 34.19
CA THR F 432 -23.37 -7.16 35.55
C THR F 432 -21.92 -7.35 35.99
N ASN F 433 -21.07 -7.87 35.10
CA ASN F 433 -19.67 -8.08 35.45
C ASN F 433 -18.82 -6.83 35.27
N GLY F 434 -19.34 -5.79 34.62
CA GLY F 434 -18.55 -4.59 34.38
C GLY F 434 -17.33 -4.82 33.52
N MET F 435 -17.46 -5.63 32.48
CA MET F 435 -16.34 -5.95 31.62
C MET F 435 -16.00 -4.78 30.71
N THR F 436 -14.75 -4.75 30.25
CA THR F 436 -14.32 -3.74 29.31
C THR F 436 -14.95 -3.98 27.94
N PRO F 437 -15.05 -2.93 27.10
CA PRO F 437 -15.63 -3.12 25.77
C PRO F 437 -14.88 -4.13 24.91
N LYS F 438 -13.57 -4.31 25.15
CA LYS F 438 -12.79 -5.26 24.37
C LYS F 438 -13.29 -6.69 24.59
N ALA F 439 -13.64 -7.03 25.83
CA ALA F 439 -14.15 -8.38 26.11
C ALA F 439 -15.45 -8.64 25.37
N PHE F 440 -16.36 -7.65 25.35
CA PHE F 440 -17.60 -7.80 24.60
C PHE F 440 -17.32 -7.90 23.10
N LEU F 441 -16.38 -7.11 22.60
CA LEU F 441 -16.08 -7.11 21.17
C LEU F 441 -15.47 -8.44 20.72
N GLU F 442 -14.58 -9.02 21.51
CA GLU F 442 -13.84 -10.19 21.07
C GLU F 442 -14.71 -11.43 20.92
N ARG F 443 -15.87 -11.48 21.59
CA ARG F 443 -16.75 -12.62 21.40
C ARG F 443 -17.30 -12.67 19.97
N TYR F 444 -17.68 -11.53 19.42
CA TYR F 444 -18.15 -11.44 18.05
C TYR F 444 -17.05 -11.13 17.05
N LEU F 445 -15.81 -10.94 17.53
CA LEU F 445 -14.70 -10.62 16.64
C LEU F 445 -14.45 -11.75 15.65
N SER F 446 -14.13 -12.94 16.17
CA SER F 446 -13.81 -14.09 15.34
C SER F 446 -14.54 -15.32 15.87
N ALA F 447 -14.76 -16.28 14.98
CA ALA F 447 -15.41 -17.53 15.36
C ALA F 447 -14.53 -18.32 16.32
N GLY F 448 -15.16 -18.91 17.34
CA GLY F 448 -14.43 -19.64 18.35
C GLY F 448 -14.99 -21.03 18.58
N PRO F 449 -14.98 -21.47 19.84
CA PRO F 449 -15.46 -22.82 20.16
C PRO F 449 -16.96 -22.95 19.98
N THR F 450 -17.39 -24.21 19.81
CA THR F 450 -18.82 -24.50 19.64
C THR F 450 -19.62 -24.17 20.89
N LEU F 451 -19.05 -24.40 22.08
CA LEU F 451 -19.79 -24.23 23.32
C LEU F 451 -20.16 -22.78 23.60
N GLN F 452 -19.54 -21.82 22.90
CA GLN F 452 -19.85 -20.42 23.13
C GLN F 452 -21.29 -20.09 22.74
N TYR F 453 -21.76 -20.66 21.64
CA TYR F 453 -23.09 -20.34 21.11
C TYR F 453 -24.16 -21.09 21.90
N ASP F 454 -25.40 -21.03 21.42
CA ASP F 454 -26.52 -21.64 22.11
C ASP F 454 -26.50 -23.16 21.97
N LYS F 455 -27.33 -23.82 22.78
CA LYS F 455 -27.36 -25.28 22.80
C LYS F 455 -27.85 -25.84 21.47
N ASP F 456 -28.84 -25.20 20.85
CA ASP F 456 -29.41 -25.70 19.62
C ASP F 456 -28.44 -25.66 18.45
N ARG F 457 -27.35 -24.89 18.57
CA ARG F 457 -26.39 -24.79 17.47
C ARG F 457 -25.72 -26.13 17.20
N TRP F 458 -25.33 -26.84 18.26
CA TRP F 458 -24.61 -28.11 18.12
C TRP F 458 -25.58 -29.28 18.30
N LEU F 459 -25.28 -30.37 17.59
CA LEU F 459 -26.05 -31.61 17.67
C LEU F 459 -25.13 -32.73 18.12
N SER F 460 -25.54 -33.45 19.16
CA SER F 460 -24.76 -34.56 19.69
C SER F 460 -25.46 -35.91 19.49
N THR F 461 -26.40 -35.98 18.55
CA THR F 461 -27.15 -37.19 18.27
C THR F 461 -26.85 -37.80 16.91
N GLN F 462 -26.54 -36.99 15.91
CA GLN F 462 -26.31 -37.47 14.55
C GLN F 462 -24.90 -37.98 14.33
N TRP F 463 -24.05 -37.97 15.36
CA TRP F 463 -22.68 -38.46 15.21
C TRP F 463 -22.68 -39.94 14.89
N ARG F 464 -21.80 -40.33 13.96
CA ARG F 464 -21.64 -41.73 13.57
C ARG F 464 -20.16 -42.06 13.48
N LEU F 465 -19.84 -43.34 13.65
CA LEU F 465 -18.46 -43.81 13.61
C LEU F 465 -18.29 -44.76 12.43
N VAL F 466 -17.26 -44.51 11.61
CA VAL F 466 -16.94 -45.32 10.45
C VAL F 466 -15.50 -45.81 10.59
N SER F 467 -15.32 -47.12 10.57
CA SER F 467 -14.00 -47.72 10.67
C SER F 467 -14.06 -49.14 10.15
N ASP F 468 -13.05 -49.53 9.37
CA ASP F 468 -13.00 -50.90 8.86
C ASP F 468 -12.87 -51.91 9.99
N GLU F 469 -12.02 -51.62 10.97
CA GLU F 469 -11.86 -52.49 12.14
C GLU F 469 -13.02 -52.30 13.10
N ALA F 470 -13.32 -53.35 13.86
CA ALA F 470 -14.38 -53.29 14.85
C ALA F 470 -14.03 -52.30 15.95
N VAL F 471 -15.05 -51.55 16.41
CA VAL F 471 -14.83 -50.52 17.41
C VAL F 471 -14.47 -51.12 18.76
N THR F 472 -14.73 -52.40 18.98
CA THR F 472 -14.39 -53.02 20.26
C THR F 472 -12.89 -53.23 20.42
N ASN F 473 -12.14 -53.27 19.33
CA ASN F 473 -10.70 -53.47 19.39
C ASN F 473 -10.00 -52.21 19.90
N GLY F 474 -8.82 -52.40 20.46
CA GLY F 474 -8.03 -51.30 20.98
C GLY F 474 -7.33 -50.52 19.89
N LEU F 475 -6.72 -49.40 20.30
CA LEU F 475 -6.01 -48.55 19.36
C LEU F 475 -4.74 -49.24 18.86
N ARG F 476 -4.48 -49.10 17.56
CA ARG F 476 -3.31 -49.68 16.94
C ARG F 476 -2.67 -48.65 16.02
N ASP F 477 -1.37 -48.79 15.80
CA ASP F 477 -0.67 -47.88 14.92
C ASP F 477 -1.15 -48.02 13.48
N GLY F 478 -1.39 -46.89 12.82
CA GLY F 478 -1.77 -46.87 11.43
C GLY F 478 -3.25 -46.95 11.15
N ILE F 479 -4.09 -47.15 12.18
CA ILE F 479 -5.52 -47.24 11.97
C ILE F 479 -6.11 -45.84 11.81
N VAL F 480 -7.13 -45.73 10.97
CA VAL F 480 -7.77 -44.46 10.64
C VAL F 480 -9.27 -44.65 10.75
N PHE F 481 -9.96 -43.70 11.38
CA PHE F 481 -11.42 -43.76 11.44
C PHE F 481 -12.02 -42.39 11.16
N VAL F 482 -13.34 -42.37 11.01
CA VAL F 482 -14.07 -41.16 10.63
C VAL F 482 -15.25 -40.98 11.59
N LEU F 483 -15.44 -39.74 12.03
CA LEU F 483 -16.60 -39.35 12.83
C LEU F 483 -17.48 -38.48 11.94
N LYS F 484 -18.60 -39.05 11.50
CA LYS F 484 -19.54 -38.38 10.60
C LYS F 484 -20.57 -37.59 11.38
N CYS F 485 -21.06 -36.52 10.77
CA CYS F 485 -22.15 -35.73 11.31
C CYS F 485 -22.71 -34.89 10.18
N LEU F 486 -23.80 -34.18 10.47
CA LEU F 486 -24.54 -33.47 9.43
C LEU F 486 -23.65 -32.53 8.65
N ASP F 487 -23.41 -32.88 7.39
CA ASP F 487 -22.65 -32.12 6.39
C ASP F 487 -21.15 -32.08 6.66
N PHE F 488 -20.66 -32.72 7.73
CA PHE F 488 -19.22 -32.62 7.99
C PHE F 488 -18.72 -33.88 8.69
N SER F 489 -17.46 -34.22 8.41
CA SER F 489 -16.82 -35.39 8.99
C SER F 489 -15.43 -35.02 9.49
N LEU F 490 -15.01 -35.72 10.54
CA LEU F 490 -13.68 -35.56 11.12
C LEU F 490 -12.90 -36.85 10.91
N VAL F 491 -11.76 -36.76 10.23
CA VAL F 491 -10.90 -37.90 9.99
C VAL F 491 -9.85 -37.94 11.10
N VAL F 492 -9.74 -39.08 11.78
CA VAL F 492 -8.82 -39.24 12.89
C VAL F 492 -7.80 -40.31 12.50
N ASN F 493 -6.52 -39.94 12.59
CA ASN F 493 -5.39 -40.81 12.32
C ASN F 493 -4.72 -41.17 13.64
N VAL F 494 -4.39 -42.44 13.81
CA VAL F 494 -3.77 -42.95 15.04
C VAL F 494 -2.33 -43.33 14.73
N LYS F 495 -1.39 -42.83 15.53
CA LYS F 495 0.02 -43.12 15.36
C LYS F 495 0.62 -43.54 16.70
N LYS F 496 1.70 -44.31 16.62
CA LYS F 496 2.41 -44.79 17.79
C LYS F 496 3.61 -43.89 18.08
N ILE F 497 3.78 -43.55 19.36
CA ILE F 497 4.91 -42.71 19.76
C ILE F 497 6.21 -43.45 19.50
N PRO F 498 7.18 -42.85 18.82
CA PRO F 498 8.43 -43.54 18.53
C PRO F 498 9.22 -43.84 19.78
N PHE F 499 10.02 -44.91 19.72
CA PHE F 499 10.86 -45.31 20.84
C PHE F 499 11.96 -44.27 21.05
N ILE F 500 11.83 -43.46 22.11
CA ILE F 500 12.79 -42.40 22.39
C ILE F 500 13.94 -42.99 23.19
N ILE F 501 15.16 -42.79 22.70
CA ILE F 501 16.37 -43.28 23.35
C ILE F 501 17.13 -42.07 23.86
N LEU F 502 17.38 -42.04 25.17
CA LEU F 502 18.07 -40.94 25.83
C LEU F 502 19.39 -41.45 26.41
N SER F 503 20.45 -40.68 26.23
CA SER F 503 21.77 -41.02 26.76
C SER F 503 22.36 -39.80 27.46
N GLU F 504 23.18 -40.06 28.47
CA GLU F 504 23.83 -38.99 29.23
C GLU F 504 25.12 -38.59 28.50
N GLU F 505 24.94 -37.84 27.43
CA GLU F 505 26.03 -37.36 26.59
C GLU F 505 26.93 -38.49 26.10
CAA Y01 G . -4.32 41.94 -60.02
CBA Y01 G . -4.56 41.60 -61.49
CAB Y01 G . -5.32 42.73 -62.17
CAN Y01 G . -5.30 40.27 -61.66
CAJ Y01 G . -4.68 39.08 -60.94
CAO Y01 G . -5.42 37.78 -61.21
CBB Y01 G . -6.34 37.28 -60.08
CAC Y01 G . -7.68 37.99 -60.15
CBE Y01 G . -6.43 35.75 -60.11
CAP Y01 G . -5.02 35.10 -60.28
CAQ Y01 G . -5.00 33.79 -59.47
CBG Y01 G . -6.48 33.56 -59.17
CBI Y01 G . -7.03 34.97 -58.90
CAE Y01 G . -6.50 35.56 -57.59
CAU Y01 G . -8.55 34.83 -58.87
CAS Y01 G . -9.02 33.79 -57.86
CBF Y01 G . -8.39 32.42 -58.06
CBD Y01 G . -6.85 32.51 -58.14
CAK Y01 G . -6.27 31.15 -58.52
CAI Y01 G . -6.94 30.01 -57.86
CAZ Y01 G . -8.10 30.06 -57.21
CAV Y01 G . -8.67 28.83 -56.56
CBH Y01 G . -8.88 31.36 -57.04
CAD Y01 G . -8.71 31.85 -55.59
CAT Y01 G . -10.37 31.08 -57.33
CAR Y01 G . -10.94 29.87 -56.59
CBC Y01 G . -10.14 28.63 -56.95
OAW Y01 G . -10.71 27.53 -56.23
CAY Y01 G . -11.71 26.85 -56.79
OAG Y01 G . -12.01 26.93 -57.95
CAM Y01 G . -12.41 25.99 -55.76
CAL Y01 G . -13.12 26.78 -54.68
CAX Y01 G . -14.52 27.29 -55.07
OAH Y01 G . -15.39 26.42 -55.28
OAF Y01 G . -14.69 28.53 -55.17
C1 MC3 H . 6.27 32.76 -47.30
C2 MC3 H . 7.57 32.57 -48.09
C3 MC3 H . 7.39 31.87 -49.42
C11 MC3 H . 7.26 33.18 -51.38
C12 MC3 H . 7.97 34.29 -52.09
C13 MC3 H . 7.12 35.07 -53.08
C14 MC3 H . 7.84 36.32 -53.57
C15 MC3 H . 7.02 37.14 -54.55
C16 MC3 H . 7.74 38.41 -55.00
C17 MC3 H . 8.03 39.37 -53.87
C18 MC3 H . 9.10 40.40 -54.21
C19 MC3 H . 8.63 41.47 -55.18
C20 MC3 H . 9.72 42.48 -55.53
C31 MC3 H . 8.28 34.75 -47.42
O2 MC3 H . 8.21 33.82 -48.37
O3 MC3 H . 8.01 32.65 -50.43
O11 MC3 H . 6.14 32.79 -51.64
O1P MC3 H . 4.41 30.28 -45.16
O2P MC3 H . 3.83 32.71 -45.87
O3P MC3 H . 6.18 31.79 -46.28
O4P MC3 H . 5.57 32.26 -44.01
P MC3 H . 4.83 31.71 -45.38
CAA Y01 I . -8.66 49.15 -59.31
CBA Y01 I . -9.80 48.52 -60.11
CAB Y01 I . -10.82 49.59 -60.51
CAN Y01 I . -10.48 47.39 -59.36
CAJ Y01 I . -9.56 46.29 -58.86
CAO Y01 I . -10.31 45.16 -58.17
CBB Y01 I . -9.52 44.43 -57.07
CAC Y01 I . -9.60 45.22 -55.76
CBE Y01 I . -10.00 42.98 -56.96
CAP Y01 I . -10.19 42.33 -58.36
CAQ Y01 I . -9.76 40.85 -58.25
CBG Y01 I . -9.74 40.62 -56.74
CBI Y01 I . -9.16 41.93 -56.17
CAE Y01 I . -7.68 42.09 -56.50
CAU Y01 I . -9.38 41.86 -54.65
CAS Y01 I . -8.78 40.59 -54.05
CBF Y01 I . -9.28 39.29 -54.69
CBD Y01 I . -9.12 39.34 -56.21
CAK Y01 I . -9.78 38.13 -56.86
CAI Y01 I . -9.50 36.86 -56.11
CAZ Y01 I . -8.89 36.81 -54.93
CAV Y01 I . -8.58 35.45 -54.31
CBH Y01 I . -8.67 38.02 -54.05
CAD Y01 I . -7.17 38.17 -53.79
CAT Y01 I . -9.41 37.75 -52.72
CAR Y01 I . -9.03 36.43 -52.06
CBC Y01 I . -9.32 35.28 -52.99
OAW Y01 I . -8.87 34.07 -52.32
CAY Y01 I . -9.61 33.56 -51.35
OAG Y01 I . -10.80 33.75 -51.25
CAM Y01 I . -8.78 32.71 -50.42
CAL Y01 I . -7.86 33.51 -49.52
CAX Y01 I . -8.57 34.20 -48.34
OAH Y01 I . -9.04 33.45 -47.48
OAF Y01 I . -8.59 35.46 -48.33
CAA Y01 J . -1.63 64.04 -35.67
CBA Y01 J . -2.53 65.26 -35.54
CAB Y01 J . -1.76 66.53 -35.85
CAN Y01 J . -3.16 65.35 -34.14
CAJ Y01 J . -3.90 64.11 -33.68
CAO Y01 J . -4.57 64.30 -32.32
CBB Y01 J . -3.85 63.65 -31.12
CAC Y01 J . -2.75 64.58 -30.63
CBE Y01 J . -4.88 63.25 -30.05
CAP Y01 J . -6.10 62.52 -30.67
CAQ Y01 J . -6.57 61.46 -29.67
CBG Y01 J . -5.85 61.84 -28.40
CBI Y01 J . -4.47 62.32 -28.88
CAE Y01 J . -3.61 61.17 -29.39
CAU Y01 J . -3.82 63.01 -27.67
CAS Y01 J . -3.75 62.08 -26.44
CBF Y01 J . -5.11 61.52 -26.03
CBD Y01 J . -5.83 60.87 -27.23
CAK Y01 J . -7.26 60.48 -26.84
CAI Y01 J . -7.35 59.91 -25.46
CAZ Y01 J . -6.39 59.96 -24.54
CAV Y01 J . -6.60 59.31 -23.19
CBH Y01 J . -5.04 60.59 -24.80
CAD Y01 J . -3.99 59.48 -24.97
CAT Y01 J . -4.67 61.47 -23.58
CAR Y01 J . -4.83 60.77 -22.22
CBC Y01 J . -6.25 60.27 -22.06
OAW Y01 J . -6.33 59.62 -20.79
CAY Y01 J . -6.63 60.34 -19.70
OAG Y01 J . -7.04 61.48 -19.75
CAM Y01 J . -6.40 59.54 -18.44
CAL Y01 J . -4.94 59.20 -18.21
CAX Y01 J . -4.09 60.35 -17.66
OAH Y01 J . -4.40 60.76 -16.51
OAF Y01 J . -3.18 60.79 -18.38
C1 MC3 K . -6.17 45.69 -34.97
C2 MC3 K . -7.35 45.64 -35.93
C3 MC3 K . -8.45 46.62 -35.59
C11 MC3 K . -8.56 48.69 -36.72
C12 MC3 K . -8.52 49.26 -38.11
C13 MC3 K . -8.11 50.72 -38.18
C14 MC3 K . -7.87 51.15 -39.62
C15 MC3 K . -7.43 52.60 -39.75
C16 MC3 K . -7.15 53.01 -41.19
C17 MC3 K . -6.02 52.22 -41.84
C18 MC3 K . -6.02 52.28 -43.35
C19 MC3 K . -5.58 53.64 -43.90
C20 MC3 K . -5.60 53.71 -45.42
C31 MC3 K . -5.84 45.41 -37.76
O2 MC3 K . -6.96 45.94 -37.27
O3 MC3 K . -8.78 47.38 -36.74
O11 MC3 K . -8.42 49.32 -35.69
O1P MC3 K . -5.80 44.08 -31.57
O2P MC3 K . -4.24 45.68 -32.88
O3P MC3 K . -6.24 44.60 -34.07
O4P MC3 K . -4.40 43.18 -33.52
P MC3 K . -5.15 44.49 -32.86
CAA Y01 L . 5.85 67.78 -37.11
CBA Y01 L . 5.55 68.80 -36.02
CAB Y01 L . 6.57 69.94 -36.06
CAN Y01 L . 5.51 68.16 -34.63
CAJ Y01 L . 4.55 66.99 -34.49
CAO Y01 L . 4.52 66.43 -33.07
CBB Y01 L . 4.23 64.94 -32.96
CAC Y01 L . 5.52 64.14 -33.18
CBE Y01 L . 3.52 64.63 -31.62
CAP Y01 L . 2.41 65.67 -31.32
CAQ Y01 L . 1.25 64.93 -30.65
CBG Y01 L . 1.90 63.61 -30.22
CBI Y01 L . 2.82 63.26 -31.40
CAE Y01 L . 2.04 62.87 -32.65
CAU Y01 L . 3.71 62.11 -30.91
CAS Y01 L . 2.88 60.92 -30.39
CBF Y01 L . 1.88 61.30 -29.30
CBD Y01 L . 1.00 62.48 -29.74
CAK Y01 L . 0.14 62.96 -28.57
CAI Y01 L . -0.46 61.82 -27.80
CAZ Y01 L . -0.16 60.54 -27.99
CAV Y01 L . -0.88 59.48 -27.21
CBH Y01 L . 1.06 60.08 -28.78
CAD Y01 L . 0.59 59.18 -29.92
CAT Y01 L . 1.95 59.28 -27.82
CAR Y01 L . 1.23 58.15 -27.09
CBC Y01 L . 0.06 58.70 -26.30
OAW Y01 L . -0.61 57.57 -25.72
CAY Y01 L . -0.08 56.97 -24.65
OAG Y01 L . 0.69 57.52 -23.89
CAM Y01 L . -0.54 55.54 -24.53
CAL Y01 L . 0.05 54.62 -25.57
CAX Y01 L . 1.51 54.19 -25.30
OAH Y01 L . 1.69 53.48 -24.29
OAF Y01 L . 2.39 54.59 -26.09
CAA Y01 M . 23.52 48.16 -56.01
CBA Y01 M . 24.95 47.70 -56.26
CAB Y01 M . 25.22 47.57 -57.77
CAN Y01 M . 25.27 46.38 -55.56
CAJ Y01 M . 25.06 46.40 -54.05
CAO Y01 M . 25.48 45.09 -53.40
CBB Y01 M . 24.63 44.67 -52.17
CAC Y01 M . 23.36 43.98 -52.64
CBE Y01 M . 25.49 43.82 -51.21
CAP Y01 M . 26.91 44.43 -51.03
CAQ Y01 M . 27.32 44.21 -49.56
CBG Y01 M . 26.33 43.16 -49.09
CBI Y01 M . 25.00 43.56 -49.76
CAE Y01 M . 24.43 44.85 -49.16
CAU Y01 M . 24.05 42.38 -49.55
CAS Y01 M . 23.91 41.99 -48.07
CBF Y01 M . 25.25 41.70 -47.38
CBD Y01 M . 26.24 42.85 -47.60
CAK Y01 M . 27.62 42.46 -47.07
CAI Y01 M . 27.55 41.78 -45.75
CAZ Y01 M . 26.41 41.39 -45.16
CAV Y01 M . 26.46 40.78 -43.77
CBH Y01 M . 25.09 41.31 -45.89
CAD Y01 M . 24.07 42.20 -45.17
CAT Y01 M . 24.64 39.83 -45.83
CAR Y01 M . 24.60 39.24 -44.44
CBC Y01 M . 25.96 39.34 -43.79
OAW Y01 M . 25.84 38.83 -42.45
CAY Y01 M . 25.76 37.52 -42.25
OAG Y01 M . 26.19 36.70 -43.02
CAM Y01 M . 25.07 37.21 -40.94
CAL Y01 M . 23.58 37.49 -40.95
CAX Y01 M . 22.73 36.44 -41.69
OAH Y01 M . 22.72 35.30 -41.18
OAF Y01 M . 22.15 36.80 -42.73
CAA Y01 N . 25.37 49.47 -47.79
CBA Y01 N . 26.71 50.17 -47.92
CAB Y01 N . 27.04 50.45 -49.37
CAN Y01 N . 27.84 49.36 -47.26
CAJ Y01 N . 27.60 48.95 -45.81
CAO Y01 N . 28.79 48.23 -45.21
CBB Y01 N . 28.64 46.71 -45.09
CAC Y01 N . 29.01 46.04 -46.41
CBE Y01 N . 29.45 46.19 -43.88
CAP Y01 N . 29.20 47.08 -42.62
CAQ Y01 N . 29.24 46.15 -41.39
CBG Y01 N . 29.86 44.88 -41.94
CBI Y01 N . 29.25 44.75 -43.35
CAE Y01 N . 27.76 44.40 -43.31
CAU Y01 N . 30.05 43.64 -44.05
CAS Y01 N . 30.06 42.33 -43.27
CBF Y01 N . 30.55 42.48 -41.83
CBD Y01 N . 29.82 43.61 -41.10
CAK Y01 N . 30.45 43.86 -39.73
CAI Y01 N . 30.85 42.60 -39.02
CAZ Y01 N . 30.91 41.40 -39.59
CAV Y01 N . 31.31 40.20 -38.76
CBH Y01 N . 30.56 41.15 -41.05
CAD Y01 N . 29.19 40.45 -41.10
CAT Y01 N . 31.63 40.23 -41.66
CAR Y01 N . 31.96 38.99 -40.84
CBC Y01 N . 32.40 39.40 -39.45
OAW Y01 N . 32.68 38.19 -38.72
CAY Y01 N . 33.90 37.66 -38.79
OAG Y01 N . 34.85 38.23 -39.25
CAM Y01 N . 33.92 36.27 -38.20
CAL Y01 N . 33.11 35.27 -38.99
CAX Y01 N . 33.78 34.75 -40.27
OAH Y01 N . 34.82 34.09 -40.11
OAF Y01 N . 33.24 35.04 -41.36
C1 MC3 O . 15.40 45.52 -32.20
C2 MC3 O . 15.43 46.88 -31.49
C3 MC3 O . 16.82 47.43 -31.26
C11 MC3 O . 17.69 49.03 -32.77
C12 MC3 O . 17.31 50.33 -33.43
C13 MC3 O . 18.07 50.63 -34.70
C14 MC3 O . 17.47 51.83 -35.43
C15 MC3 O . 18.18 52.17 -36.74
C16 MC3 O . 17.56 53.34 -37.47
C17 MC3 O . 16.12 53.08 -37.89
C18 MC3 O . 15.34 54.36 -38.21
C19 MC3 O . 15.75 55.00 -39.53
C20 MC3 O . 14.99 56.29 -39.83
C31 MC3 O . 13.55 47.58 -32.77
O2 MC3 O . 14.72 47.88 -32.21
O3 MC3 O . 16.88 48.76 -31.75
O11 MC3 O . 18.60 48.31 -33.10
O1P MC3 O . 15.95 42.08 -30.79
O2P MC3 O . 15.58 42.89 -33.22
O3P MC3 O . 15.17 44.50 -31.27
O4P MC3 O . 13.59 42.73 -31.57
P MC3 O . 15.22 42.95 -31.77
CAA Y01 P . 12.36 -51.78 50.43
CBA Y01 P . 13.59 -52.63 50.75
CAB Y01 P . 13.68 -52.92 52.23
CAN Y01 P . 14.89 -51.96 50.26
CAJ Y01 P . 14.91 -51.55 48.80
CAO Y01 P . 16.25 -50.98 48.36
CBB Y01 P . 16.30 -49.45 48.23
CAC Y01 P . 16.57 -48.82 49.60
CBE Y01 P . 17.33 -49.05 47.15
CAP Y01 P . 17.15 -49.91 45.87
CAQ Y01 P . 17.46 -49.01 44.66
CBG Y01 P . 18.15 -47.81 45.30
CBI Y01 P . 17.38 -47.59 46.61
CAE Y01 P . 15.96 -47.07 46.37
CAU Y01 P . 18.20 -46.59 47.43
CAS Y01 P . 18.47 -45.30 46.65
CBF Y01 P . 19.14 -45.52 45.31
CBD Y01 P . 18.37 -46.56 44.46
CAK Y01 P . 19.16 -46.90 43.20
CAI Y01 P . 19.80 -45.71 42.56
CAZ Y01 P . 19.95 -44.52 43.14
CAV Y01 P . 20.61 -43.39 42.40
CBH Y01 P . 19.42 -44.20 44.54
CAD Y01 P . 18.15 -43.34 44.39
CAT Y01 P . 20.50 -43.42 45.31
CAR Y01 P . 21.09 -42.24 44.55
CBC Y01 P . 21.68 -42.71 43.24
OAW Y01 P . 22.22 -41.57 42.57
CAY Y01 P . 23.47 -41.19 42.83
OAG Y01 P . 24.28 -41.89 43.40
CAM Y01 P . 23.73 -39.79 42.34
CAL Y01 P . 22.92 -38.72 43.06
CAX Y01 P . 23.52 -38.26 44.40
OAH Y01 P . 24.60 -37.67 44.32
OAF Y01 P . 22.87 -38.51 45.44
C1 MC3 Q . 5.22 -46.78 33.66
C2 MC3 Q . 5.18 -48.13 32.94
C3 MC3 Q . 6.51 -48.84 32.90
C11 MC3 Q . 6.96 -50.53 34.49
C12 MC3 Q . 6.35 -51.77 35.08
C13 MC3 Q . 6.87 -52.14 36.46
C14 MC3 Q . 6.04 -53.25 37.09
C15 MC3 Q . 6.52 -53.67 38.47
C16 MC3 Q . 5.66 -54.75 39.10
C17 MC3 Q . 4.22 -54.32 39.33
C18 MC3 Q . 3.26 -55.49 39.53
C19 MC3 Q . 3.40 -56.16 40.88
C20 MC3 Q . 2.45 -57.35 41.07
C31 MC3 Q . 3.06 -48.59 33.94
O2 MC3 Q . 4.26 -49.03 33.56
O3 MC3 Q . 6.34 -50.17 33.39
O11 MC3 Q . 7.90 -49.92 34.96
O1P MC3 Q . 6.37 -43.44 32.36
O2P MC3 Q . 5.56 -44.18 34.72
O3P MC3 Q . 5.24 -45.74 32.71
O4P MC3 Q . 3.86 -43.78 32.80
P MC3 Q . 5.40 -44.20 33.22
CAA Y01 R . 9.58 -50.19 58.30
CBA Y01 R . 11.01 -49.90 58.74
CAB Y01 R . 11.09 -49.80 60.26
CAN Y01 R . 11.57 -48.62 58.10
CAJ Y01 R . 11.57 -48.62 56.57
CAO Y01 R . 12.22 -47.36 56.00
CBB Y01 R . 11.62 -46.86 54.68
CAC Y01 R . 10.38 -46.02 54.97
CBE Y01 R . 12.69 -46.13 53.86
CAP Y01 R . 14.05 -46.91 53.87
CAQ Y01 R . 14.68 -46.75 52.47
CBG Y01 R . 13.90 -45.59 51.88
CBI Y01 R . 12.46 -45.83 52.35
CAE Y01 R . 11.82 -47.05 51.67
CAU Y01 R . 11.69 -44.55 52.02
CAS Y01 R . 11.80 -44.16 50.54
CBF Y01 R . 13.25 -44.04 50.04
CBD Y01 R . 14.06 -45.29 50.39
CAK Y01 R . 15.54 -45.07 50.06
CAI Y01 R . 15.73 -44.39 48.75
CAZ Y01 R . 14.75 -43.89 48.01
CAV Y01 R . 15.07 -43.29 46.65
CBH Y01 R . 13.35 -43.64 48.55
CAD Y01 R . 12.35 -44.41 47.68
CAT Y01 R . 13.08 -42.12 48.44
CAR Y01 R . 13.31 -41.54 47.05
CBC Y01 R . 14.74 -41.80 46.61
OAW Y01 R . 14.85 -41.31 45.26
CAY Y01 R . 14.97 -40.00 45.05
OAG Y01 R . 15.36 -39.22 45.89
CAM Y01 R . 14.51 -39.62 43.67
CAL Y01 R . 13.01 -39.72 43.46
CAX Y01 R . 12.20 -38.58 44.09
OAH Y01 R . 12.37 -37.46 43.58
OAF Y01 R . 11.43 -38.86 45.03
CAA Y01 S . -17.58 -40.57 58.49
CBA Y01 S . -17.97 -40.19 59.92
CAB Y01 S . -18.95 -41.21 60.49
CAN Y01 S . -18.58 -38.79 59.99
CAJ Y01 S . -17.72 -37.68 59.38
CAO Y01 S . -18.35 -36.29 59.55
CBB Y01 S . -19.02 -35.71 58.30
CAC Y01 S . -20.44 -36.25 58.18
CBE Y01 S . -18.93 -34.18 58.33
CAP Y01 S . -17.49 -33.70 58.70
CAQ Y01 S . -17.20 -32.41 57.90
CBG Y01 S . -18.59 -32.01 57.41
CBI Y01 S . -19.26 -33.34 57.06
CAE Y01 S . -18.64 -34.00 55.83
CAU Y01 S . -20.75 -33.01 56.83
CAS Y01 S . -20.94 -31.94 55.76
CBF Y01 S . -20.18 -30.65 56.06
CBD Y01 S . -18.69 -30.92 56.35
CAK Y01 S . -18.00 -29.65 56.82
CAI Y01 S . -18.42 -28.44 56.06
CAZ Y01 S . -19.48 -28.36 55.26
CAV Y01 S . -19.81 -27.07 54.54
CBH Y01 S . -20.39 -29.55 54.98
CAD Y01 S . -20.10 -30.07 53.57
CAT Y01 S . -21.87 -29.08 55.07
CAR Y01 S . -22.17 -27.82 54.27
CBC Y01 S . -21.27 -26.70 54.72
OAW Y01 S . -21.60 -25.54 53.93
CAY Y01 S . -22.56 -24.72 54.34
OAG Y01 S . -23.05 -24.77 55.44
CAM Y01 S . -22.94 -23.74 53.26
CAL Y01 S . -23.59 -24.39 52.04
CAX Y01 S . -25.05 -24.80 52.24
OAH Y01 S . -25.86 -23.86 52.40
OAF Y01 S . -25.34 -26.01 52.21
C1 MC3 T . -4.30 -32.87 47.42
C2 MC3 T . -3.12 -32.83 48.38
C3 MC3 T . -3.40 -32.11 49.68
C11 MC3 T . -3.96 -33.37 51.60
C12 MC3 T . -3.48 -34.56 52.39
C13 MC3 T . -4.55 -35.21 53.23
C14 MC3 T . -4.07 -36.54 53.82
C15 MC3 T . -5.11 -37.25 54.67
C16 MC3 T . -4.62 -38.58 55.21
C17 MC3 T . -4.28 -39.59 54.12
C18 MC3 T . -3.39 -40.73 54.60
C19 MC3 T . -4.12 -41.73 55.47
C20 MC3 T . -3.23 -42.86 55.96
C31 MC3 T . -2.58 -35.08 47.80
O2 MC3 T . -2.67 -34.14 48.74
O3 MC3 T . -3.02 -32.95 50.76
O11 MC3 T . -5.04 -32.84 51.69
O1P MC3 T . -5.55 -30.20 45.06
O2P MC3 T . -6.51 -32.54 45.67
O3P MC3 T . -4.14 -31.90 46.41
O4P MC3 T . -4.47 -32.31 44.09
P MC3 T . -5.33 -31.67 45.33
CAA Y01 U . -22.68 -47.24 57.14
CBA Y01 U . -23.83 -46.47 57.77
CAB Y01 U . -25.03 -47.39 58.00
CAN Y01 U . -24.26 -45.26 56.93
CAJ Y01 U . -23.15 -44.28 56.61
CAO Y01 U . -23.66 -43.06 55.83
CBB Y01 U . -22.64 -42.45 54.85
CAC Y01 U . -22.65 -43.23 53.54
CBE Y01 U . -22.92 -40.94 54.68
CAP Y01 U . -23.21 -40.26 56.05
CAQ Y01 U . -22.59 -38.86 56.01
CBG Y01 U . -22.34 -38.65 54.53
CBI Y01 U . -21.87 -40.02 54.02
CAE Y01 U . -20.46 -40.36 54.55
CAU Y01 U . -21.87 -39.93 52.50
CAS Y01 U . -21.05 -38.76 51.97
CBF Y01 U . -21.46 -37.40 52.56
CBD Y01 U . -21.50 -37.46 54.09
CAK Y01 U . -22.08 -36.16 54.65
CAI Y01 U . -21.56 -34.95 53.95
CAZ Y01 U . -20.79 -34.98 52.86
CAV Y01 U . -20.24 -33.69 52.31
CBH Y01 U . -20.61 -36.22 52.01
CAD Y01 U . -19.12 -36.57 51.94
CAT Y01 U . -21.13 -35.88 50.60
CAR Y01 U . -20.52 -34.62 50.00
CBC Y01 U . -20.77 -33.43 50.90
OAW Y01 U . -20.09 -32.30 50.30
CAY Y01 U . -20.63 -31.70 49.24
OAG Y01 U . -21.81 -31.75 48.98
CAM Y01 U . -19.58 -30.99 48.43
CAL Y01 U . -18.65 -31.92 47.67
CAX Y01 U . -19.26 -32.53 46.40
OAH Y01 U . -19.51 -31.72 45.48
OAF Y01 U . -19.45 -33.76 46.37
CAA Y01 V . -7.54 -67.70 37.07
CBA Y01 V . -7.79 -68.65 35.91
CAB Y01 V . -6.96 -69.93 36.06
CAN Y01 V . -7.52 -68.00 34.55
CAJ Y01 V . -8.37 -66.77 34.24
CAO Y01 V . -8.12 -66.23 32.83
CBB Y01 V . -8.20 -64.70 32.70
CAC Y01 V . -6.86 -64.08 33.10
CBE Y01 V . -8.67 -64.32 31.28
CAP Y01 V . -9.84 -65.23 30.81
CAQ Y01 V . -10.80 -64.36 29.98
CBG Y01 V . -9.96 -63.13 29.68
CBI Y01 V . -9.17 -62.89 30.98
CAE Y01 V . -10.06 -62.39 32.12
CAU Y01 V . -8.09 -61.84 30.63
CAS Y01 V . -8.69 -60.58 30.02
CBF Y01 V . -9.57 -60.84 28.79
CBD Y01 V . -10.63 -61.91 29.09
CAK Y01 V . -11.37 -62.28 27.80
CAI Y01 V . -11.71 -61.09 26.97
CAZ Y01 V . -11.29 -59.86 27.21
CAV Y01 V . -11.78 -58.72 26.34
CBH Y01 V . -10.16 -59.55 28.17
CAD Y01 V . -10.68 -58.58 29.25
CAT Y01 V . -9.05 -58.86 27.35
CAR Y01 V . -9.51 -57.65 26.53
CBC Y01 V . -10.63 -58.06 25.58
OAW Y01 V . -11.06 -56.87 24.92
CAY Y01 V . -10.32 -56.35 23.95
OAG Y01 V . -9.52 -56.99 23.30
CAM Y01 V . -10.58 -54.87 23.79
CAL Y01 V . -10.04 -54.03 24.91
CAX Y01 V . -8.52 -53.78 24.85
OAH Y01 V . -8.11 -53.09 23.89
OAF Y01 V . -7.80 -54.27 25.75
CAA Y01 W . -14.24 -63.06 34.62
CBA Y01 W . -15.24 -64.16 34.34
CAB Y01 W . -14.68 -65.52 34.75
CAN Y01 W . -15.68 -64.21 32.87
CAJ Y01 W . -16.19 -62.88 32.32
CAO Y01 W . -16.69 -63.00 30.88
CBB Y01 W . -15.73 -62.46 29.80
CAC Y01 W . -14.69 -63.52 29.45
CBE Y01 W . -16.55 -61.95 28.60
CAP Y01 W . -17.74 -61.07 29.05
CAQ Y01 W . -17.93 -59.96 28.00
CBG Y01 W . -17.10 -60.45 26.83
CBI Y01 W . -15.86 -61.10 27.49
CAE Y01 W . -14.94 -60.05 28.13
CAU Y01 W . -15.14 -61.86 26.38
CAS Y01 W . -14.79 -60.97 25.19
CBF Y01 W . -16.01 -60.24 24.60
CBD Y01 W . -16.80 -59.50 25.68
CAK Y01 W . -18.09 -58.94 25.10
CAI Y01 W . -17.93 -58.37 23.73
CAZ Y01 W . -16.87 -58.55 22.96
CAV Y01 W . -16.81 -57.90 21.59
CBH Y01 W . -15.65 -59.35 23.39
CAD Y01 W . -14.50 -58.37 23.72
CAT Y01 W . -15.22 -60.27 22.22
CAR Y01 W . -15.10 -59.57 20.87
CBC Y01 W . -16.41 -58.92 20.52
OAW Y01 W . -16.23 -58.26 19.25
CAY Y01 W . -16.46 -58.95 18.12
OAG Y01 W . -17.00 -60.03 18.11
CAM Y01 W . -15.95 -58.21 16.92
CAL Y01 W . -14.44 -58.04 16.91
CAX Y01 W . -13.66 -59.30 16.46
OAH Y01 W . -13.85 -59.67 15.29
OAF Y01 W . -12.92 -59.85 17.30
C1 MC3 X . -16.40 -44.31 33.42
C2 MC3 X . -17.68 -44.12 34.20
C3 MC3 X . -18.84 -44.96 33.70
C11 MC3 X . -19.35 -47.00 34.79
C12 MC3 X . -19.58 -47.55 36.16
C13 MC3 X . -19.35 -49.05 36.28
C14 MC3 X . -19.37 -49.49 37.74
C15 MC3 X . -19.13 -50.99 37.91
C16 MC3 X . -19.12 -51.42 39.37
C17 MC3 X . -18.00 -50.77 40.18
C18 MC3 X . -18.23 -50.81 41.69
C19 MC3 X . -18.02 -52.20 42.28
C20 MC3 X . -18.27 -52.26 43.79
C31 MC3 X . -16.43 -44.06 36.23
O2 MC3 X . -17.53 -44.45 35.59
O3 MC3 X . -19.41 -45.67 34.79
O11 MC3 X . -19.14 -47.65 33.79
O1P MC3 X . -15.37 -42.80 30.12
O2P MC3 X . -14.20 -44.56 31.63
O3P MC3 X . -16.21 -43.24 32.54
O4P MC3 X . -14.15 -42.05 32.25
P MC3 X . -14.95 -43.27 31.49
#